data_6P9E
# 
_entry.id   6P9E 
# 
_audit_conform.dict_name       mmcif_pdbx.dic 
_audit_conform.dict_version    5.380 
_audit_conform.dict_location   http://mmcif.pdb.org/dictionaries/ascii/mmcif_pdbx.dic 
# 
loop_
_database_2.database_id 
_database_2.database_code 
_database_2.pdbx_database_accession 
_database_2.pdbx_DOI 
PDB   6P9E         pdb_00006p9e 10.2210/pdb6p9e/pdb 
WWPDB D_1000242106 ?            ?                   
# 
_pdbx_database_status.status_code                     REL 
_pdbx_database_status.status_code_sf                  REL 
_pdbx_database_status.status_code_mr                  ? 
_pdbx_database_status.entry_id                        6P9E 
_pdbx_database_status.recvd_initial_deposition_date   2019-06-10 
_pdbx_database_status.SG_entry                        N 
_pdbx_database_status.deposit_site                    RCSB 
_pdbx_database_status.process_site                    RCSB 
_pdbx_database_status.status_code_cs                  ? 
_pdbx_database_status.methods_development_category    ? 
_pdbx_database_status.pdb_format_compatible           Y 
_pdbx_database_status.status_code_nmr_data            ? 
# 
loop_
_audit_author.name 
_audit_author.pdbx_ordinal 
_audit_author.identifier_ORCID 
'Argiriadi, M.A.'      1  ? 
'Todorovic, T.'        2  ? 
'Su, Z.'               3  ? 
'Putman, B.'           4  ? 
'Kakavas, S.J.'        5  ? 
'Salte, K.M.'          6  ? 
'McDonald, H.A.'       7  ? 
'Wetter, J.B.'         8  ? 
'Paulsboe, S.E.'       9  ? 
'Sun, Q.'              10 ? 
'Gerstein, C.E.'       11 ? 
'Medina, L.'           12 ? 
'Sielaff, B.'          13 ? 
'Sadhukhan, R.'        14 ? 
'Stockmann, H.'        15 ? 
'Richardson, P.L.'     16 ? 
'Qiu, W.'              17 ? 
'Henry, R.F.'          18 ? 
'Herold, J.M.'         19 ? 
'Shotwell, J.B.'       20 ? 
'McGaraughty, S.P.'    21 ? 
'Honore, P.'           22 ? 
'Gopalakrishnan, S.M.' 23 ? 
'Sun, C.C.'            24 ? 
'Scott, V.E.'          25 ? 
# 
_citation.abstract                  ? 
_citation.abstract_id_CAS           ? 
_citation.book_id_ISBN              ? 
_citation.book_publisher            ? 
_citation.book_publisher_city       ? 
_citation.book_title                ? 
_citation.coordinate_linkage        ? 
_citation.country                   UK 
_citation.database_id_Medline       ? 
_citation.details                   ? 
_citation.id                        primary 
_citation.journal_abbrev            'Sci Rep' 
_citation.journal_id_ASTM           ? 
_citation.journal_id_CSD            ? 
_citation.journal_id_ISSN           2045-2322 
_citation.journal_full              ? 
_citation.journal_issue             ? 
_citation.journal_volume            9 
_citation.language                  ? 
_citation.page_first                9089 
_citation.page_last                 9089 
_citation.title                     'Small Molecule IL-36 gamma Antagonist as a Novel Therapeutic Approach for Plaque Psoriasis.' 
_citation.year                      2019 
_citation.database_id_CSD           ? 
_citation.pdbx_database_id_DOI      10.1038/s41598-019-45626-w 
_citation.pdbx_database_id_PubMed   31235749 
_citation.unpublished_flag          ? 
# 
loop_
_citation_author.citation_id 
_citation_author.name 
_citation_author.ordinal 
_citation_author.identifier_ORCID 
primary 'Todorovic, V.'        1  0000-0002-1428-6973 
primary 'Su, Z.'               2  ?                   
primary 'Putman, C.B.'         3  ?                   
primary 'Kakavas, S.J.'        4  ?                   
primary 'Salte, K.M.'          5  ?                   
primary 'McDonald, H.A.'       6  ?                   
primary 'Wetter, J.B.'         7  ?                   
primary 'Paulsboe, S.E.'       8  ?                   
primary 'Sun, Q.'              9  ?                   
primary 'Gerstein, C.E.'       10 ?                   
primary 'Medina, L.'           11 ?                   
primary 'Sielaff, B.'          12 ?                   
primary 'Sadhukhan, R.'        13 ?                   
primary 'Stockmann, H.'        14 0000-0002-2409-5476 
primary 'Richardson, P.L.'     15 0000-0001-5526-8168 
primary 'Qiu, W.'              16 ?                   
primary 'Argiriadi, M.A.'      17 ?                   
primary 'Henry, R.F.'          18 ?                   
primary 'Herold, J.M.'         19 ?                   
primary 'Shotwell, J.B.'       20 ?                   
primary 'McGaraughty, S.P.'    21 ?                   
primary 'Honore, P.'           22 ?                   
primary 'Gopalakrishnan, S.M.' 23 ?                   
primary 'Sun, C.C.'            24 ?                   
primary 'Scott, V.E.'          25 ?                   
# 
_cell.angle_alpha                  90.00 
_cell.angle_alpha_esd              ? 
_cell.angle_beta                   90.00 
_cell.angle_beta_esd               ? 
_cell.angle_gamma                  90.00 
_cell.angle_gamma_esd              ? 
_cell.entry_id                     6P9E 
_cell.details                      ? 
_cell.formula_units_Z              ? 
_cell.length_a                     96.420 
_cell.length_a_esd                 ? 
_cell.length_b                     96.420 
_cell.length_b_esd                 ? 
_cell.length_c                     96.420 
_cell.length_c_esd                 ? 
_cell.volume                       ? 
_cell.volume_esd                   ? 
_cell.Z_PDB                        24 
_cell.reciprocal_angle_alpha       ? 
_cell.reciprocal_angle_beta        ? 
_cell.reciprocal_angle_gamma       ? 
_cell.reciprocal_angle_alpha_esd   ? 
_cell.reciprocal_angle_beta_esd    ? 
_cell.reciprocal_angle_gamma_esd   ? 
_cell.reciprocal_length_a          ? 
_cell.reciprocal_length_b          ? 
_cell.reciprocal_length_c          ? 
_cell.reciprocal_length_a_esd      ? 
_cell.reciprocal_length_b_esd      ? 
_cell.reciprocal_length_c_esd      ? 
_cell.pdbx_unique_axis             ? 
# 
_symmetry.entry_id                         6P9E 
_symmetry.cell_setting                     ? 
_symmetry.Int_Tables_number                197 
_symmetry.space_group_name_Hall            ? 
_symmetry.space_group_name_H-M             'I 2 3' 
_symmetry.pdbx_full_space_group_name_H-M   ? 
# 
loop_
_entity.id 
_entity.type 
_entity.src_method 
_entity.pdbx_description 
_entity.formula_weight 
_entity.pdbx_number_of_molecules 
_entity.pdbx_ec 
_entity.pdbx_mutation 
_entity.pdbx_fragment 
_entity.details 
1 polymer     man 'Interleukin-36 gamma'                                                                                 17045.418 
1  ? ? ? ? 
2 non-polymer syn '(2S)-2-{[4-(3-amino-4-methylphenyl)-6-methylpyrimidin-2-yl]oxy}-3-methoxy-3,3-diphenylpropanoic acid' 469.532   
1  ? ? ? ? 
3 water       nat water                                                                                                  18.015    
53 ? ? ? ? 
# 
_entity_name_com.entity_id   1 
_entity_name_com.name        
;IL-1-related protein 2,IL-1RP2,Interleukin-1 epsilon,IL-1 epsilon,Interleukin-1 family member 9,IL-1F9,Interleukin-1 homolog 1,IL-1H1
;
# 
_entity_poly.entity_id                      1 
_entity_poly.type                           'polypeptide(L)' 
_entity_poly.nstd_linkage                   no 
_entity_poly.nstd_monomer                   no 
_entity_poly.pdbx_seq_one_letter_code       
;SMCKPITGTINDLNQQVWTLQGQNLVAVPRSDSVTPVTVAVITCKYPEALEQGRGDPIYLGIQNPEMCLYCEKVGEQPTL
QLKEQKIMDLYGQPEPVKPFLFYRAKTGRTSTLESVAFPDWFIASSKRDQPIILTSELGKSYNTAFELNIND
;
_entity_poly.pdbx_seq_one_letter_code_can   
;SMCKPITGTINDLNQQVWTLQGQNLVAVPRSDSVTPVTVAVITCKYPEALEQGRGDPIYLGIQNPEMCLYCEKVGEQPTL
QLKEQKIMDLYGQPEPVKPFLFYRAKTGRTSTLESVAFPDWFIASSKRDQPIILTSELGKSYNTAFELNIND
;
_entity_poly.pdbx_strand_id                 A 
_entity_poly.pdbx_target_identifier         ? 
# 
loop_
_entity_poly_seq.entity_id 
_entity_poly_seq.num 
_entity_poly_seq.mon_id 
_entity_poly_seq.hetero 
1 1   SER n 
1 2   MET n 
1 3   CYS n 
1 4   LYS n 
1 5   PRO n 
1 6   ILE n 
1 7   THR n 
1 8   GLY n 
1 9   THR n 
1 10  ILE n 
1 11  ASN n 
1 12  ASP n 
1 13  LEU n 
1 14  ASN n 
1 15  GLN n 
1 16  GLN n 
1 17  VAL n 
1 18  TRP n 
1 19  THR n 
1 20  LEU n 
1 21  GLN n 
1 22  GLY n 
1 23  GLN n 
1 24  ASN n 
1 25  LEU n 
1 26  VAL n 
1 27  ALA n 
1 28  VAL n 
1 29  PRO n 
1 30  ARG n 
1 31  SER n 
1 32  ASP n 
1 33  SER n 
1 34  VAL n 
1 35  THR n 
1 36  PRO n 
1 37  VAL n 
1 38  THR n 
1 39  VAL n 
1 40  ALA n 
1 41  VAL n 
1 42  ILE n 
1 43  THR n 
1 44  CYS n 
1 45  LYS n 
1 46  TYR n 
1 47  PRO n 
1 48  GLU n 
1 49  ALA n 
1 50  LEU n 
1 51  GLU n 
1 52  GLN n 
1 53  GLY n 
1 54  ARG n 
1 55  GLY n 
1 56  ASP n 
1 57  PRO n 
1 58  ILE n 
1 59  TYR n 
1 60  LEU n 
1 61  GLY n 
1 62  ILE n 
1 63  GLN n 
1 64  ASN n 
1 65  PRO n 
1 66  GLU n 
1 67  MET n 
1 68  CYS n 
1 69  LEU n 
1 70  TYR n 
1 71  CYS n 
1 72  GLU n 
1 73  LYS n 
1 74  VAL n 
1 75  GLY n 
1 76  GLU n 
1 77  GLN n 
1 78  PRO n 
1 79  THR n 
1 80  LEU n 
1 81  GLN n 
1 82  LEU n 
1 83  LYS n 
1 84  GLU n 
1 85  GLN n 
1 86  LYS n 
1 87  ILE n 
1 88  MET n 
1 89  ASP n 
1 90  LEU n 
1 91  TYR n 
1 92  GLY n 
1 93  GLN n 
1 94  PRO n 
1 95  GLU n 
1 96  PRO n 
1 97  VAL n 
1 98  LYS n 
1 99  PRO n 
1 100 PHE n 
1 101 LEU n 
1 102 PHE n 
1 103 TYR n 
1 104 ARG n 
1 105 ALA n 
1 106 LYS n 
1 107 THR n 
1 108 GLY n 
1 109 ARG n 
1 110 THR n 
1 111 SER n 
1 112 THR n 
1 113 LEU n 
1 114 GLU n 
1 115 SER n 
1 116 VAL n 
1 117 ALA n 
1 118 PHE n 
1 119 PRO n 
1 120 ASP n 
1 121 TRP n 
1 122 PHE n 
1 123 ILE n 
1 124 ALA n 
1 125 SER n 
1 126 SER n 
1 127 LYS n 
1 128 ARG n 
1 129 ASP n 
1 130 GLN n 
1 131 PRO n 
1 132 ILE n 
1 133 ILE n 
1 134 LEU n 
1 135 THR n 
1 136 SER n 
1 137 GLU n 
1 138 LEU n 
1 139 GLY n 
1 140 LYS n 
1 141 SER n 
1 142 TYR n 
1 143 ASN n 
1 144 THR n 
1 145 ALA n 
1 146 PHE n 
1 147 GLU n 
1 148 LEU n 
1 149 ASN n 
1 150 ILE n 
1 151 ASN n 
1 152 ASP n 
# 
_entity_src_gen.entity_id                          1 
_entity_src_gen.pdbx_src_id                        1 
_entity_src_gen.pdbx_alt_source_flag               sample 
_entity_src_gen.pdbx_seq_type                      'Biological sequence' 
_entity_src_gen.pdbx_beg_seq_num                   1 
_entity_src_gen.pdbx_end_seq_num                   152 
_entity_src_gen.gene_src_common_name               Human 
_entity_src_gen.gene_src_genus                     ? 
_entity_src_gen.pdbx_gene_src_gene                 'IL36G, IL1E, IL1F9, IL1H1, IL1RP2, UNQ2456/PRO5737' 
_entity_src_gen.gene_src_species                   ? 
_entity_src_gen.gene_src_strain                    ? 
_entity_src_gen.gene_src_tissue                    ? 
_entity_src_gen.gene_src_tissue_fraction           ? 
_entity_src_gen.gene_src_details                   ? 
_entity_src_gen.pdbx_gene_src_fragment             ? 
_entity_src_gen.pdbx_gene_src_scientific_name      'Homo sapiens' 
_entity_src_gen.pdbx_gene_src_ncbi_taxonomy_id     9606 
_entity_src_gen.pdbx_gene_src_variant              ? 
_entity_src_gen.pdbx_gene_src_cell_line            ? 
_entity_src_gen.pdbx_gene_src_atcc                 ? 
_entity_src_gen.pdbx_gene_src_organ                ? 
_entity_src_gen.pdbx_gene_src_organelle            ? 
_entity_src_gen.pdbx_gene_src_cell                 ? 
_entity_src_gen.pdbx_gene_src_cellular_location    ? 
_entity_src_gen.host_org_common_name               ? 
_entity_src_gen.pdbx_host_org_scientific_name      'Escherichia coli BL21(DE3)' 
_entity_src_gen.pdbx_host_org_ncbi_taxonomy_id     469008 
_entity_src_gen.host_org_genus                     ? 
_entity_src_gen.pdbx_host_org_gene                 ? 
_entity_src_gen.pdbx_host_org_organ                ? 
_entity_src_gen.host_org_species                   ? 
_entity_src_gen.pdbx_host_org_tissue               ? 
_entity_src_gen.pdbx_host_org_tissue_fraction      ? 
_entity_src_gen.pdbx_host_org_strain               'BL21(DE3)' 
_entity_src_gen.pdbx_host_org_variant              ? 
_entity_src_gen.pdbx_host_org_cell_line            ? 
_entity_src_gen.pdbx_host_org_atcc                 ? 
_entity_src_gen.pdbx_host_org_culture_collection   ? 
_entity_src_gen.pdbx_host_org_cell                 ? 
_entity_src_gen.pdbx_host_org_organelle            ? 
_entity_src_gen.pdbx_host_org_cellular_location    ? 
_entity_src_gen.pdbx_host_org_vector_type          ? 
_entity_src_gen.pdbx_host_org_vector               ? 
_entity_src_gen.host_org_details                   ? 
_entity_src_gen.expression_system_id               ? 
_entity_src_gen.plasmid_name                       ? 
_entity_src_gen.plasmid_details                    ? 
_entity_src_gen.pdbx_description                   ? 
# 
_struct_ref.id                         1 
_struct_ref.db_name                    UNP 
_struct_ref.db_code                    IL36G_HUMAN 
_struct_ref.pdbx_db_accession          Q9NZH8 
_struct_ref.pdbx_db_isoform            ? 
_struct_ref.entity_id                  1 
_struct_ref.pdbx_seq_one_letter_code   
;SMCKPITGTINDLNQQVWTLQGQNLVAVPRSDSVTPVTVAVITCKYPEALEQGRGDPIYLGIQNPEMCLYCEKVGEQPTL
QLKEQKIMDLYGQPEPVKPFLFYRAKTGRTSTLESVAFPDWFIASSKRDQPIILTSELGKSYNTAFELNIND
;
_struct_ref.pdbx_align_begin           18 
# 
_struct_ref_seq.align_id                      1 
_struct_ref_seq.ref_id                        1 
_struct_ref_seq.pdbx_PDB_id_code              6P9E 
_struct_ref_seq.pdbx_strand_id                A 
_struct_ref_seq.seq_align_beg                 1 
_struct_ref_seq.pdbx_seq_align_beg_ins_code   ? 
_struct_ref_seq.seq_align_end                 152 
_struct_ref_seq.pdbx_seq_align_end_ins_code   ? 
_struct_ref_seq.pdbx_db_accession             Q9NZH8 
_struct_ref_seq.db_align_beg                  18 
_struct_ref_seq.pdbx_db_align_beg_ins_code    ? 
_struct_ref_seq.db_align_end                  169 
_struct_ref_seq.pdbx_db_align_end_ins_code    ? 
_struct_ref_seq.pdbx_auth_seq_align_beg       18 
_struct_ref_seq.pdbx_auth_seq_align_end       169 
# 
loop_
_chem_comp.id 
_chem_comp.type 
_chem_comp.mon_nstd_flag 
_chem_comp.name 
_chem_comp.pdbx_synonyms 
_chem_comp.formula 
_chem_comp.formula_weight 
ALA 'L-peptide linking' y ALANINE                                                                                                ? 
'C3 H7 N O2'     89.093  
ARG 'L-peptide linking' y ARGININE                                                                                               ? 
'C6 H15 N4 O2 1' 175.209 
ASN 'L-peptide linking' y ASPARAGINE                                                                                             ? 
'C4 H8 N2 O3'    132.118 
ASP 'L-peptide linking' y 'ASPARTIC ACID'                                                                                        ? 
'C4 H7 N O4'     133.103 
CYS 'L-peptide linking' y CYSTEINE                                                                                               ? 
'C3 H7 N O2 S'   121.158 
GLN 'L-peptide linking' y GLUTAMINE                                                                                              ? 
'C5 H10 N2 O3'   146.144 
GLU 'L-peptide linking' y 'GLUTAMIC ACID'                                                                                        ? 
'C5 H9 N O4'     147.129 
GLY 'peptide linking'   y GLYCINE                                                                                                ? 
'C2 H5 N O2'     75.067  
HOH non-polymer         . WATER                                                                                                  ? 
'H2 O'           18.015  
ILE 'L-peptide linking' y ISOLEUCINE                                                                                             ? 
'C6 H13 N O2'    131.173 
LEU 'L-peptide linking' y LEUCINE                                                                                                ? 
'C6 H13 N O2'    131.173 
LYS 'L-peptide linking' y LYSINE                                                                                                 ? 
'C6 H15 N2 O2 1' 147.195 
MET 'L-peptide linking' y METHIONINE                                                                                             ? 
'C5 H11 N O2 S'  149.211 
O6D non-polymer         . '(2S)-2-{[4-(3-amino-4-methylphenyl)-6-methylpyrimidin-2-yl]oxy}-3-methoxy-3,3-diphenylpropanoic acid' ? 
'C28 H27 N3 O4'  469.532 
PHE 'L-peptide linking' y PHENYLALANINE                                                                                          ? 
'C9 H11 N O2'    165.189 
PRO 'L-peptide linking' y PROLINE                                                                                                ? 
'C5 H9 N O2'     115.130 
SER 'L-peptide linking' y SERINE                                                                                                 ? 
'C3 H7 N O3'     105.093 
THR 'L-peptide linking' y THREONINE                                                                                              ? 
'C4 H9 N O3'     119.119 
TRP 'L-peptide linking' y TRYPTOPHAN                                                                                             ? 
'C11 H12 N2 O2'  204.225 
TYR 'L-peptide linking' y TYROSINE                                                                                               ? 
'C9 H11 N O3'    181.189 
VAL 'L-peptide linking' y VALINE                                                                                                 ? 
'C5 H11 N O2'    117.146 
# 
_exptl.absorpt_coefficient_mu     ? 
_exptl.absorpt_correction_T_max   ? 
_exptl.absorpt_correction_T_min   ? 
_exptl.absorpt_correction_type    ? 
_exptl.absorpt_process_details    ? 
_exptl.entry_id                   6P9E 
_exptl.crystals_number            1 
_exptl.details                    ? 
_exptl.method                     'X-RAY DIFFRACTION' 
_exptl.method_details             ? 
# 
_exptl_crystal.colour                      ? 
_exptl_crystal.density_diffrn              ? 
_exptl_crystal.density_Matthews            2.19 
_exptl_crystal.density_method              ? 
_exptl_crystal.density_percent_sol         43.87 
_exptl_crystal.description                 ? 
_exptl_crystal.F_000                       ? 
_exptl_crystal.id                          1 
_exptl_crystal.preparation                 ? 
_exptl_crystal.size_max                    ? 
_exptl_crystal.size_mid                    ? 
_exptl_crystal.size_min                    ? 
_exptl_crystal.size_rad                    ? 
_exptl_crystal.colour_lustre               ? 
_exptl_crystal.colour_modifier             ? 
_exptl_crystal.colour_primary              ? 
_exptl_crystal.density_meas                ? 
_exptl_crystal.density_meas_esd            ? 
_exptl_crystal.density_meas_gt             ? 
_exptl_crystal.density_meas_lt             ? 
_exptl_crystal.density_meas_temp           ? 
_exptl_crystal.density_meas_temp_esd       ? 
_exptl_crystal.density_meas_temp_gt        ? 
_exptl_crystal.density_meas_temp_lt        ? 
_exptl_crystal.pdbx_crystal_image_url      ? 
_exptl_crystal.pdbx_crystal_image_format   ? 
_exptl_crystal.pdbx_mosaicity              ? 
_exptl_crystal.pdbx_mosaicity_esd          ? 
# 
_exptl_crystal_grow.apparatus       ? 
_exptl_crystal_grow.atmosphere      ? 
_exptl_crystal_grow.crystal_id      1 
_exptl_crystal_grow.details         ? 
_exptl_crystal_grow.method          'VAPOR DIFFUSION, SITTING DROP' 
_exptl_crystal_grow.method_ref      ? 
_exptl_crystal_grow.pH              3.5 
_exptl_crystal_grow.pressure        ? 
_exptl_crystal_grow.pressure_esd    ? 
_exptl_crystal_grow.seeding         ? 
_exptl_crystal_grow.seeding_ref     ? 
_exptl_crystal_grow.temp            296.15 
_exptl_crystal_grow.temp_details    ? 
_exptl_crystal_grow.temp_esd        ? 
_exptl_crystal_grow.time            ? 
_exptl_crystal_grow.pdbx_details    '3 M NaCl, 0.1 M Na3 Citrate, pH 3.5' 
_exptl_crystal_grow.pdbx_pH_range   ? 
# 
_diffrn.ambient_environment              ? 
_diffrn.ambient_temp                     100 
_diffrn.ambient_temp_details             ? 
_diffrn.ambient_temp_esd                 ? 
_diffrn.crystal_id                       1 
_diffrn.crystal_support                  ? 
_diffrn.crystal_treatment                ? 
_diffrn.details                          ? 
_diffrn.id                               1 
_diffrn.ambient_pressure                 ? 
_diffrn.ambient_pressure_esd             ? 
_diffrn.ambient_pressure_gt              ? 
_diffrn.ambient_pressure_lt              ? 
_diffrn.ambient_temp_gt                  ? 
_diffrn.ambient_temp_lt                  ? 
_diffrn.pdbx_serial_crystal_experiment   N 
# 
_diffrn_detector.details                      ? 
_diffrn_detector.detector                     PIXEL 
_diffrn_detector.diffrn_id                    1 
_diffrn_detector.type                         'DECTRIS PILATUS3 6M' 
_diffrn_detector.area_resol_mean              ? 
_diffrn_detector.dtime                        ? 
_diffrn_detector.pdbx_frames_total            ? 
_diffrn_detector.pdbx_collection_time_total   ? 
_diffrn_detector.pdbx_collection_date         2018-06-06 
_diffrn_detector.pdbx_frequency               ? 
# 
_diffrn_radiation.collimation                      ? 
_diffrn_radiation.diffrn_id                        1 
_diffrn_radiation.filter_edge                      ? 
_diffrn_radiation.inhomogeneity                    ? 
_diffrn_radiation.monochromator                    ? 
_diffrn_radiation.polarisn_norm                    ? 
_diffrn_radiation.polarisn_ratio                   ? 
_diffrn_radiation.probe                            ? 
_diffrn_radiation.type                             ? 
_diffrn_radiation.xray_symbol                      ? 
_diffrn_radiation.wavelength_id                    1 
_diffrn_radiation.pdbx_monochromatic_or_laue_m_l   M 
_diffrn_radiation.pdbx_wavelength_list             ? 
_diffrn_radiation.pdbx_wavelength                  ? 
_diffrn_radiation.pdbx_diffrn_protocol             'SINGLE WAVELENGTH' 
_diffrn_radiation.pdbx_analyzer                    ? 
_diffrn_radiation.pdbx_scattering_type             x-ray 
# 
_diffrn_radiation_wavelength.id           1 
_diffrn_radiation_wavelength.wavelength   1.0 
_diffrn_radiation_wavelength.wt           1.0 
# 
_diffrn_source.current                     ? 
_diffrn_source.details                     ? 
_diffrn_source.diffrn_id                   1 
_diffrn_source.power                       ? 
_diffrn_source.size                        ? 
_diffrn_source.source                      SYNCHROTRON 
_diffrn_source.target                      ? 
_diffrn_source.type                        'APS BEAMLINE 17-ID' 
_diffrn_source.voltage                     ? 
_diffrn_source.take-off_angle              ? 
_diffrn_source.pdbx_wavelength_list        1.0 
_diffrn_source.pdbx_wavelength             ? 
_diffrn_source.pdbx_synchrotron_beamline   17-ID 
_diffrn_source.pdbx_synchrotron_site       APS 
# 
_reflns.B_iso_Wilson_estimate            39.41 
_reflns.entry_id                         6P9E 
_reflns.data_reduction_details           ? 
_reflns.data_reduction_method            ? 
_reflns.d_resolution_high                2.00 
_reflns.d_resolution_low                 39.4 
_reflns.details                          ? 
_reflns.limit_h_max                      ? 
_reflns.limit_h_min                      ? 
_reflns.limit_k_max                      ? 
_reflns.limit_k_min                      ? 
_reflns.limit_l_max                      ? 
_reflns.limit_l_min                      ? 
_reflns.number_all                       ? 
_reflns.number_obs                       9984 
_reflns.observed_criterion               ? 
_reflns.observed_criterion_F_max         ? 
_reflns.observed_criterion_F_min         ? 
_reflns.observed_criterion_I_max         ? 
_reflns.observed_criterion_I_min         ? 
_reflns.observed_criterion_sigma_F       ? 
_reflns.observed_criterion_sigma_I       ? 
_reflns.percent_possible_obs             100 
_reflns.R_free_details                   ? 
_reflns.Rmerge_F_all                     ? 
_reflns.Rmerge_F_obs                     ? 
_reflns.Friedel_coverage                 ? 
_reflns.number_gt                        ? 
_reflns.threshold_expression             ? 
_reflns.pdbx_redundancy                  18.4 
_reflns.pdbx_Rmerge_I_obs                0.065 
_reflns.pdbx_Rmerge_I_all                ? 
_reflns.pdbx_Rsym_value                  ? 
_reflns.pdbx_netI_over_av_sigmaI         ? 
_reflns.pdbx_netI_over_sigmaI            28.8 
_reflns.pdbx_res_netI_over_av_sigmaI_2   ? 
_reflns.pdbx_res_netI_over_sigmaI_2      ? 
_reflns.pdbx_chi_squared                 ? 
_reflns.pdbx_scaling_rejects             ? 
_reflns.pdbx_d_res_high_opt              ? 
_reflns.pdbx_d_res_low_opt               ? 
_reflns.pdbx_d_res_opt_method            ? 
_reflns.phase_calculation_details        ? 
_reflns.pdbx_Rrim_I_all                  ? 
_reflns.pdbx_Rpim_I_all                  ? 
_reflns.pdbx_d_opt                       ? 
_reflns.pdbx_number_measured_all         ? 
_reflns.pdbx_diffrn_id                   1 
_reflns.pdbx_ordinal                     1 
_reflns.pdbx_CC_half                     ? 
_reflns.pdbx_R_split                     ? 
# 
_reflns_shell.d_res_high                  2.00 
_reflns_shell.d_res_low                   2.04 
_reflns_shell.meanI_over_sigI_all         ? 
_reflns_shell.meanI_over_sigI_obs         ? 
_reflns_shell.number_measured_all         ? 
_reflns_shell.number_measured_obs         ? 
_reflns_shell.number_possible             ? 
_reflns_shell.number_unique_all           ? 
_reflns_shell.number_unique_obs           533 
_reflns_shell.percent_possible_all        ? 
_reflns_shell.percent_possible_obs        ? 
_reflns_shell.Rmerge_F_all                ? 
_reflns_shell.Rmerge_F_obs                ? 
_reflns_shell.Rmerge_I_all                ? 
_reflns_shell.Rmerge_I_obs                0.57 
_reflns_shell.meanI_over_sigI_gt          ? 
_reflns_shell.meanI_over_uI_all           ? 
_reflns_shell.meanI_over_uI_gt            ? 
_reflns_shell.number_measured_gt          ? 
_reflns_shell.number_unique_gt            ? 
_reflns_shell.percent_possible_gt         ? 
_reflns_shell.Rmerge_F_gt                 ? 
_reflns_shell.Rmerge_I_gt                 ? 
_reflns_shell.pdbx_redundancy             ? 
_reflns_shell.pdbx_Rsym_value             ? 
_reflns_shell.pdbx_chi_squared            ? 
_reflns_shell.pdbx_netI_over_sigmaI_all   ? 
_reflns_shell.pdbx_netI_over_sigmaI_obs   ? 
_reflns_shell.pdbx_Rrim_I_all             ? 
_reflns_shell.pdbx_Rpim_I_all             ? 
_reflns_shell.pdbx_rejects                ? 
_reflns_shell.pdbx_ordinal                1 
_reflns_shell.pdbx_diffrn_id              1 
_reflns_shell.pdbx_CC_half                ? 
_reflns_shell.pdbx_R_split                ? 
# 
_refine.aniso_B[1][1]                            0.00000 
_refine.aniso_B[1][2]                            0.00000 
_refine.aniso_B[1][3]                            0.00000 
_refine.aniso_B[2][2]                            0.00000 
_refine.aniso_B[2][3]                            0.00000 
_refine.aniso_B[3][3]                            0.00000 
_refine.B_iso_max                                ? 
_refine.B_iso_mean                               44.07 
_refine.B_iso_min                                ? 
_refine.correlation_coeff_Fo_to_Fc               0.945 
_refine.correlation_coeff_Fo_to_Fc_free          0.938 
_refine.details                                  ? 
_refine.diff_density_max                         ? 
_refine.diff_density_max_esd                     ? 
_refine.diff_density_min                         ? 
_refine.diff_density_min_esd                     ? 
_refine.diff_density_rms                         ? 
_refine.diff_density_rms_esd                     ? 
_refine.entry_id                                 6P9E 
_refine.pdbx_refine_id                           'X-RAY DIFFRACTION' 
_refine.ls_abs_structure_details                 ? 
_refine.ls_abs_structure_Flack                   ? 
_refine.ls_abs_structure_Flack_esd               ? 
_refine.ls_abs_structure_Rogers                  ? 
_refine.ls_abs_structure_Rogers_esd              ? 
_refine.ls_d_res_high                            2.00 
_refine.ls_d_res_low                             30.49 
_refine.ls_extinction_coef                       ? 
_refine.ls_extinction_coef_esd                   ? 
_refine.ls_extinction_expression                 ? 
_refine.ls_extinction_method                     ? 
_refine.ls_goodness_of_fit_all                   ? 
_refine.ls_goodness_of_fit_all_esd               ? 
_refine.ls_goodness_of_fit_obs                   ? 
_refine.ls_goodness_of_fit_obs_esd               ? 
_refine.ls_hydrogen_treatment                    ? 
_refine.ls_matrix_type                           ? 
_refine.ls_number_constraints                    ? 
_refine.ls_number_parameters                     ? 
_refine.ls_number_reflns_all                     ? 
_refine.ls_number_reflns_obs                     9982 
_refine.ls_number_reflns_R_free                  497 
_refine.ls_number_reflns_R_work                  ? 
_refine.ls_number_restraints                     ? 
_refine.ls_percent_reflns_obs                    97.5 
_refine.ls_percent_reflns_R_free                 4.980 
_refine.ls_R_factor_all                          ? 
_refine.ls_R_factor_obs                          0.217 
_refine.ls_R_factor_R_free                       0.242 
_refine.ls_R_factor_R_free_error                 ? 
_refine.ls_R_factor_R_free_error_details         ? 
_refine.ls_R_factor_R_work                       0.216 
_refine.ls_R_Fsqd_factor_obs                     ? 
_refine.ls_R_I_factor_obs                        ? 
_refine.ls_redundancy_reflns_all                 ? 
_refine.ls_redundancy_reflns_obs                 ? 
_refine.ls_restrained_S_all                      ? 
_refine.ls_restrained_S_obs                      ? 
_refine.ls_shift_over_esd_max                    ? 
_refine.ls_shift_over_esd_mean                   ? 
_refine.ls_structure_factor_coef                 ? 
_refine.ls_weighting_details                     ? 
_refine.ls_weighting_scheme                      ? 
_refine.ls_wR_factor_all                         ? 
_refine.ls_wR_factor_obs                         ? 
_refine.ls_wR_factor_R_free                      ? 
_refine.ls_wR_factor_R_work                      ? 
_refine.occupancy_max                            ? 
_refine.occupancy_min                            ? 
_refine.solvent_model_details                    ? 
_refine.solvent_model_param_bsol                 ? 
_refine.solvent_model_param_ksol                 ? 
_refine.ls_R_factor_gt                           ? 
_refine.ls_goodness_of_fit_gt                    ? 
_refine.ls_goodness_of_fit_ref                   ? 
_refine.ls_shift_over_su_max                     ? 
_refine.ls_shift_over_su_max_lt                  ? 
_refine.ls_shift_over_su_mean                    ? 
_refine.ls_shift_over_su_mean_lt                 ? 
_refine.pdbx_ls_sigma_I                          ? 
_refine.pdbx_ls_sigma_F                          0.000 
_refine.pdbx_ls_sigma_Fsqd                       ? 
_refine.pdbx_data_cutoff_high_absF               ? 
_refine.pdbx_data_cutoff_high_rms_absF           ? 
_refine.pdbx_data_cutoff_low_absF                ? 
_refine.pdbx_isotropic_thermal_model             ? 
_refine.pdbx_ls_cross_valid_method               THROUGHOUT 
_refine.pdbx_method_to_determine_struct          'MOLECULAR REPLACEMENT' 
_refine.pdbx_starting_model                      4IZE 
_refine.pdbx_stereochemistry_target_values       ? 
_refine.pdbx_R_Free_selection_details            RANDOM 
_refine.pdbx_stereochem_target_val_spec_case     ? 
_refine.pdbx_overall_ESU_R                       ? 
_refine.pdbx_overall_ESU_R_Free                  ? 
_refine.pdbx_solvent_vdw_probe_radii             ? 
_refine.pdbx_solvent_ion_probe_radii             ? 
_refine.pdbx_solvent_shrinkage_radii             ? 
_refine.pdbx_real_space_R                        ? 
_refine.pdbx_density_correlation                 ? 
_refine.pdbx_pd_number_of_powder_patterns        ? 
_refine.pdbx_pd_number_of_points                 ? 
_refine.pdbx_pd_meas_number_of_points            ? 
_refine.pdbx_pd_proc_ls_prof_R_factor            ? 
_refine.pdbx_pd_proc_ls_prof_wR_factor           ? 
_refine.pdbx_pd_Marquardt_correlation_coeff      ? 
_refine.pdbx_pd_Fsqrd_R_factor                   ? 
_refine.pdbx_pd_ls_matrix_band_width             ? 
_refine.pdbx_overall_phase_error                 ? 
_refine.pdbx_overall_SU_R_free_Cruickshank_DPI   0.171 
_refine.pdbx_overall_SU_R_free_Blow_DPI          0.170 
_refine.pdbx_overall_SU_R_Blow_DPI               0.216 
_refine.pdbx_TLS_residual_ADP_flag               ? 
_refine.pdbx_diffrn_id                           1 
_refine.overall_SU_B                             ? 
_refine.overall_SU_ML                            ? 
_refine.overall_SU_R_Cruickshank_DPI             0.214 
_refine.overall_SU_R_free                        ? 
_refine.overall_FOM_free_R_set                   ? 
_refine.overall_FOM_work_R_set                   ? 
_refine.pdbx_average_fsc_overall                 ? 
_refine.pdbx_average_fsc_work                    ? 
_refine.pdbx_average_fsc_free                    ? 
# 
_refine_analyze.entry_id                        6P9E 
_refine_analyze.pdbx_refine_id                  'X-RAY DIFFRACTION' 
_refine_analyze.Luzzati_coordinate_error_free   ? 
_refine_analyze.Luzzati_coordinate_error_obs    0.31 
_refine_analyze.Luzzati_d_res_low_free          ? 
_refine_analyze.Luzzati_d_res_low_obs           ? 
_refine_analyze.Luzzati_sigma_a_free            ? 
_refine_analyze.Luzzati_sigma_a_free_details    ? 
_refine_analyze.Luzzati_sigma_a_obs             ? 
_refine_analyze.Luzzati_sigma_a_obs_details     ? 
_refine_analyze.number_disordered_residues      ? 
_refine_analyze.occupancy_sum_hydrogen          ? 
_refine_analyze.occupancy_sum_non_hydrogen      ? 
_refine_analyze.RG_d_res_high                   ? 
_refine_analyze.RG_d_res_low                    ? 
_refine_analyze.RG_free                         ? 
_refine_analyze.RG_work                         ? 
_refine_analyze.RG_free_work_ratio              ? 
_refine_analyze.pdbx_Luzzati_d_res_high_obs     ? 
# 
_refine_hist.pdbx_refine_id                   'X-RAY DIFFRACTION' 
_refine_hist.cycle_id                         1 
_refine_hist.details                          ? 
_refine_hist.d_res_high                       2.00 
_refine_hist.d_res_low                        30.49 
_refine_hist.number_atoms_solvent             53 
_refine_hist.number_atoms_total               1224 
_refine_hist.number_reflns_all                ? 
_refine_hist.number_reflns_obs                ? 
_refine_hist.number_reflns_R_free             ? 
_refine_hist.number_reflns_R_work             ? 
_refine_hist.R_factor_all                     ? 
_refine_hist.R_factor_obs                     ? 
_refine_hist.R_factor_R_free                  ? 
_refine_hist.R_factor_R_work                  ? 
_refine_hist.pdbx_number_residues_total       ? 
_refine_hist.pdbx_B_iso_mean_ligand           ? 
_refine_hist.pdbx_B_iso_mean_solvent          ? 
_refine_hist.pdbx_number_atoms_protein        1136 
_refine_hist.pdbx_number_atoms_nucleic_acid   0 
_refine_hist.pdbx_number_atoms_ligand         35 
_refine_hist.pdbx_number_atoms_lipid          ? 
_refine_hist.pdbx_number_atoms_carb           ? 
_refine_hist.pdbx_pseudo_atom_details         ? 
# 
loop_
_refine_ls_restr.pdbx_refine_id 
_refine_ls_restr.criterion 
_refine_ls_restr.dev_ideal 
_refine_ls_restr.dev_ideal_target 
_refine_ls_restr.number 
_refine_ls_restr.rejects 
_refine_ls_restr.type 
_refine_ls_restr.weight 
_refine_ls_restr.pdbx_restraint_function 
'X-RAY DIFFRACTION' ? 0.010 ? 1205 ? t_bond_d                  2.00  HARMONIC     
'X-RAY DIFFRACTION' ? 1.17  ? 1651 ? t_angle_deg               2.00  HARMONIC     
'X-RAY DIFFRACTION' ? ?     ? 392  ? t_dihedral_angle_d        2.00  SINUSOIDAL   
'X-RAY DIFFRACTION' ? ?     ? ?    ? t_incorr_chiral_ct        ?     ?            
'X-RAY DIFFRACTION' ? ?     ? ?    ? t_pseud_angle             ?     ?            
'X-RAY DIFFRACTION' ? ?     ? ?    ? t_trig_c_planes           ?     ?            
'X-RAY DIFFRACTION' ? ?     ? 229  ? t_gen_planes              5.00  HARMONIC     
'X-RAY DIFFRACTION' ? ?     ? 1205 ? t_it                      20.00 HARMONIC     
'X-RAY DIFFRACTION' ? ?     ? ?    ? t_nbd                     ?     ?            
'X-RAY DIFFRACTION' ? 3.80  ? ?    ? t_omega_torsion           ?     ?            
'X-RAY DIFFRACTION' ? 19.09 ? ?    ? t_other_torsion           ?     ?            
'X-RAY DIFFRACTION' ? ?     ? ?    ? t_improper_torsion        ?     ?            
'X-RAY DIFFRACTION' ? ?     ? 163  ? t_chiral_improper_torsion 5.00  SEMIHARMONIC 
'X-RAY DIFFRACTION' ? ?     ? ?    ? t_sum_occupancies         ?     ?            
'X-RAY DIFFRACTION' ? ?     ? ?    ? t_utility_distance        ?     ?            
'X-RAY DIFFRACTION' ? ?     ? ?    ? t_utility_angle           ?     ?            
'X-RAY DIFFRACTION' ? ?     ? ?    ? t_utility_torsion         ?     ?            
'X-RAY DIFFRACTION' ? ?     ? 1381 ? t_ideal_dist_contact      4.00  SEMIHARMONIC 
# 
_refine_ls_shell.pdbx_refine_id                   'X-RAY DIFFRACTION' 
_refine_ls_shell.d_res_high                       2.00 
_refine_ls_shell.d_res_low                        2.24 
_refine_ls_shell.number_reflns_all                2666 
_refine_ls_shell.number_reflns_obs                ? 
_refine_ls_shell.number_reflns_R_free             129 
_refine_ls_shell.number_reflns_R_work             2537 
_refine_ls_shell.percent_reflns_obs               93.17 
_refine_ls_shell.percent_reflns_R_free            4.84 
_refine_ls_shell.R_factor_all                     0.2473 
_refine_ls_shell.R_factor_obs                     ? 
_refine_ls_shell.R_factor_R_free                  0.3371 
_refine_ls_shell.R_factor_R_free_error            ? 
_refine_ls_shell.R_factor_R_work                  0.2429 
_refine_ls_shell.redundancy_reflns_all            ? 
_refine_ls_shell.redundancy_reflns_obs            ? 
_refine_ls_shell.wR_factor_all                    ? 
_refine_ls_shell.wR_factor_obs                    ? 
_refine_ls_shell.wR_factor_R_free                 ? 
_refine_ls_shell.wR_factor_R_work                 ? 
_refine_ls_shell.pdbx_total_number_of_bins_used   5 
_refine_ls_shell.pdbx_phase_error                 ? 
_refine_ls_shell.pdbx_fsc_work                    ? 
_refine_ls_shell.pdbx_fsc_free                    ? 
# 
_struct.entry_id                     6P9E 
_struct.title                        'Crystal structure of IL-36gamma complexed to A-552' 
_struct.pdbx_model_details           ? 
_struct.pdbx_formula_weight          ? 
_struct.pdbx_formula_weight_method   ? 
_struct.pdbx_model_type_details      ? 
_struct.pdbx_CASP_flag               N 
# 
_struct_keywords.entry_id        6P9E 
_struct_keywords.text            'IL-36, small molecule antagonist, CYTOKINE' 
_struct_keywords.pdbx_keywords   CYTOKINE 
# 
loop_
_struct_asym.id 
_struct_asym.pdbx_blank_PDB_chainid_flag 
_struct_asym.pdbx_modified 
_struct_asym.entity_id 
_struct_asym.details 
A N N 1 ? 
B N N 2 ? 
C N N 3 ? 
# 
loop_
_struct_conf.conf_type_id 
_struct_conf.id 
_struct_conf.pdbx_PDB_helix_id 
_struct_conf.beg_label_comp_id 
_struct_conf.beg_label_asym_id 
_struct_conf.beg_label_seq_id 
_struct_conf.pdbx_beg_PDB_ins_code 
_struct_conf.end_label_comp_id 
_struct_conf.end_label_asym_id 
_struct_conf.end_label_seq_id 
_struct_conf.pdbx_end_PDB_ins_code 
_struct_conf.beg_auth_comp_id 
_struct_conf.beg_auth_asym_id 
_struct_conf.beg_auth_seq_id 
_struct_conf.end_auth_comp_id 
_struct_conf.end_auth_asym_id 
_struct_conf.end_auth_seq_id 
_struct_conf.pdbx_PDB_helix_class 
_struct_conf.details 
_struct_conf.pdbx_PDB_helix_length 
HELX_P HELX_P1 AA1 SER A 31 ? SER A 33 ? SER A 48  SER A 50  5 ? 3 
HELX_P HELX_P2 AA2 LYS A 86 ? GLY A 92 ? LYS A 103 GLY A 109 1 ? 7 
HELX_P HELX_P3 AA3 VAL A 97 ? PRO A 99 ? VAL A 114 PRO A 116 5 ? 3 
# 
_struct_conf_type.id          HELX_P 
_struct_conf_type.criteria    ? 
_struct_conf_type.reference   ? 
# 
_struct_mon_prot_cis.pdbx_id                1 
_struct_mon_prot_cis.label_comp_id          ASN 
_struct_mon_prot_cis.label_seq_id           64 
_struct_mon_prot_cis.label_asym_id          A 
_struct_mon_prot_cis.label_alt_id           . 
_struct_mon_prot_cis.pdbx_PDB_ins_code      ? 
_struct_mon_prot_cis.auth_comp_id           ASN 
_struct_mon_prot_cis.auth_seq_id            81 
_struct_mon_prot_cis.auth_asym_id           A 
_struct_mon_prot_cis.pdbx_label_comp_id_2   PRO 
_struct_mon_prot_cis.pdbx_label_seq_id_2    65 
_struct_mon_prot_cis.pdbx_label_asym_id_2   A 
_struct_mon_prot_cis.pdbx_PDB_ins_code_2    ? 
_struct_mon_prot_cis.pdbx_auth_comp_id_2    PRO 
_struct_mon_prot_cis.pdbx_auth_seq_id_2     82 
_struct_mon_prot_cis.pdbx_auth_asym_id_2    A 
_struct_mon_prot_cis.pdbx_PDB_model_num     1 
_struct_mon_prot_cis.pdbx_omega_angle       0.21 
# 
loop_
_struct_sheet.id 
_struct_sheet.type 
_struct_sheet.number_strands 
_struct_sheet.details 
AA1 ? 9 ? 
AA2 ? 2 ? 
AA3 ? 2 ? 
# 
loop_
_struct_sheet_order.sheet_id 
_struct_sheet_order.range_id_1 
_struct_sheet_order.range_id_2 
_struct_sheet_order.offset 
_struct_sheet_order.sense 
AA1 1 2 ? anti-parallel 
AA1 2 3 ? anti-parallel 
AA1 3 4 ? anti-parallel 
AA1 4 5 ? anti-parallel 
AA1 5 6 ? anti-parallel 
AA1 6 7 ? anti-parallel 
AA1 7 8 ? anti-parallel 
AA1 8 9 ? anti-parallel 
AA2 1 2 ? anti-parallel 
AA3 1 2 ? anti-parallel 
# 
loop_
_struct_sheet_range.sheet_id 
_struct_sheet_range.id 
_struct_sheet_range.beg_label_comp_id 
_struct_sheet_range.beg_label_asym_id 
_struct_sheet_range.beg_label_seq_id 
_struct_sheet_range.pdbx_beg_PDB_ins_code 
_struct_sheet_range.end_label_comp_id 
_struct_sheet_range.end_label_asym_id 
_struct_sheet_range.end_label_seq_id 
_struct_sheet_range.pdbx_end_PDB_ins_code 
_struct_sheet_range.beg_auth_comp_id 
_struct_sheet_range.beg_auth_asym_id 
_struct_sheet_range.beg_auth_seq_id 
_struct_sheet_range.end_auth_comp_id 
_struct_sheet_range.end_auth_asym_id 
_struct_sheet_range.end_auth_seq_id 
AA1 1 GLN A 77  ? GLU A 84  ? GLN A 94  GLU A 101 
AA1 2 MET A 67  ? VAL A 74  ? MET A 84  VAL A 91  
AA1 3 ASP A 56  ? GLN A 63  ? ASP A 73  GLN A 80  
AA1 4 LEU A 101 ? THR A 107 ? LEU A 118 THR A 124 
AA1 5 THR A 110 ? SER A 115 ? THR A 127 SER A 132 
AA1 6 PHE A 146 ? ASN A 149 ? PHE A 163 ASN A 166 
AA1 7 ILE A 6   ? ASP A 12  ? ILE A 23  ASP A 29  
AA1 8 THR A 38  ? THR A 43  ? THR A 55  THR A 60  
AA1 9 ASP A 56  ? GLN A 63  ? ASP A 73  GLN A 80  
AA2 1 GLN A 16  ? GLN A 21  ? GLN A 33  GLN A 38  
AA2 2 ASN A 24  ? PRO A 29  ? ASN A 41  PRO A 46  
AA3 1 PHE A 122 ? ALA A 124 ? PHE A 139 ALA A 141 
AA3 2 ILE A 133 ? THR A 135 ? ILE A 150 THR A 152 
# 
loop_
_pdbx_struct_sheet_hbond.sheet_id 
_pdbx_struct_sheet_hbond.range_id_1 
_pdbx_struct_sheet_hbond.range_id_2 
_pdbx_struct_sheet_hbond.range_1_label_atom_id 
_pdbx_struct_sheet_hbond.range_1_label_comp_id 
_pdbx_struct_sheet_hbond.range_1_label_asym_id 
_pdbx_struct_sheet_hbond.range_1_label_seq_id 
_pdbx_struct_sheet_hbond.range_1_PDB_ins_code 
_pdbx_struct_sheet_hbond.range_1_auth_atom_id 
_pdbx_struct_sheet_hbond.range_1_auth_comp_id 
_pdbx_struct_sheet_hbond.range_1_auth_asym_id 
_pdbx_struct_sheet_hbond.range_1_auth_seq_id 
_pdbx_struct_sheet_hbond.range_2_label_atom_id 
_pdbx_struct_sheet_hbond.range_2_label_comp_id 
_pdbx_struct_sheet_hbond.range_2_label_asym_id 
_pdbx_struct_sheet_hbond.range_2_label_seq_id 
_pdbx_struct_sheet_hbond.range_2_PDB_ins_code 
_pdbx_struct_sheet_hbond.range_2_auth_atom_id 
_pdbx_struct_sheet_hbond.range_2_auth_comp_id 
_pdbx_struct_sheet_hbond.range_2_auth_asym_id 
_pdbx_struct_sheet_hbond.range_2_auth_seq_id 
AA1 1 2 O GLN A 77  ? O GLN A 94  N VAL A 74  ? N VAL A 91  
AA1 2 3 O MET A 67  ? O MET A 84  N ILE A 62  ? N ILE A 79  
AA1 3 4 N ILE A 58  ? N ILE A 75  O PHE A 102 ? O PHE A 119 
AA1 4 5 N THR A 107 ? N THR A 124 O THR A 110 ? O THR A 127 
AA1 5 6 N SER A 111 ? N SER A 128 O PHE A 146 ? O PHE A 163 
AA1 6 7 O ASN A 149 ? O ASN A 166 N THR A 9   ? N THR A 26  
AA1 7 8 N GLY A 8   ? N GLY A 25  O VAL A 39  ? O VAL A 56  
AA1 8 9 N ALA A 40  ? N ALA A 57  O GLY A 61  ? O GLY A 78  
AA2 1 2 N GLN A 21  ? N GLN A 38  O ASN A 24  ? O ASN A 41  
AA3 1 2 N ALA A 124 ? N ALA A 141 O ILE A 133 ? O ILE A 150 
# 
_struct_site.id                   AC1 
_struct_site.pdbx_evidence_code   Software 
_struct_site.pdbx_auth_asym_id    A 
_struct_site.pdbx_auth_comp_id    O6D 
_struct_site.pdbx_auth_seq_id     4000 
_struct_site.pdbx_auth_ins_code   ? 
_struct_site.pdbx_num_residues    11 
_struct_site.details              'binding site for residue O6D A 4000' 
# 
loop_
_struct_site_gen.id 
_struct_site_gen.site_id 
_struct_site_gen.pdbx_num_res 
_struct_site_gen.label_comp_id 
_struct_site_gen.label_asym_id 
_struct_site_gen.label_seq_id 
_struct_site_gen.pdbx_auth_ins_code 
_struct_site_gen.auth_comp_id 
_struct_site_gen.auth_asym_id 
_struct_site_gen.auth_seq_id 
_struct_site_gen.label_atom_id 
_struct_site_gen.label_alt_id 
_struct_site_gen.symmetry 
_struct_site_gen.details 
1  AC1 11 THR A 43  ? THR A 60   . ? 1_555  ? 
2  AC1 11 GLN A 85  ? GLN A 102  . ? 19_444 ? 
3  AC1 11 VAL A 97  ? VAL A 114  . ? 19_444 ? 
4  AC1 11 PHE A 100 ? PHE A 117  . ? 19_444 ? 
5  AC1 11 ARG A 104 ? ARG A 121  . ? 1_555  ? 
6  AC1 11 LYS A 106 ? LYS A 123  . ? 1_555  ? 
7  AC1 11 SER A 111 ? SER A 128  . ? 1_555  ? 
8  AC1 11 PHE A 146 ? PHE A 163  . ? 1_555  ? 
9  AC1 11 LEU A 148 ? LEU A 165  . ? 1_555  ? 
10 AC1 11 HOH C .   ? HOH A 4105 . ? 1_555  ? 
11 AC1 11 HOH C .   ? HOH A 4111 . ? 1_555  ? 
# 
_atom_sites.entry_id                    6P9E 
_atom_sites.Cartn_transf_matrix[1][1]   ? 
_atom_sites.Cartn_transf_matrix[1][2]   ? 
_atom_sites.Cartn_transf_matrix[1][3]   ? 
_atom_sites.Cartn_transf_matrix[2][1]   ? 
_atom_sites.Cartn_transf_matrix[2][2]   ? 
_atom_sites.Cartn_transf_matrix[2][3]   ? 
_atom_sites.Cartn_transf_matrix[3][1]   ? 
_atom_sites.Cartn_transf_matrix[3][2]   ? 
_atom_sites.Cartn_transf_matrix[3][3]   ? 
_atom_sites.Cartn_transf_vector[1]      ? 
_atom_sites.Cartn_transf_vector[2]      ? 
_atom_sites.Cartn_transf_vector[3]      ? 
_atom_sites.fract_transf_matrix[1][1]   0.00309000 
_atom_sites.fract_transf_matrix[1][2]   0.00513971 
_atom_sites.fract_transf_matrix[1][3]   0.00846126 
_atom_sites.fract_transf_matrix[2][1]   -0.00071185 
_atom_sites.fract_transf_matrix[2][2]   0.00895624 
_atom_sites.fract_transf_matrix[2][3]   -0.00518042 
_atom_sites.fract_transf_matrix[3][1]   -0.00987435 
_atom_sites.fract_transf_matrix[3][2]   0.00096271 
_atom_sites.fract_transf_matrix[3][3]   0.00302126 
_atom_sites.fract_transf_vector[1]      -0.353409 
_atom_sites.fract_transf_vector[2]      0.101218 
_atom_sites.fract_transf_vector[3]      -0.175230 
_atom_sites.solution_primary            ? 
_atom_sites.solution_secondary          ? 
_atom_sites.solution_hydrogens          ? 
_atom_sites.special_details             ? 
# 
loop_
_atom_type.symbol 
C 
N 
O 
S 
# 
loop_
_atom_site.group_PDB 
_atom_site.id 
_atom_site.type_symbol 
_atom_site.label_atom_id 
_atom_site.label_alt_id 
_atom_site.label_comp_id 
_atom_site.label_asym_id 
_atom_site.label_entity_id 
_atom_site.label_seq_id 
_atom_site.pdbx_PDB_ins_code 
_atom_site.Cartn_x 
_atom_site.Cartn_y 
_atom_site.Cartn_z 
_atom_site.occupancy 
_atom_site.B_iso_or_equiv 
_atom_site.pdbx_formal_charge 
_atom_site.auth_seq_id 
_atom_site.auth_comp_id 
_atom_site.auth_asym_id 
_atom_site.auth_atom_id 
_atom_site.pdbx_PDB_model_num 
ATOM   1    N N   . LYS A 1 4   ? 8.631   -13.845 -8.603  1.00 62.71  ? 21   LYS A N   1 
ATOM   2    C CA  . LYS A 1 4   ? 7.466   -14.042 -7.733  1.00 60.27  ? 21   LYS A CA  1 
ATOM   3    C C   . LYS A 1 4   ? 7.475   -12.903 -6.702  1.00 57.67  ? 21   LYS A C   1 
ATOM   4    O O   . LYS A 1 4   ? 8.555   -12.385 -6.392  1.00 56.35  ? 21   LYS A O   1 
ATOM   5    C CB  . LYS A 1 4   ? 7.544   -15.404 -7.023  1.00 63.03  ? 21   LYS A CB  1 
ATOM   6    N N   . PRO A 1 5   ? 6.320   -12.462 -6.164  1.00 49.67  ? 22   PRO A N   1 
ATOM   7    C CA  . PRO A 1 5   ? 6.366   -11.332 -5.230  1.00 47.75  ? 22   PRO A CA  1 
ATOM   8    C C   . PRO A 1 5   ? 6.654   -11.734 -3.793  1.00 47.53  ? 22   PRO A C   1 
ATOM   9    O O   . PRO A 1 5   ? 6.533   -12.910 -3.434  1.00 46.80  ? 22   PRO A O   1 
ATOM   10   C CB  . PRO A 1 5   ? 4.974   -10.715 -5.377  1.00 49.48  ? 22   PRO A CB  1 
ATOM   11   C CG  . PRO A 1 5   ? 4.089   -11.885 -5.643  1.00 54.34  ? 22   PRO A CG  1 
ATOM   12   C CD  . PRO A 1 5   ? 4.928   -12.907 -6.391  1.00 50.23  ? 22   PRO A CD  1 
ATOM   13   N N   . ILE A 1 6   ? 7.025   -10.742 -2.965  1.00 41.15  ? 23   ILE A N   1 
ATOM   14   C CA  . ILE A 1 6   ? 7.215   -10.935 -1.542  1.00 39.97  ? 23   ILE A CA  1 
ATOM   15   C C   . ILE A 1 6   ? 5.812   -10.876 -0.945  1.00 42.40  ? 23   ILE A C   1 
ATOM   16   O O   . ILE A 1 6   ? 5.040   -9.975  -1.273  1.00 42.45  ? 23   ILE A O   1 
ATOM   17   C CB  . ILE A 1 6   ? 8.179   -9.877  -0.931  1.00 43.02  ? 23   ILE A CB  1 
ATOM   18   C CG1 . ILE A 1 6   ? 9.627   -10.081 -1.447  1.00 43.77  ? 23   ILE A CG1 1 
ATOM   19   C CG2 . ILE A 1 6   ? 8.139   -9.949  0.585   1.00 44.26  ? 23   ILE A CG2 1 
ATOM   20   C CD1 . ILE A 1 6   ? 10.554  -8.850  -1.375  1.00 47.37  ? 23   ILE A CD1 1 
ATOM   21   N N   . THR A 1 7   ? 5.462   -11.823 -0.088  1.00 36.92  ? 24   THR A N   1 
ATOM   22   C CA  . THR A 1 7   ? 4.136   -11.789 0.501   1.00 36.60  ? 24   THR A CA  1 
ATOM   23   C C   . THR A 1 7   ? 4.213   -11.728 1.997   1.00 42.29  ? 24   THR A C   1 
ATOM   24   O O   . THR A 1 7   ? 5.229   -12.092 2.585   1.00 44.28  ? 24   THR A O   1 
ATOM   25   C CB  . THR A 1 7   ? 3.260   -12.969 0.023   1.00 45.99  ? 24   THR A CB  1 
ATOM   26   O OG1 . THR A 1 7   ? 3.777   -14.182 0.569   1.00 49.22  ? 24   THR A OG1 1 
ATOM   27   C CG2 . THR A 1 7   ? 3.114   -13.048 -1.508  1.00 40.59  ? 24   THR A CG2 1 
ATOM   28   N N   . GLY A 1 8   ? 3.131   -11.283 2.594   1.00 38.93  ? 25   GLY A N   1 
ATOM   29   C CA  . GLY A 1 8   ? 2.971   -11.208 4.033   1.00 39.33  ? 25   GLY A CA  1 
ATOM   30   C C   . GLY A 1 8   ? 1.810   -10.339 4.437   1.00 43.27  ? 25   GLY A C   1 
ATOM   31   O O   . GLY A 1 8   ? 1.080   -9.847  3.581   1.00 43.96  ? 25   GLY A O   1 
ATOM   32   N N   . THR A 1 9   ? 1.611   -10.179 5.753   1.00 38.16  ? 26   THR A N   1 
ATOM   33   C CA  . THR A 1 9   ? 0.554   -9.323  6.278   1.00 36.80  ? 26   THR A CA  1 
ATOM   34   C C   . THR A 1 9   ? 1.178   -7.936  6.523   1.00 39.06  ? 26   THR A C   1 
ATOM   35   O O   . THR A 1 9   ? 2.412   -7.798  6.510   1.00 37.54  ? 26   THR A O   1 
ATOM   36   C CB  . THR A 1 9   ? -0.090  -9.930  7.551   1.00 42.87  ? 26   THR A CB  1 
ATOM   37   O OG1 . THR A 1 9   ? 0.898   -10.050 8.570   1.00 40.80  ? 26   THR A OG1 1 
ATOM   38   C CG2 . THR A 1 9   ? -0.754  -11.291 7.302   1.00 42.18  ? 26   THR A CG2 1 
ATOM   39   N N   . ILE A 1 10  ? 0.344   -6.909  6.714   1.00 33.34  ? 27   ILE A N   1 
ATOM   40   C CA  . ILE A 1 10  ? 0.865   -5.576  7.001   1.00 32.27  ? 27   ILE A CA  1 
ATOM   41   C C   . ILE A 1 10  ? 0.177   -5.091  8.248   1.00 36.66  ? 27   ILE A C   1 
ATOM   42   O O   . ILE A 1 10  ? -1.037  -5.229  8.349   1.00 37.18  ? 27   ILE A O   1 
ATOM   43   C CB  . ILE A 1 10  ? 0.682   -4.587  5.795   1.00 35.36  ? 27   ILE A CB  1 
ATOM   44   C CG1 . ILE A 1 10  ? 1.742   -4.826  4.704   1.00 36.03  ? 27   ILE A CG1 1 
ATOM   45   C CG2 . ILE A 1 10  ? 0.721   -3.119  6.259   1.00 35.70  ? 27   ILE A CG2 1 
ATOM   46   C CD1 . ILE A 1 10  ? 1.542   -3.999  3.409   1.00 44.02  ? 27   ILE A CD1 1 
ATOM   47   N N   . ASN A 1 11  ? 0.939   -4.555  9.220   1.00 31.76  ? 28   ASN A N   1 
ATOM   48   C CA  . ASN A 1 11  ? 0.341   -3.930  10.390  1.00 31.28  ? 28   ASN A CA  1 
ATOM   49   C C   . ASN A 1 11  ? 0.927   -2.535  10.554  1.00 35.03  ? 28   ASN A C   1 
ATOM   50   O O   . ASN A 1 11  ? 1.996   -2.246  10.012  1.00 34.31  ? 28   ASN A O   1 
ATOM   51   C CB  . ASN A 1 11  ? 0.496   -4.764  11.695  1.00 30.36  ? 28   ASN A CB  1 
ATOM   52   C CG  . ASN A 1 11  ? 1.928   -4.943  12.150  1.00 37.22  ? 28   ASN A CG  1 
ATOM   53   O OD1 . ASN A 1 11  ? 2.619   -5.862  11.732  1.00 37.09  ? 28   ASN A OD1 1 
ATOM   54   N ND2 . ASN A 1 11  ? 2.403   -4.065  13.009  1.00 34.29  ? 28   ASN A ND2 1 
ATOM   55   N N   . ASP A 1 12  ? 0.227   -1.684  11.285  1.00 32.33  ? 29   ASP A N   1 
ATOM   56   C CA  . ASP A 1 12  ? 0.708   -0.348  11.624  1.00 32.51  ? 29   ASP A CA  1 
ATOM   57   C C   . ASP A 1 12  ? 1.297   -0.393  13.057  1.00 38.67  ? 29   ASP A C   1 
ATOM   58   O O   . ASP A 1 12  ? 1.332   -1.471  13.673  1.00 38.69  ? 29   ASP A O   1 
ATOM   59   C CB  . ASP A 1 12  ? -0.424  0.688   11.491  1.00 33.07  ? 29   ASP A CB  1 
ATOM   60   C CG  . ASP A 1 12  ? -1.664  0.413   12.329  1.00 41.82  ? 29   ASP A CG  1 
ATOM   61   O OD1 . ASP A 1 12  ? -1.522  -0.164  13.442  1.00 40.78  ? 29   ASP A OD1 1 
ATOM   62   O OD2 . ASP A 1 12  ? -2.770  0.828   11.903  1.00 39.62  ? 29   ASP A OD2 1 
ATOM   63   N N   . LEU A 1 13  ? 1.716   0.756   13.601  1.00 36.29  ? 30   LEU A N   1 
ATOM   64   C CA  . LEU A 1 13  ? 2.346   0.801   14.931  1.00 37.82  ? 30   LEU A CA  1 
ATOM   65   C C   . LEU A 1 13  ? 1.341   0.634   16.113  1.00 41.08  ? 30   LEU A C   1 
ATOM   66   O O   . LEU A 1 13  ? 1.767   0.533   17.265  1.00 39.17  ? 30   LEU A O   1 
ATOM   67   C CB  . LEU A 1 13  ? 3.237   2.056   15.100  1.00 37.95  ? 30   LEU A CB  1 
ATOM   68   C CG  . LEU A 1 13  ? 4.564   2.052   14.289  1.00 42.56  ? 30   LEU A CG  1 
ATOM   69   C CD1 . LEU A 1 13  ? 5.243   3.419   14.323  1.00 43.37  ? 30   LEU A CD1 1 
ATOM   70   C CD2 . LEU A 1 13  ? 5.534   1.011   14.793  1.00 44.19  ? 30   LEU A CD2 1 
ATOM   71   N N   . ASN A 1 14  ? 0.035   0.533   15.817  1.00 37.63  ? 31   ASN A N   1 
ATOM   72   C CA  . ASN A 1 14  ? -0.987  0.264   16.839  1.00 37.56  ? 31   ASN A CA  1 
ATOM   73   C C   . ASN A 1 14  ? -1.382  -1.213  16.762  1.00 42.87  ? 31   ASN A C   1 
ATOM   74   O O   . ASN A 1 14  ? -2.403  -1.616  17.305  1.00 43.93  ? 31   ASN A O   1 
ATOM   75   C CB  . ASN A 1 14  ? -2.199  1.179   16.669  1.00 36.10  ? 31   ASN A CB  1 
ATOM   76   C CG  . ASN A 1 14  ? -1.967  2.590   17.133  1.00 65.54  ? 31   ASN A CG  1 
ATOM   77   O OD1 . ASN A 1 14  ? -1.415  2.837   18.211  1.00 69.08  ? 31   ASN A OD1 1 
ATOM   78   N ND2 . ASN A 1 14  ? -2.392  3.550   16.335  1.00 57.26  ? 31   ASN A ND2 1 
ATOM   79   N N   . GLN A 1 15  ? -0.571  -2.014  16.059  1.00 39.99  ? 32   GLN A N   1 
ATOM   80   C CA  . GLN A 1 15  ? -0.771  -3.455  15.847  1.00 40.57  ? 32   GLN A CA  1 
ATOM   81   C C   . GLN A 1 15  ? -2.105  -3.736  15.159  1.00 43.81  ? 32   GLN A C   1 
ATOM   82   O O   . GLN A 1 15  ? -2.863  -4.615  15.563  1.00 42.37  ? 32   GLN A O   1 
ATOM   83   C CB  . GLN A 1 15  ? -0.577  -4.266  17.161  1.00 42.53  ? 32   GLN A CB  1 
ATOM   84   C CG  . GLN A 1 15  ? 0.792   -4.049  17.838  1.00 66.91  ? 32   GLN A CG  1 
ATOM   85   C CD  . GLN A 1 15  ? 1.993   -4.424  16.982  1.00 92.23  ? 32   GLN A CD  1 
ATOM   86   O OE1 . GLN A 1 15  ? 1.979   -5.404  16.225  1.00 91.93  ? 32   GLN A OE1 1 
ATOM   87   N NE2 . GLN A 1 15  ? 3.069   -3.649  17.092  1.00 80.04  ? 32   GLN A NE2 1 
ATOM   88   N N   . GLN A 1 16  ? -2.413  -2.930  14.141  1.00 39.87  ? 33   GLN A N   1 
ATOM   89   C CA  . GLN A 1 16  ? -3.649  -3.079  13.392  1.00 38.95  ? 33   GLN A CA  1 
ATOM   90   C C   . GLN A 1 16  ? -3.259  -3.612  12.069  1.00 39.49  ? 33   GLN A C   1 
ATOM   91   O O   . GLN A 1 16  ? -2.421  -3.007  11.402  1.00 37.72  ? 33   GLN A O   1 
ATOM   92   C CB  . GLN A 1 16  ? -4.372  -1.750  13.240  1.00 40.38  ? 33   GLN A CB  1 
ATOM   93   C CG  . GLN A 1 16  ? -4.685  -1.077  14.554  1.00 45.29  ? 33   GLN A CG  1 
ATOM   94   C CD  . GLN A 1 16  ? -5.548  0.121   14.317  1.00 53.34  ? 33   GLN A CD  1 
ATOM   95   O OE1 . GLN A 1 16  ? -6.588  0.291   14.944  1.00 46.15  ? 33   GLN A OE1 1 
ATOM   96   N NE2 . GLN A 1 16  ? -5.143  0.978   13.394  1.00 41.53  ? 33   GLN A NE2 1 
ATOM   97   N N   . VAL A 1 17  ? -3.835  -4.761  11.700  1.00 34.75  ? 34   VAL A N   1 
ATOM   98   C CA  . VAL A 1 17  ? -3.522  -5.491  10.488  1.00 35.92  ? 34   VAL A CA  1 
ATOM   99   C C   . VAL A 1 17  ? -4.481  -5.149  9.335   1.00 39.94  ? 34   VAL A C   1 
ATOM   100  O O   . VAL A 1 17  ? -5.676  -4.941  9.571   1.00 39.94  ? 34   VAL A O   1 
ATOM   101  C CB  . VAL A 1 17  ? -3.442  -7.015  10.808  1.00 42.01  ? 34   VAL A CB  1 
ATOM   102  C CG1 . VAL A 1 17  ? -4.825  -7.644  11.050  1.00 42.34  ? 34   VAL A CG1 1 
ATOM   103  C CG2 . VAL A 1 17  ? -2.650  -7.780  9.759   1.00 42.43  ? 34   VAL A CG2 1 
ATOM   104  N N   . TRP A 1 18  ? -3.960  -5.113  8.089   1.00 35.15  ? 35   TRP A N   1 
ATOM   105  C CA  . TRP A 1 18  ? -4.803  -4.840  6.938   1.00 34.70  ? 35   TRP A CA  1 
ATOM   106  C C   . TRP A 1 18  ? -5.718  -6.022  6.662   1.00 41.56  ? 35   TRP A C   1 
ATOM   107  O O   . TRP A 1 18  ? -5.258  -7.169  6.592   1.00 40.65  ? 35   TRP A O   1 
ATOM   108  C CB  . TRP A 1 18  ? -3.997  -4.498  5.669   1.00 32.16  ? 35   TRP A CB  1 
ATOM   109  C CG  . TRP A 1 18  ? -3.274  -3.168  5.635   1.00 31.70  ? 35   TRP A CG  1 
ATOM   110  C CD1 . TRP A 1 18  ? -3.042  -2.324  6.683   1.00 34.81  ? 35   TRP A CD1 1 
ATOM   111  C CD2 . TRP A 1 18  ? -2.572  -2.614  4.514   1.00 30.77  ? 35   TRP A CD2 1 
ATOM   112  N NE1 . TRP A 1 18  ? -2.302  -1.243  6.267   1.00 33.18  ? 35   TRP A NE1 1 
ATOM   113  C CE2 . TRP A 1 18  ? -1.998  -1.396  4.938   1.00 33.96  ? 35   TRP A CE2 1 
ATOM   114  C CE3 . TRP A 1 18  ? -2.423  -3.000  3.166   1.00 31.48  ? 35   TRP A CE3 1 
ATOM   115  C CZ2 . TRP A 1 18  ? -1.232  -0.591  4.084   1.00 32.49  ? 35   TRP A CZ2 1 
ATOM   116  C CZ3 . TRP A 1 18  ? -1.718  -2.172  2.310   1.00 32.60  ? 35   TRP A CZ3 1 
ATOM   117  C CH2 . TRP A 1 18  ? -1.098  -1.004  2.779   1.00 32.87  ? 35   TRP A CH2 1 
ATOM   118  N N   . THR A 1 19  ? -7.008  -5.739  6.472   1.00 39.69  ? 36   THR A N   1 
ATOM   119  C CA  . THR A 1 19  ? -8.002  -6.769  6.130   1.00 39.57  ? 36   THR A CA  1 
ATOM   120  C C   . THR A 1 19  ? -9.020  -6.210  5.122   1.00 42.30  ? 36   THR A C   1 
ATOM   121  O O   . THR A 1 19  ? -9.243  -4.999  5.077   1.00 38.14  ? 36   THR A O   1 
ATOM   122  C CB  . THR A 1 19  ? -8.623  -7.383  7.402   1.00 51.70  ? 36   THR A CB  1 
ATOM   123  O OG1 . THR A 1 19  ? -9.344  -8.569  7.051   1.00 51.04  ? 36   THR A OG1 1 
ATOM   124  C CG2 . THR A 1 19  ? -9.521  -6.405  8.158   1.00 47.78  ? 36   THR A CG2 1 
ATOM   125  N N   . LEU A 1 20  ? -9.600  -7.076  4.292   1.00 40.41  ? 37   LEU A N   1 
ATOM   126  C CA  . LEU A 1 20  ? -10.563 -6.591  3.319   1.00 41.94  ? 37   LEU A CA  1 
ATOM   127  C C   . LEU A 1 20  ? -11.948 -6.658  3.921   1.00 48.87  ? 37   LEU A C   1 
ATOM   128  O O   . LEU A 1 20  ? -12.359 -7.711  4.412   1.00 50.37  ? 37   LEU A O   1 
ATOM   129  C CB  . LEU A 1 20  ? -10.486 -7.377  2.006   1.00 42.13  ? 37   LEU A CB  1 
ATOM   130  C CG  . LEU A 1 20  ? -11.305 -6.847  0.812   1.00 47.19  ? 37   LEU A CG  1 
ATOM   131  C CD1 . LEU A 1 20  ? -10.761 -5.512  0.290   1.00 47.67  ? 37   LEU A CD1 1 
ATOM   132  C CD2 . LEU A 1 20  ? -11.303 -7.845  -0.305  1.00 50.88  ? 37   LEU A CD2 1 
ATOM   133  N N   . GLN A 1 21  ? -12.643 -5.521  3.918   1.00 44.70  ? 38   GLN A N   1 
ATOM   134  C CA  . GLN A 1 21  ? -13.996 -5.383  4.422   1.00 44.86  ? 38   GLN A CA  1 
ATOM   135  C C   . GLN A 1 21  ? -14.817 -4.862  3.254   1.00 50.60  ? 38   GLN A C   1 
ATOM   136  O O   . GLN A 1 21  ? -14.747 -3.675  2.928   1.00 49.53  ? 38   GLN A O   1 
ATOM   137  C CB  . GLN A 1 21  ? -14.015 -4.400  5.598   1.00 46.11  ? 38   GLN A CB  1 
ATOM   138  C CG  . GLN A 1 21  ? -15.380 -4.252  6.245   1.00 52.61  ? 38   GLN A CG  1 
ATOM   139  C CD  . GLN A 1 21  ? -15.294 -3.353  7.437   1.00 65.38  ? 38   GLN A CD  1 
ATOM   140  O OE1 . GLN A 1 21  ? -15.564 -2.144  7.361   1.00 58.84  ? 38   GLN A OE1 1 
ATOM   141  N NE2 . GLN A 1 21  ? -14.913 -3.931  8.565   1.00 48.58  ? 38   GLN A NE2 1 
ATOM   142  N N   . GLY A 1 22  ? -15.532 -5.771  2.595   1.00 50.23  ? 39   GLY A N   1 
ATOM   143  C CA  . GLY A 1 22  ? -16.331 -5.455  1.421   1.00 50.63  ? 39   GLY A CA  1 
ATOM   144  C C   . GLY A 1 22  ? -15.443 -5.115  0.236   1.00 56.01  ? 39   GLY A C   1 
ATOM   145  O O   . GLY A 1 22  ? -14.733 -5.983  -0.282  1.00 55.25  ? 39   GLY A O   1 
ATOM   146  N N   . GLN A 1 23  ? -15.447 -3.832  -0.162  1.00 53.95  ? 40   GLN A N   1 
ATOM   147  C CA  . GLN A 1 23  ? -14.672 -3.315  -1.295  1.00 54.19  ? 40   GLN A CA  1 
ATOM   148  C C   . GLN A 1 23  ? -13.504 -2.386  -0.877  1.00 56.97  ? 40   GLN A C   1 
ATOM   149  O O   . GLN A 1 23  ? -12.835 -1.804  -1.742  1.00 57.64  ? 40   GLN A O   1 
ATOM   150  C CB  . GLN A 1 23  ? -15.607 -2.604  -2.289  1.00 55.78  ? 40   GLN A CB  1 
ATOM   151  N N   . ASN A 1 24  ? -13.251 -2.264  0.441   1.00 50.73  ? 41   ASN A N   1 
ATOM   152  C CA  . ASN A 1 24  ? -12.166 -1.436  0.974   1.00 49.06  ? 41   ASN A CA  1 
ATOM   153  C C   . ASN A 1 24  ? -11.269 -2.226  1.906   1.00 47.61  ? 41   ASN A C   1 
ATOM   154  O O   . ASN A 1 24  ? -11.741 -3.156  2.574   1.00 47.13  ? 41   ASN A O   1 
ATOM   155  C CB  . ASN A 1 24  ? -12.739 -0.241  1.763   1.00 52.96  ? 41   ASN A CB  1 
ATOM   156  C CG  . ASN A 1 24  ? -12.911 1.054   0.997   1.00 90.22  ? 41   ASN A CG  1 
ATOM   157  O OD1 . ASN A 1 24  ? -12.477 1.212   -0.155  1.00 88.80  ? 41   ASN A OD1 1 
ATOM   158  N ND2 . ASN A 1 24  ? -13.542 2.027   1.645   1.00 82.18  ? 41   ASN A ND2 1 
ATOM   159  N N   . LEU A 1 25  ? -9.992  -1.786  2.032   1.00 40.40  ? 42   LEU A N   1 
ATOM   160  C CA  . LEU A 1 25  ? -9.074  -2.346  3.020   1.00 38.80  ? 42   LEU A CA  1 
ATOM   161  C C   . LEU A 1 25  ? -9.298  -1.547  4.284   1.00 37.35  ? 42   LEU A C   1 
ATOM   162  O O   . LEU A 1 25  ? -9.487  -0.322  4.227   1.00 35.04  ? 42   LEU A O   1 
ATOM   163  C CB  . LEU A 1 25  ? -7.581  -2.209  2.612   1.00 39.04  ? 42   LEU A CB  1 
ATOM   164  C CG  . LEU A 1 25  ? -7.052  -2.954  1.379   1.00 43.62  ? 42   LEU A CG  1 
ATOM   165  C CD1 . LEU A 1 25  ? -5.638  -2.484  1.042   1.00 42.92  ? 42   LEU A CD1 1 
ATOM   166  C CD2 . LEU A 1 25  ? -7.050  -4.467  1.594   1.00 46.51  ? 42   LEU A CD2 1 
ATOM   167  N N   . VAL A 1 26  ? -9.291  -2.228  5.429   1.00 33.58  ? 43   VAL A N   1 
ATOM   168  C CA  . VAL A 1 26  ? -9.434  -1.575  6.731   1.00 34.00  ? 43   VAL A CA  1 
ATOM   169  C C   . VAL A 1 26  ? -8.319  -2.095  7.618   1.00 37.48  ? 43   VAL A C   1 
ATOM   170  O O   . VAL A 1 26  ? -7.662  -3.074  7.254   1.00 38.97  ? 43   VAL A O   1 
ATOM   171  C CB  . VAL A 1 26  ? -10.850 -1.702  7.412   1.00 38.08  ? 43   VAL A CB  1 
ATOM   172  C CG1 . VAL A 1 26  ? -11.958 -1.072  6.567   1.00 37.56  ? 43   VAL A CG1 1 
ATOM   173  C CG2 . VAL A 1 26  ? -11.186 -3.155  7.766   1.00 38.57  ? 43   VAL A CG2 1 
ATOM   174  N N   . ALA A 1 27  ? -8.067  -1.435  8.747   1.00 34.25  ? 44   ALA A N   1 
ATOM   175  C CA  . ALA A 1 27  ? -7.036  -1.890  9.682   1.00 35.06  ? 44   ALA A CA  1 
ATOM   176  C C   . ALA A 1 27  ? -7.729  -2.262  10.994  1.00 40.05  ? 44   ALA A C   1 
ATOM   177  O O   . ALA A 1 27  ? -8.465  -1.449  11.531  1.00 37.97  ? 44   ALA A O   1 
ATOM   178  C CB  . ALA A 1 27  ? -5.991  -0.810  9.907   1.00 35.50  ? 44   ALA A CB  1 
ATOM   179  N N   . VAL A 1 28  ? -7.536  -3.512  11.467  1.00 40.56  ? 45   VAL A N   1 
ATOM   180  C CA  . VAL A 1 28  ? -8.159  -4.049  12.693  1.00 42.41  ? 45   VAL A CA  1 
ATOM   181  C C   . VAL A 1 28  ? -7.135  -4.762  13.596  1.00 49.66  ? 45   VAL A C   1 
ATOM   182  O O   . VAL A 1 28  ? -6.212  -5.366  13.057  1.00 48.89  ? 45   VAL A O   1 
ATOM   183  C CB  . VAL A 1 28  ? -9.345  -5.018  12.362  1.00 46.86  ? 45   VAL A CB  1 
ATOM   184  C CG1 . VAL A 1 28  ? -10.364 -4.386  11.424  1.00 46.68  ? 45   VAL A CG1 1 
ATOM   185  C CG2 . VAL A 1 28  ? -8.868  -6.363  11.813  1.00 47.02  ? 45   VAL A CG2 1 
ATOM   186  N N   . PRO A 1 29  ? -7.337  -4.842  14.939  1.00 49.73  ? 46   PRO A N   1 
ATOM   187  C CA  . PRO A 1 29  ? -6.409  -5.638  15.771  1.00 50.65  ? 46   PRO A CA  1 
ATOM   188  C C   . PRO A 1 29  ? -6.553  -7.117  15.427  1.00 57.65  ? 46   PRO A C   1 
ATOM   189  O O   . PRO A 1 29  ? -7.614  -7.524  14.938  1.00 56.63  ? 46   PRO A O   1 
ATOM   190  C CB  . PRO A 1 29  ? -6.889  -5.378  17.206  1.00 52.37  ? 46   PRO A CB  1 
ATOM   191  C CG  . PRO A 1 29  ? -7.802  -4.213  17.129  1.00 56.22  ? 46   PRO A CG  1 
ATOM   192  C CD  . PRO A 1 29  ? -8.405  -4.248  15.762  1.00 51.60  ? 46   PRO A CD  1 
ATOM   193  N N   . ARG A 1 30  ? -5.499  -7.920  15.669  1.00 57.19  ? 47   ARG A N   1 
ATOM   194  C CA  . ARG A 1 30  ? -5.512  -9.361  15.384  1.00 58.27  ? 47   ARG A CA  1 
ATOM   195  C C   . ARG A 1 30  ? -6.496  -10.148 16.276  1.00 63.92  ? 47   ARG A C   1 
ATOM   196  O O   . ARG A 1 30  ? -6.713  -11.337 16.040  1.00 63.69  ? 47   ARG A O   1 
ATOM   197  C CB  . ARG A 1 30  ? -4.090  -9.939  15.445  1.00 60.14  ? 47   ARG A CB  1 
ATOM   198  N N   . SER A 1 31  ? -7.118  -9.468  17.271  1.00 62.72  ? 48   SER A N   1 
ATOM   199  C CA  . SER A 1 31  ? -8.116  -10.036 18.195  1.00 63.83  ? 48   SER A CA  1 
ATOM   200  C C   . SER A 1 31  ? -9.426  -10.366 17.461  1.00 69.28  ? 48   SER A C   1 
ATOM   201  O O   . SER A 1 31  ? -10.144 -11.292 17.850  1.00 68.66  ? 48   SER A O   1 
ATOM   202  C CB  . SER A 1 31  ? -8.404  -9.061  19.338  1.00 67.39  ? 48   SER A CB  1 
ATOM   203  O OG  . SER A 1 31  ? -9.071  -7.881  18.909  1.00 73.84  ? 48   SER A OG  1 
ATOM   204  N N   . ASP A 1 32  ? -9.718  -9.590  16.396  1.00 66.88  ? 49   ASP A N   1 
ATOM   205  C CA  . ASP A 1 32  ? -10.902 -9.670  15.537  1.00 66.96  ? 49   ASP A CA  1 
ATOM   206  C C   . ASP A 1 32  ? -11.144 -11.040 14.880  1.00 72.30  ? 49   ASP A C   1 
ATOM   207  O O   . ASP A 1 32  ? -12.281 -11.342 14.517  1.00 71.61  ? 49   ASP A O   1 
ATOM   208  C CB  . ASP A 1 32  ? -10.836 -8.562  14.470  1.00 68.18  ? 49   ASP A CB  1 
ATOM   209  C CG  . ASP A 1 32  ? -11.314 -7.208  14.972  1.00 73.76  ? 49   ASP A CG  1 
ATOM   210  O OD1 . ASP A 1 32  ? -11.168 -6.934  16.187  1.00 70.84  ? 49   ASP A OD1 1 
ATOM   211  O OD2 . ASP A 1 32  ? -11.863 -6.433  14.155  1.00 82.82  ? 49   ASP A OD2 1 
ATOM   212  N N   . SER A 1 33  ? -10.075 -11.859 14.741  1.00 69.75  ? 50   SER A N   1 
ATOM   213  C CA  . SER A 1 33  ? -10.072 -13.197 14.134  1.00 69.67  ? 50   SER A CA  1 
ATOM   214  C C   . SER A 1 33  ? -10.730 -13.217 12.734  1.00 73.49  ? 50   SER A C   1 
ATOM   215  O O   . SER A 1 33  ? -11.548 -14.088 12.411  1.00 73.44  ? 50   SER A O   1 
ATOM   216  C CB  . SER A 1 33  ? -10.659 -14.250 15.074  1.00 73.07  ? 50   SER A CB  1 
ATOM   217  O OG  . SER A 1 33  ? -10.089 -15.521 14.805  1.00 81.00  ? 50   SER A OG  1 
ATOM   218  N N   . VAL A 1 34  ? -10.357 -12.217 11.914  1.00 69.13  ? 51   VAL A N   1 
ATOM   219  C CA  . VAL A 1 34  ? -10.766 -12.083 10.517  1.00 68.23  ? 51   VAL A CA  1 
ATOM   220  C C   . VAL A 1 34  ? -9.493  -12.455 9.752   1.00 68.57  ? 51   VAL A C   1 
ATOM   221  O O   . VAL A 1 34  ? -8.402  -12.310 10.302  1.00 68.27  ? 51   VAL A O   1 
ATOM   222  C CB  . VAL A 1 34  ? -11.250 -10.642 10.164  1.00 72.74  ? 51   VAL A CB  1 
ATOM   223  C CG1 . VAL A 1 34  ? -11.918 -10.600 8.790   1.00 72.68  ? 51   VAL A CG1 1 
ATOM   224  C CG2 . VAL A 1 34  ? -12.198 -10.089 11.227  1.00 72.68  ? 51   VAL A CG2 1 
ATOM   225  N N   . THR A 1 35  ? -9.612  -12.972 8.527   1.00 63.24  ? 52   THR A N   1 
ATOM   226  C CA  . THR A 1 35  ? -8.426  -13.322 7.757   1.00 62.57  ? 52   THR A CA  1 
ATOM   227  C C   . THR A 1 35  ? -7.728  -12.022 7.271   1.00 64.32  ? 52   THR A C   1 
ATOM   228  O O   . THR A 1 35  ? -8.357  -11.203 6.586   1.00 63.84  ? 52   THR A O   1 
ATOM   229  C CB  . THR A 1 35  ? -8.711  -14.379 6.657   1.00 74.80  ? 52   THR A CB  1 
ATOM   230  O OG1 . THR A 1 35  ? -7.503  -14.655 5.940   1.00 73.84  ? 52   THR A OG1 1 
ATOM   231  C CG2 . THR A 1 35  ? -9.826  -13.969 5.680   1.00 75.80  ? 52   THR A CG2 1 
ATOM   232  N N   . PRO A 1 36  ? -6.456  -11.775 7.682   1.00 58.15  ? 53   PRO A N   1 
ATOM   233  C CA  . PRO A 1 36  ? -5.777  -10.552 7.210   1.00 55.78  ? 53   PRO A CA  1 
ATOM   234  C C   . PRO A 1 36  ? -5.487  -10.706 5.729   1.00 54.73  ? 53   PRO A C   1 
ATOM   235  O O   . PRO A 1 36  ? -5.292  -11.834 5.270   1.00 55.96  ? 53   PRO A O   1 
ATOM   236  C CB  . PRO A 1 36  ? -4.475  -10.513 8.028   1.00 57.64  ? 53   PRO A CB  1 
ATOM   237  C CG  . PRO A 1 36  ? -4.567  -11.628 9.035   1.00 62.96  ? 53   PRO A CG  1 
ATOM   238  C CD  . PRO A 1 36  ? -5.551  -12.616 8.495   1.00 58.96  ? 53   PRO A CD  1 
ATOM   239  N N   . VAL A 1 37  ? -5.488  -9.615  4.964   1.00 45.42  ? 54   VAL A N   1 
ATOM   240  C CA  . VAL A 1 37  ? -5.157  -9.763  3.557   1.00 43.53  ? 54   VAL A CA  1 
ATOM   241  C C   . VAL A 1 37  ? -3.706  -10.192 3.459   1.00 45.53  ? 54   VAL A C   1 
ATOM   242  O O   . VAL A 1 37  ? -2.881  -9.812  4.309   1.00 43.79  ? 54   VAL A O   1 
ATOM   243  C CB  . VAL A 1 37  ? -5.421  -8.500  2.675   1.00 47.91  ? 54   VAL A CB  1 
ATOM   244  C CG1 . VAL A 1 37  ? -6.903  -8.258  2.462   1.00 47.26  ? 54   VAL A CG1 1 
ATOM   245  C CG2 . VAL A 1 37  ? -4.732  -7.243  3.216   1.00 47.74  ? 54   VAL A CG2 1 
ATOM   246  N N   . THR A 1 38  ? -3.406  -11.002 2.447   1.00 41.05  ? 55   THR A N   1 
ATOM   247  C CA  . THR A 1 38  ? -2.044  -11.371 2.150   1.00 41.17  ? 55   THR A CA  1 
ATOM   248  C C   . THR A 1 38  ? -1.662  -10.362 1.098   1.00 44.55  ? 55   THR A C   1 
ATOM   249  O O   . THR A 1 38  ? -2.269  -10.294 0.019   1.00 44.17  ? 55   THR A O   1 
ATOM   250  C CB  . THR A 1 38  ? -1.906  -12.834 1.711   1.00 46.88  ? 55   THR A CB  1 
ATOM   251  O OG1 . THR A 1 38  ? -2.234  -13.653 2.820   1.00 51.29  ? 55   THR A OG1 1 
ATOM   252  C CG2 . THR A 1 38  ? -0.507  -13.174 1.271   1.00 45.61  ? 55   THR A CG2 1 
ATOM   253  N N   . VAL A 1 39  ? -0.684  -9.550  1.437   1.00 39.64  ? 56   VAL A N   1 
ATOM   254  C CA  . VAL A 1 39  ? -0.210  -8.515  0.553   1.00 39.29  ? 56   VAL A CA  1 
ATOM   255  C C   . VAL A 1 39  ? 0.934   -9.033  -0.285  1.00 44.07  ? 56   VAL A C   1 
ATOM   256  O O   . VAL A 1 39  ? 1.787   -9.763  0.209   1.00 45.59  ? 56   VAL A O   1 
ATOM   257  C CB  . VAL A 1 39  ? 0.162   -7.239  1.353   1.00 42.32  ? 56   VAL A CB  1 
ATOM   258  C CG1 . VAL A 1 39  ? 0.902   -6.237  0.485   1.00 41.04  ? 56   VAL A CG1 1 
ATOM   259  C CG2 . VAL A 1 39  ? -1.082  -6.603  1.974   1.00 41.87  ? 56   VAL A CG2 1 
ATOM   260  N N   . ALA A 1 40  ? 0.963   -8.629  -1.540  1.00 38.32  ? 57   ALA A N   1 
ATOM   261  C CA  . ALA A 1 40  ? 2.043   -8.954  -2.432  1.00 37.53  ? 57   ALA A CA  1 
ATOM   262  C C   . ALA A 1 40  ? 2.726   -7.652  -2.750  1.00 38.52  ? 57   ALA A C   1 
ATOM   263  O O   . ALA A 1 40  ? 2.065   -6.621  -2.914  1.00 36.77  ? 57   ALA A O   1 
ATOM   264  C CB  . ALA A 1 40  ? 1.505   -9.599  -3.699  1.00 38.57  ? 57   ALA A CB  1 
ATOM   265  N N   . VAL A 1 41  ? 4.057   -7.674  -2.749  1.00 34.25  ? 58   VAL A N   1 
ATOM   266  C CA  . VAL A 1 41  ? 4.865   -6.517  -3.063  1.00 33.70  ? 58   VAL A CA  1 
ATOM   267  C C   . VAL A 1 41  ? 5.946   -6.961  -4.010  1.00 38.99  ? 58   VAL A C   1 
ATOM   268  O O   . VAL A 1 41  ? 6.497   -8.050  -3.847  1.00 40.51  ? 58   VAL A O   1 
ATOM   269  C CB  . VAL A 1 41  ? 5.450   -5.768  -1.816  1.00 37.92  ? 58   VAL A CB  1 
ATOM   270  C CG1 . VAL A 1 41  ? 4.352   -5.227  -0.919  1.00 37.46  ? 58   VAL A CG1 1 
ATOM   271  C CG2 . VAL A 1 41  ? 6.410   -6.640  -1.004  1.00 37.63  ? 58   VAL A CG2 1 
ATOM   272  N N   . ILE A 1 42  ? 6.258   -6.128  -4.989  1.00 34.25  ? 59   ILE A N   1 
ATOM   273  C CA  . ILE A 1 42  ? 7.340   -6.386  -5.928  1.00 34.29  ? 59   ILE A CA  1 
ATOM   274  C C   . ILE A 1 42  ? 7.937   -5.072  -6.374  1.00 38.17  ? 59   ILE A C   1 
ATOM   275  O O   . ILE A 1 42  ? 7.211   -4.099  -6.583  1.00 37.29  ? 59   ILE A O   1 
ATOM   276  C CB  . ILE A 1 42  ? 6.947   -7.342  -7.100  1.00 38.03  ? 59   ILE A CB  1 
ATOM   277  C CG1 . ILE A 1 42  ? 8.218   -7.916  -7.792  1.00 38.54  ? 59   ILE A CG1 1 
ATOM   278  C CG2 . ILE A 1 42  ? 5.991   -6.685  -8.116  1.00 38.19  ? 59   ILE A CG2 1 
ATOM   279  C CD1 . ILE A 1 42  ? 8.052   -9.270  -8.330  1.00 44.65  ? 59   ILE A CD1 1 
ATOM   280  N N   . THR A 1 43  ? 9.265   -5.015  -6.441  1.00 35.89  ? 60   THR A N   1 
ATOM   281  C CA  . THR A 1 43  ? 9.992   -3.840  -6.884  1.00 37.47  ? 60   THR A CA  1 
ATOM   282  C C   . THR A 1 43  ? 9.828   -3.697  -8.409  1.00 46.36  ? 60   THR A C   1 
ATOM   283  O O   . THR A 1 43  ? 9.795   -4.697  -9.128  1.00 43.86  ? 60   THR A O   1 
ATOM   284  C CB  . THR A 1 43  ? 11.451  -3.905  -6.401  1.00 45.77  ? 60   THR A CB  1 
ATOM   285  O OG1 . THR A 1 43  ? 11.433  -4.019  -4.975  1.00 46.25  ? 60   THR A OG1 1 
ATOM   286  C CG2 . THR A 1 43  ? 12.240  -2.674  -6.756  1.00 46.21  ? 60   THR A CG2 1 
ATOM   287  N N   . CYS A 1 44  ? 9.669   -2.452  -8.869  1.00 46.71  ? 61   CYS A N   1 
ATOM   288  C CA  . CYS A 1 44  ? 9.508   -2.122  -10.270 1.00 48.66  ? 61   CYS A CA  1 
ATOM   289  C C   . CYS A 1 44  ? 10.890  -2.054  -10.921 1.00 55.32  ? 61   CYS A C   1 
ATOM   290  O O   . CYS A 1 44  ? 11.801  -1.424  -10.385 1.00 54.17  ? 61   CYS A O   1 
ATOM   291  C CB  . CYS A 1 44  ? 8.758   -0.804  -10.422 1.00 49.30  ? 61   CYS A CB  1 
ATOM   292  S SG  . CYS A 1 44  ? 8.580   -0.254  -12.139 1.00 53.46  ? 61   CYS A SG  1 
ATOM   293  N N   . LYS A 1 45  ? 11.019  -2.655  -12.108 1.00 53.79  ? 62   LYS A N   1 
ATOM   294  C CA  . LYS A 1 45  ? 12.263  -2.716  -12.881 1.00 54.82  ? 62   LYS A CA  1 
ATOM   295  C C   . LYS A 1 45  ? 12.790  -1.357  -13.384 1.00 64.82  ? 62   LYS A C   1 
ATOM   296  O O   . LYS A 1 45  ? 13.935  -1.296  -13.847 1.00 65.59  ? 62   LYS A O   1 
ATOM   297  C CB  . LYS A 1 45  ? 12.097  -3.659  -14.089 1.00 55.27  ? 62   LYS A CB  1 
ATOM   298  C CG  . LYS A 1 45  ? 11.299  -4.922  -13.822 1.00 53.27  ? 62   LYS A CG  1 
ATOM   299  C CD  . LYS A 1 45  ? 11.037  -5.679  -15.123 1.00 64.16  ? 62   LYS A CD  1 
ATOM   300  C CE  . LYS A 1 45  ? 10.197  -6.913  -14.927 1.00 72.93  ? 62   LYS A CE  1 
ATOM   301  N NZ  . LYS A 1 45  ? 10.058  -7.685  -16.188 1.00 86.46  ? 62   LYS A NZ  1 
ATOM   302  N N   . TYR A 1 46  ? 11.979  -0.280  -13.318 1.00 64.21  ? 63   TYR A N   1 
ATOM   303  C CA  . TYR A 1 46  ? 12.368  1.022   -13.869 1.00 65.63  ? 63   TYR A CA  1 
ATOM   304  C C   . TYR A 1 46  ? 12.395  2.158   -12.818 1.00 71.41  ? 63   TYR A C   1 
ATOM   305  O O   . TYR A 1 46  ? 11.536  3.045   -12.868 1.00 71.49  ? 63   TYR A O   1 
ATOM   306  C CB  . TYR A 1 46  ? 11.467  1.374   -15.087 1.00 67.84  ? 63   TYR A CB  1 
ATOM   307  C CG  . TYR A 1 46  ? 11.019  0.156   -15.875 1.00 71.15  ? 63   TYR A CG  1 
ATOM   308  C CD1 . TYR A 1 46  ? 11.829  -0.398  -16.864 1.00 73.47  ? 63   TYR A CD1 1 
ATOM   309  C CD2 . TYR A 1 46  ? 9.817   -0.486  -15.583 1.00 72.16  ? 63   TYR A CD2 1 
ATOM   310  C CE1 . TYR A 1 46  ? 11.443  -1.546  -17.559 1.00 74.13  ? 63   TYR A CE1 1 
ATOM   311  C CE2 . TYR A 1 46  ? 9.425   -1.639  -16.264 1.00 73.08  ? 63   TYR A CE2 1 
ATOM   312  C CZ  . TYR A 1 46  ? 10.239  -2.162  -17.255 1.00 80.67  ? 63   TYR A CZ  1 
ATOM   313  O OH  . TYR A 1 46  ? 9.847   -3.294  -17.931 1.00 82.64  ? 63   TYR A OH  1 
ATOM   314  N N   . PRO A 1 47  ? 13.385  2.186   -11.882 1.00 68.96  ? 64   PRO A N   1 
ATOM   315  C CA  . PRO A 1 47  ? 13.404  3.262   -10.868 1.00 68.80  ? 64   PRO A CA  1 
ATOM   316  C C   . PRO A 1 47  ? 13.990  4.591   -11.335 1.00 72.56  ? 64   PRO A C   1 
ATOM   317  O O   . PRO A 1 47  ? 13.512  5.643   -10.907 1.00 71.96  ? 64   PRO A O   1 
ATOM   318  C CB  . PRO A 1 47  ? 14.229  2.663   -9.711  1.00 70.23  ? 64   PRO A CB  1 
ATOM   319  C CG  . PRO A 1 47  ? 14.642  1.283   -10.157 1.00 74.57  ? 64   PRO A CG  1 
ATOM   320  C CD  . PRO A 1 47  ? 14.480  1.228   -11.639 1.00 70.39  ? 64   PRO A CD  1 
ATOM   321  N N   . GLU A 1 48  ? 15.030  4.542   -12.199 1.00 69.42  ? 65   GLU A N   1 
ATOM   322  C CA  . GLU A 1 48  ? 15.783  5.688   -12.736 1.00 68.76  ? 65   GLU A CA  1 
ATOM   323  C C   . GLU A 1 48  ? 14.907  6.790   -13.383 1.00 71.12  ? 65   GLU A C   1 
ATOM   324  O O   . GLU A 1 48  ? 15.286  7.962   -13.333 1.00 70.55  ? 65   GLU A O   1 
ATOM   325  C CB  . GLU A 1 48  ? 16.903  5.222   -13.703 1.00 70.20  ? 65   GLU A CB  1 
ATOM   326  C CG  . GLU A 1 48  ? 16.449  4.609   -15.026 1.00 83.39  ? 65   GLU A CG  1 
ATOM   327  C CD  . GLU A 1 48  ? 15.792  3.240   -14.983 1.00 105.53 ? 65   GLU A CD  1 
ATOM   328  O OE1 . GLU A 1 48  ? 16.331  2.333   -14.308 1.00 90.27  ? 65   GLU A OE1 1 
ATOM   329  O OE2 . GLU A 1 48  ? 14.739  3.074   -15.640 1.00 105.12 ? 65   GLU A OE2 1 
ATOM   330  N N   . ALA A 1 49  ? 13.744  6.414   -13.957 1.00 66.41  ? 66   ALA A N   1 
ATOM   331  C CA  . ALA A 1 49  ? 12.807  7.339   -14.602 1.00 65.50  ? 66   ALA A CA  1 
ATOM   332  C C   . ALA A 1 49  ? 11.992  8.203   -13.601 1.00 66.67  ? 66   ALA A C   1 
ATOM   333  O O   . ALA A 1 49  ? 11.457  9.245   -13.996 1.00 66.18  ? 66   ALA A O   1 
ATOM   334  C CB  . ALA A 1 49  ? 11.866  6.563   -15.517 1.00 66.39  ? 66   ALA A CB  1 
ATOM   335  N N   . LEU A 1 50  ? 11.921  7.785   -12.313 1.00 60.46  ? 67   LEU A N   1 
ATOM   336  C CA  . LEU A 1 50  ? 11.154  8.499   -11.276 1.00 58.19  ? 67   LEU A CA  1 
ATOM   337  C C   . LEU A 1 50  ? 12.032  9.358   -10.334 1.00 58.87  ? 67   LEU A C   1 
ATOM   338  O O   . LEU A 1 50  ? 13.232  9.514   -10.583 1.00 57.75  ? 67   LEU A O   1 
ATOM   339  C CB  . LEU A 1 50  ? 10.267  7.521   -10.468 1.00 57.60  ? 67   LEU A CB  1 
ATOM   340  C CG  . LEU A 1 50  ? 9.625   6.308   -11.176 1.00 60.95  ? 67   LEU A CG  1 
ATOM   341  C CD1 . LEU A 1 50  ? 8.992   5.412   -10.170 1.00 60.72  ? 67   LEU A CD1 1 
ATOM   342  C CD2 . LEU A 1 50  ? 8.563   6.713   -12.183 1.00 61.31  ? 67   LEU A CD2 1 
ATOM   343  N N   . GLU A 1 51  ? 11.431  9.923   -9.258  1.00 53.53  ? 68   GLU A N   1 
ATOM   344  C CA  . GLU A 1 51  ? 12.172  10.741  -8.290  1.00 52.51  ? 68   GLU A CA  1 
ATOM   345  C C   . GLU A 1 51  ? 13.150  9.848   -7.538  1.00 54.22  ? 68   GLU A C   1 
ATOM   346  O O   . GLU A 1 51  ? 12.853  8.673   -7.311  1.00 54.07  ? 68   GLU A O   1 
ATOM   347  C CB  . GLU A 1 51  ? 11.232  11.493  -7.323  1.00 53.79  ? 68   GLU A CB  1 
ATOM   348  C CG  . GLU A 1 51  ? 10.333  12.519  -8.007  1.00 62.33  ? 68   GLU A CG  1 
ATOM   349  C CD  . GLU A 1 51  ? 9.307   13.236  -7.146  1.00 90.26  ? 68   GLU A CD  1 
ATOM   350  O OE1 . GLU A 1 51  ? 8.927   14.371  -7.516  1.00 90.66  ? 68   GLU A OE1 1 
ATOM   351  O OE2 . GLU A 1 51  ? 8.872   12.671  -6.114  1.00 84.39  ? 68   GLU A OE2 1 
ATOM   352  N N   . GLN A 1 52  ? 14.333  10.388  -7.216  1.00 48.85  ? 69   GLN A N   1 
ATOM   353  C CA  . GLN A 1 52  ? 15.434  9.694   -6.537  1.00 46.50  ? 69   GLN A CA  1 
ATOM   354  C C   . GLN A 1 52  ? 15.536  10.146  -5.077  1.00 45.57  ? 69   GLN A C   1 
ATOM   355  O O   . GLN A 1 52  ? 15.190  11.286  -4.764  1.00 43.68  ? 69   GLN A O   1 
ATOM   356  C CB  . GLN A 1 52  ? 16.763  10.000  -7.262  1.00 48.16  ? 69   GLN A CB  1 
ATOM   357  C CG  . GLN A 1 52  ? 16.780  9.700   -8.783  1.00 62.13  ? 69   GLN A CG  1 
ATOM   358  C CD  . GLN A 1 52  ? 16.536  8.246   -9.126  1.00 77.93  ? 69   GLN A CD  1 
ATOM   359  O OE1 . GLN A 1 52  ? 17.332  7.355   -8.807  1.00 74.92  ? 69   GLN A OE1 1 
ATOM   360  N NE2 . GLN A 1 52  ? 15.423  7.976   -9.790  1.00 68.68  ? 69   GLN A NE2 1 
ATOM   361  N N   . GLY A 1 53  ? 16.038  9.263   -4.212  1.00 39.93  ? 70   GLY A N   1 
ATOM   362  C CA  . GLY A 1 53  ? 16.190  9.538   -2.786  1.00 38.21  ? 70   GLY A CA  1 
ATOM   363  C C   . GLY A 1 53  ? 14.875  9.519   -2.032  1.00 42.34  ? 70   GLY A C   1 
ATOM   364  O O   . GLY A 1 53  ? 14.743  10.186  -0.996  1.00 41.87  ? 70   GLY A O   1 
ATOM   365  N N   . ARG A 1 54  ? 13.881  8.745   -2.544  1.00 37.83  ? 71   ARG A N   1 
ATOM   366  C CA  . ARG A 1 54  ? 12.533  8.659   -1.935  1.00 37.69  ? 71   ARG A CA  1 
ATOM   367  C C   . ARG A 1 54  ? 12.142  7.229   -1.600  1.00 40.93  ? 71   ARG A C   1 
ATOM   368  O O   . ARG A 1 54  ? 11.017  6.981   -1.173  1.00 39.09  ? 71   ARG A O   1 
ATOM   369  C CB  . ARG A 1 54  ? 11.452  9.311   -2.848  1.00 37.19  ? 71   ARG A CB  1 
ATOM   370  C CG  . ARG A 1 54  ? 11.726  10.764  -3.216  1.00 49.18  ? 71   ARG A CG  1 
ATOM   371  C CD  . ARG A 1 54  ? 10.464  11.607  -3.329  1.00 56.29  ? 71   ARG A CD  1 
ATOM   372  N NE  . ARG A 1 54  ? 9.924   11.956  -2.013  1.00 72.94  ? 71   ARG A NE  1 
ATOM   373  C CZ  . ARG A 1 54  ? 10.280  13.027  -1.308  1.00 88.70  ? 71   ARG A CZ  1 
ATOM   374  N NH1 . ARG A 1 54  ? 9.747   13.249  -0.113  1.00 79.82  ? 71   ARG A NH1 1 
ATOM   375  N NH2 . ARG A 1 54  ? 11.172  13.887  -1.795  1.00 65.09  ? 71   ARG A NH2 1 
ATOM   376  N N   . GLY A 1 55  ? 13.067  6.300   -1.810  1.00 40.03  ? 72   GLY A N   1 
ATOM   377  C CA  . GLY A 1 55  ? 12.848  4.885   -1.556  1.00 40.50  ? 72   GLY A CA  1 
ATOM   378  C C   . GLY A 1 55  ? 12.567  4.159   -2.848  1.00 46.34  ? 72   GLY A C   1 
ATOM   379  O O   . GLY A 1 55  ? 12.358  4.798   -3.875  1.00 47.27  ? 72   GLY A O   1 
ATOM   380  N N   . ASP A 1 56  ? 12.539  2.835   -2.795  1.00 43.60  ? 73   ASP A N   1 
ATOM   381  C CA  . ASP A 1 56  ? 12.323  1.942   -3.928  1.00 43.02  ? 73   ASP A CA  1 
ATOM   382  C C   . ASP A 1 56  ? 10.872  1.938   -4.435  1.00 43.19  ? 73   ASP A C   1 
ATOM   383  O O   . ASP A 1 56  ? 9.984   1.628   -3.653  1.00 41.73  ? 73   ASP A O   1 
ATOM   384  C CB  . ASP A 1 56  ? 12.804  0.509   -3.580  1.00 45.31  ? 73   ASP A CB  1 
ATOM   385  C CG  . ASP A 1 56  ? 12.357  -0.017  -2.207  1.00 59.82  ? 73   ASP A CG  1 
ATOM   386  O OD1 . ASP A 1 56  ? 12.817  0.531   -1.177  1.00 60.20  ? 73   ASP A OD1 1 
ATOM   387  O OD2 . ASP A 1 56  ? 11.572  -0.993  -2.167  1.00 64.18  ? 73   ASP A OD2 1 
ATOM   388  N N   . PRO A 1 57  ? 10.598  2.215   -5.741  1.00 40.19  ? 74   PRO A N   1 
ATOM   389  C CA  . PRO A 1 57  ? 9.193   2.156   -6.217  1.00 38.23  ? 74   PRO A CA  1 
ATOM   390  C C   . PRO A 1 57  ? 8.703   0.723   -6.321  1.00 36.99  ? 74   PRO A C   1 
ATOM   391  O O   . PRO A 1 57  ? 9.362   -0.117  -6.945  1.00 35.22  ? 74   PRO A O   1 
ATOM   392  C CB  . PRO A 1 57  ? 9.232   2.864   -7.580  1.00 40.73  ? 74   PRO A CB  1 
ATOM   393  C CG  . PRO A 1 57  ? 10.636  2.759   -8.035  1.00 45.54  ? 74   PRO A CG  1 
ATOM   394  C CD  . PRO A 1 57  ? 11.526  2.593   -6.828  1.00 41.49  ? 74   PRO A CD  1 
ATOM   395  N N   . ILE A 1 58  ? 7.575   0.417   -5.644  1.00 30.24  ? 75   ILE A N   1 
ATOM   396  C CA  . ILE A 1 58  ? 7.027   -0.941  -5.633  1.00 28.54  ? 75   ILE A CA  1 
ATOM   397  C C   . ILE A 1 58  ? 5.578   -0.956  -6.138  1.00 32.03  ? 75   ILE A C   1 
ATOM   398  O O   . ILE A 1 58  ? 4.886   0.070   -6.039  1.00 30.07  ? 75   ILE A O   1 
ATOM   399  C CB  . ILE A 1 58  ? 7.091   -1.541  -4.182  1.00 31.01  ? 75   ILE A CB  1 
ATOM   400  C CG1 . ILE A 1 58  ? 6.197   -0.770  -3.162  1.00 30.32  ? 75   ILE A CG1 1 
ATOM   401  C CG2 . ILE A 1 58  ? 8.527   -1.664  -3.670  1.00 33.69  ? 75   ILE A CG2 1 
ATOM   402  C CD1 . ILE A 1 58  ? 5.915   -1.570  -1.796  1.00 31.88  ? 75   ILE A CD1 1 
ATOM   403  N N   . TYR A 1 59  ? 5.110   -2.133  -6.602  1.00 29.32  ? 76   TYR A N   1 
ATOM   404  C CA  . TYR A 1 59  ? 3.707   -2.421  -6.884  1.00 29.00  ? 76   TYR A CA  1 
ATOM   405  C C   . TYR A 1 59  ? 3.210   -3.060  -5.648  1.00 30.93  ? 76   TYR A C   1 
ATOM   406  O O   . TYR A 1 59  ? 3.965   -3.733  -4.941  1.00 29.20  ? 76   TYR A O   1 
ATOM   407  C CB  . TYR A 1 59  ? 3.468   -3.339  -8.098  1.00 30.44  ? 76   TYR A CB  1 
ATOM   408  C CG  . TYR A 1 59  ? 3.836   -2.691  -9.403  1.00 31.72  ? 76   TYR A CG  1 
ATOM   409  C CD1 . TYR A 1 59  ? 3.127   -1.594  -9.884  1.00 33.29  ? 76   TYR A CD1 1 
ATOM   410  C CD2 . TYR A 1 59  ? 4.908   -3.156  -10.153 1.00 33.79  ? 76   TYR A CD2 1 
ATOM   411  C CE1 . TYR A 1 59  ? 3.467   -0.982  -11.083 1.00 31.84  ? 76   TYR A CE1 1 
ATOM   412  C CE2 . TYR A 1 59  ? 5.267   -2.547  -11.354 1.00 35.05  ? 76   TYR A CE2 1 
ATOM   413  C CZ  . TYR A 1 59  ? 4.531   -1.471  -11.825 1.00 43.09  ? 76   TYR A CZ  1 
ATOM   414  O OH  . TYR A 1 59  ? 4.892   -0.856  -12.999 1.00 44.18  ? 76   TYR A OH  1 
ATOM   415  N N   . LEU A 1 60  ? 1.947   -2.836  -5.340  1.00 29.45  ? 77   LEU A N   1 
ATOM   416  C CA  . LEU A 1 60  ? 1.367   -3.290  -4.095  1.00 31.51  ? 77   LEU A CA  1 
ATOM   417  C C   . LEU A 1 60  ? -0.013  -3.861  -4.341  1.00 38.48  ? 77   LEU A C   1 
ATOM   418  O O   . LEU A 1 60  ? -0.905  -3.176  -4.854  1.00 38.41  ? 77   LEU A O   1 
ATOM   419  C CB  . LEU A 1 60  ? 1.341   -2.053  -3.167  1.00 32.76  ? 77   LEU A CB  1 
ATOM   420  C CG  . LEU A 1 60  ? 0.782   -2.141  -1.751  1.00 39.25  ? 77   LEU A CG  1 
ATOM   421  C CD1 . LEU A 1 60  ? 1.569   -3.103  -0.897  1.00 39.93  ? 77   LEU A CD1 1 
ATOM   422  C CD2 . LEU A 1 60  ? 0.873   -0.756  -1.067  1.00 38.77  ? 77   LEU A CD2 1 
ATOM   423  N N   . GLY A 1 61  ? -0.175  -5.127  -4.021  1.00 37.37  ? 78   GLY A N   1 
ATOM   424  C CA  . GLY A 1 61  ? -1.457  -5.774  -4.251  1.00 38.61  ? 78   GLY A CA  1 
ATOM   425  C C   . GLY A 1 61  ? -1.865  -6.709  -3.149  1.00 45.21  ? 78   GLY A C   1 
ATOM   426  O O   . GLY A 1 61  ? -1.224  -6.767  -2.100  1.00 46.20  ? 78   GLY A O   1 
ATOM   427  N N   . ILE A 1 62  ? -2.959  -7.410  -3.375  1.00 41.31  ? 79   ILE A N   1 
ATOM   428  C CA  . ILE A 1 62  ? -3.520  -8.398  -2.466  1.00 42.35  ? 79   ILE A CA  1 
ATOM   429  C C   . ILE A 1 62  ? -3.832  -9.677  -3.269  1.00 48.89  ? 79   ILE A C   1 
ATOM   430  O O   . ILE A 1 62  ? -4.033  -9.611  -4.489  1.00 46.12  ? 79   ILE A O   1 
ATOM   431  C CB  . ILE A 1 62  ? -4.715  -7.897  -1.603  1.00 45.59  ? 79   ILE A CB  1 
ATOM   432  C CG1 . ILE A 1 62  ? -5.905  -7.416  -2.478  1.00 46.26  ? 79   ILE A CG1 1 
ATOM   433  C CG2 . ILE A 1 62  ? -4.273  -6.831  -0.566  1.00 46.40  ? 79   ILE A CG2 1 
ATOM   434  C CD1 . ILE A 1 62  ? -7.209  -7.031  -1.695  1.00 52.16  ? 79   ILE A CD1 1 
ATOM   435  N N   . GLN A 1 63  ? -3.782  -10.830 -2.584  1.00 48.78  ? 80   GLN A N   1 
ATOM   436  C CA  . GLN A 1 63  ? -4.069  -12.159 -3.120  1.00 49.84  ? 80   GLN A CA  1 
ATOM   437  C C   . GLN A 1 63  ? -5.379  -12.577 -2.496  1.00 58.79  ? 80   GLN A C   1 
ATOM   438  O O   . GLN A 1 63  ? -5.576  -12.343 -1.295  1.00 60.78  ? 80   GLN A O   1 
ATOM   439  C CB  . GLN A 1 63  ? -3.006  -13.181 -2.669  1.00 50.64  ? 80   GLN A CB  1 
ATOM   440  C CG  . GLN A 1 63  ? -1.588  -12.922 -3.144  1.00 59.12  ? 80   GLN A CG  1 
ATOM   441  C CD  . GLN A 1 63  ? -0.661  -14.059 -2.771  1.00 68.90  ? 80   GLN A CD  1 
ATOM   442  O OE1 . GLN A 1 63  ? -0.907  -14.834 -1.830  1.00 57.49  ? 80   GLN A OE1 1 
ATOM   443  N NE2 . GLN A 1 63  ? 0.433   -14.181 -3.506  1.00 62.46  ? 80   GLN A NE2 1 
ATOM   444  N N   . ASN A 1 64  ? -6.240  -13.247 -3.285  1.00 56.41  ? 81   ASN A N   1 
ATOM   445  C CA  . ASN A 1 64  ? -7.560  -13.767 -2.895  1.00 56.84  ? 81   ASN A CA  1 
ATOM   446  C C   . ASN A 1 64  ? -8.418  -12.716 -2.154  1.00 61.37  ? 81   ASN A C   1 
ATOM   447  O O   . ASN A 1 64  ? -8.470  -12.735 -0.922  1.00 62.05  ? 81   ASN A O   1 
ATOM   448  C CB  . ASN A 1 64  ? -7.460  -15.095 -2.119  1.00 57.43  ? 81   ASN A CB  1 
ATOM   449  N N   . PRO A 1 65  ? -9.097  -11.790 -2.874  1.00 56.82  ? 82   PRO A N   1 
ATOM   450  C CA  . PRO A 1 65  ? -9.139  -11.636 -4.339  1.00 56.27  ? 82   PRO A CA  1 
ATOM   451  C C   . PRO A 1 65  ? -7.918  -10.905 -4.900  1.00 59.64  ? 82   PRO A C   1 
ATOM   452  O O   . PRO A 1 65  ? -7.387  -10.005 -4.246  1.00 60.17  ? 82   PRO A O   1 
ATOM   453  C CB  . PRO A 1 65  ? -10.460 -10.892 -4.568  1.00 57.93  ? 82   PRO A CB  1 
ATOM   454  C CG  . PRO A 1 65  ? -10.632 -10.049 -3.337  1.00 62.74  ? 82   PRO A CG  1 
ATOM   455  C CD  . PRO A 1 65  ? -9.941  -10.786 -2.200  1.00 58.46  ? 82   PRO A CD  1 
ATOM   456  N N   . GLU A 1 66  ? -7.476  -11.309 -6.111  1.00 53.58  ? 83   GLU A N   1 
ATOM   457  C CA  . GLU A 1 66  ? -6.324  -10.755 -6.804  1.00 52.07  ? 83   GLU A CA  1 
ATOM   458  C C   . GLU A 1 66  ? -6.587  -9.325  -7.277  1.00 53.88  ? 83   GLU A C   1 
ATOM   459  O O   . GLU A 1 66  ? -7.118  -9.099  -8.369  1.00 52.52  ? 83   GLU A O   1 
ATOM   460  C CB  . GLU A 1 66  ? -5.869  -11.677 -7.949  1.00 53.35  ? 83   GLU A CB  1 
ATOM   461  N N   . MET A 1 67  ? -6.216  -8.351  -6.426  1.00 48.87  ? 84   MET A N   1 
ATOM   462  C CA  . MET A 1 67  ? -6.409  -6.920  -6.697  1.00 47.45  ? 84   MET A CA  1 
ATOM   463  C C   . MET A 1 67  ? -5.129  -6.137  -6.410  1.00 48.02  ? 84   MET A C   1 
ATOM   464  O O   . MET A 1 67  ? -4.385  -6.519  -5.516  1.00 47.17  ? 84   MET A O   1 
ATOM   465  C CB  . MET A 1 67  ? -7.536  -6.363  -5.816  1.00 49.85  ? 84   MET A CB  1 
ATOM   466  C CG  . MET A 1 67  ? -8.887  -7.006  -6.055  1.00 54.37  ? 84   MET A CG  1 
ATOM   467  S SD  . MET A 1 67  ? -10.151 -6.253  -5.023  1.00 59.86  ? 84   MET A SD  1 
ATOM   468  C CE  . MET A 1 67  ? -10.866 -5.147  -6.211  1.00 56.74  ? 84   MET A CE  1 
ATOM   469  N N   . CYS A 1 68  ? -4.892  -5.040  -7.142  1.00 41.71  ? 85   CYS A N   1 
ATOM   470  C CA  . CYS A 1 68  ? -3.758  -4.143  -6.932  1.00 40.07  ? 85   CYS A CA  1 
ATOM   471  C C   . CYS A 1 68  ? -4.234  -2.763  -6.516  1.00 40.39  ? 85   CYS A C   1 
ATOM   472  O O   . CYS A 1 68  ? -5.259  -2.279  -7.010  1.00 36.51  ? 85   CYS A O   1 
ATOM   473  C CB  . CYS A 1 68  ? -2.868  -4.076  -8.162  1.00 40.86  ? 85   CYS A CB  1 
ATOM   474  S SG  . CYS A 1 68  ? -1.907  -5.582  -8.452  1.00 45.71  ? 85   CYS A SG  1 
ATOM   475  N N   . LEU A 1 69  ? -3.453  -2.107  -5.645  1.00 35.55  ? 86   LEU A N   1 
ATOM   476  C CA  . LEU A 1 69  ? -3.766  -0.770  -5.182  1.00 33.54  ? 86   LEU A CA  1 
ATOM   477  C C   . LEU A 1 69  ? -3.249  0.241   -6.176  1.00 32.67  ? 86   LEU A C   1 
ATOM   478  O O   . LEU A 1 69  ? -2.188  0.061   -6.750  1.00 30.27  ? 86   LEU A O   1 
ATOM   479  C CB  . LEU A 1 69  ? -3.140  -0.508  -3.792  1.00 33.26  ? 86   LEU A CB  1 
ATOM   480  C CG  . LEU A 1 69  ? -3.816  -1.175  -2.590  1.00 37.53  ? 86   LEU A CG  1 
ATOM   481  C CD1 . LEU A 1 69  ? -2.897  -1.173  -1.365  1.00 36.59  ? 86   LEU A CD1 1 
ATOM   482  C CD2 . LEU A 1 69  ? -5.141  -0.476  -2.232  1.00 39.78  ? 86   LEU A CD2 1 
ATOM   483  N N   . TYR A 1 70  ? -3.992  1.327   -6.376  1.00 29.73  ? 87   TYR A N   1 
ATOM   484  C CA  . TYR A 1 70  ? -3.526  2.403   -7.233  1.00 28.13  ? 87   TYR A CA  1 
ATOM   485  C C   . TYR A 1 70  ? -4.115  3.720   -6.721  1.00 30.67  ? 87   TYR A C   1 
ATOM   486  O O   . TYR A 1 70  ? -5.023  3.709   -5.916  1.00 30.46  ? 87   TYR A O   1 
ATOM   487  C CB  . TYR A 1 70  ? -3.834  2.148   -8.741  1.00 28.66  ? 87   TYR A CB  1 
ATOM   488  C CG  . TYR A 1 70  ? -5.298  2.283   -9.094  1.00 29.74  ? 87   TYR A CG  1 
ATOM   489  C CD1 . TYR A 1 70  ? -6.196  1.263   -8.814  1.00 31.57  ? 87   TYR A CD1 1 
ATOM   490  C CD2 . TYR A 1 70  ? -5.781  3.423   -9.726  1.00 30.72  ? 87   TYR A CD2 1 
ATOM   491  C CE1 . TYR A 1 70  ? -7.552  1.387   -9.119  1.00 32.99  ? 87   TYR A CE1 1 
ATOM   492  C CE2 . TYR A 1 70  ? -7.139  3.576   -10.006 1.00 31.61  ? 87   TYR A CE2 1 
ATOM   493  C CZ  . TYR A 1 70  ? -8.013  2.540   -9.728  1.00 36.91  ? 87   TYR A CZ  1 
ATOM   494  O OH  . TYR A 1 70  ? -9.344  2.670   -10.006 1.00 40.39  ? 87   TYR A OH  1 
ATOM   495  N N   . CYS A 1 71  ? -3.617  4.826   -7.232  1.00 27.37  ? 88   CYS A N   1 
ATOM   496  C CA  . CYS A 1 71  ? -4.014  6.164   -6.872  1.00 27.46  ? 88   CYS A CA  1 
ATOM   497  C C   . CYS A 1 71  ? -4.699  6.810   -8.063  1.00 33.87  ? 88   CYS A C   1 
ATOM   498  O O   . CYS A 1 71  ? -4.147  6.850   -9.173  1.00 31.64  ? 88   CYS A O   1 
ATOM   499  C CB  . CYS A 1 71  ? -2.798  6.966   -6.420  1.00 28.35  ? 88   CYS A CB  1 
ATOM   500  S SG  . CYS A 1 71  ? -1.841  6.140   -5.117  1.00 33.78  ? 88   CYS A SG  1 
ATOM   501  N N   . GLU A 1 72  ? -5.896  7.332   -7.806  1.00 34.59  ? 89   GLU A N   1 
ATOM   502  C CA  . GLU A 1 72  ? -6.726  8.002   -8.808  1.00 36.04  ? 89   GLU A CA  1 
ATOM   503  C C   . GLU A 1 72  ? -7.254  9.295   -8.197  1.00 37.52  ? 89   GLU A C   1 
ATOM   504  O O   . GLU A 1 72  ? -7.760  9.290   -7.075  1.00 36.11  ? 89   GLU A O   1 
ATOM   505  C CB  . GLU A 1 72  ? -7.913  7.085   -9.188  1.00 38.22  ? 89   GLU A CB  1 
ATOM   506  C CG  . GLU A 1 72  ? -8.788  7.619   -10.323 1.00 56.79  ? 89   GLU A CG  1 
ATOM   507  C CD  . GLU A 1 72  ? -10.271 7.281   -10.279 1.00 85.61  ? 89   GLU A CD  1 
ATOM   508  O OE1 . GLU A 1 72  ? -11.070 8.093   -10.802 1.00 92.70  ? 89   GLU A OE1 1 
ATOM   509  O OE2 . GLU A 1 72  ? -10.640 6.217   -9.729  1.00 74.12  ? 89   GLU A OE2 1 
ATOM   510  N N   . LYS A 1 73  ? -7.193  10.367  -8.954  1.00 35.80  ? 90   LYS A N   1 
ATOM   511  C CA  . LYS A 1 73  ? -7.743  11.661  -8.569  1.00 36.98  ? 90   LYS A CA  1 
ATOM   512  C C   . LYS A 1 73  ? -9.296  11.608  -8.690  1.00 41.91  ? 90   LYS A C   1 
ATOM   513  O O   . LYS A 1 73  ? -9.829  11.318  -9.769  1.00 42.49  ? 90   LYS A O   1 
ATOM   514  C CB  . LYS A 1 73  ? -7.164  12.748  -9.490  1.00 40.06  ? 90   LYS A CB  1 
ATOM   515  C CG  . LYS A 1 73  ? -7.228  14.154  -8.925  1.00 54.14  ? 90   LYS A CG  1 
ATOM   516  C CD  . LYS A 1 73  ? -6.328  15.117  -9.702  1.00 71.31  ? 90   LYS A CD  1 
ATOM   517  C CE  . LYS A 1 73  ? -7.049  15.951  -10.739 1.00 88.29  ? 90   LYS A CE  1 
ATOM   518  N NZ  . LYS A 1 73  ? -7.519  17.248  -10.176 1.00 100.10 ? 90   LYS A NZ  1 
ATOM   519  N N   . VAL A 1 74  ? -10.001 11.814  -7.573  1.00 36.55  ? 91   VAL A N   1 
ATOM   520  C CA  . VAL A 1 74  ? -11.477 11.870  -7.525  1.00 36.47  ? 91   VAL A CA  1 
ATOM   521  C C   . VAL A 1 74  ? -11.779 13.333  -7.136  1.00 38.95  ? 91   VAL A C   1 
ATOM   522  O O   . VAL A 1 74  ? -11.652 13.711  -5.970  1.00 37.09  ? 91   VAL A O   1 
ATOM   523  C CB  . VAL A 1 74  ? -12.099 10.810  -6.577  1.00 40.37  ? 91   VAL A CB  1 
ATOM   524  C CG1 . VAL A 1 74  ? -13.602 11.012  -6.400  1.00 40.32  ? 91   VAL A CG1 1 
ATOM   525  C CG2 . VAL A 1 74  ? -11.815 9.394   -7.065  1.00 40.63  ? 91   VAL A CG2 1 
ATOM   526  N N   . GLY A 1 75  ? -12.039 14.151  -8.146  1.00 37.70  ? 92   GLY A N   1 
ATOM   527  C CA  . GLY A 1 75  ? -12.237 15.589  -8.006  1.00 38.43  ? 92   GLY A CA  1 
ATOM   528  C C   . GLY A 1 75  ? -10.908 16.224  -7.654  1.00 43.90  ? 92   GLY A C   1 
ATOM   529  O O   . GLY A 1 75  ? -9.936  16.082  -8.405  1.00 43.35  ? 92   GLY A O   1 
ATOM   530  N N   . GLU A 1 76  ? -10.826 16.860  -6.475  1.00 40.95  ? 93   GLU A N   1 
ATOM   531  C CA  . GLU A 1 76  ? -9.531  17.399  -6.039  1.00 41.24  ? 93   GLU A CA  1 
ATOM   532  C C   . GLU A 1 76  ? -8.852  16.443  -5.063  1.00 45.68  ? 93   GLU A C   1 
ATOM   533  O O   . GLU A 1 76  ? -7.795  16.767  -4.533  1.00 46.65  ? 93   GLU A O   1 
ATOM   534  C CB  . GLU A 1 76  ? -9.646  18.829  -5.469  1.00 43.09  ? 93   GLU A CB  1 
ATOM   535  C CG  . GLU A 1 76  ? -9.951  19.885  -6.527  1.00 56.64  ? 93   GLU A CG  1 
ATOM   536  C CD  . GLU A 1 76  ? -9.141  19.808  -7.809  1.00 84.52  ? 93   GLU A CD  1 
ATOM   537  O OE1 . GLU A 1 76  ? -9.757  19.659  -8.890  1.00 89.39  ? 93   GLU A OE1 1 
ATOM   538  O OE2 . GLU A 1 76  ? -7.892  19.876  -7.735  1.00 82.27  ? 93   GLU A OE2 1 
ATOM   539  N N   . GLN A 1 77  ? -9.418  15.249  -4.847  1.00 40.97  ? 94   GLN A N   1 
ATOM   540  C CA  . GLN A 1 77  ? -8.731  14.356  -3.930  1.00 41.32  ? 94   GLN A CA  1 
ATOM   541  C C   . GLN A 1 77  ? -8.138  13.088  -4.547  1.00 43.00  ? 94   GLN A C   1 
ATOM   542  O O   . GLN A 1 77  ? -8.881  12.281  -5.106  1.00 40.85  ? 94   GLN A O   1 
ATOM   543  C CB  . GLN A 1 77  ? -9.587  13.968  -2.731  1.00 42.67  ? 94   GLN A CB  1 
ATOM   544  C CG  . GLN A 1 77  ? -8.689  13.532  -1.566  1.00 48.62  ? 94   GLN A CG  1 
ATOM   545  C CD  . GLN A 1 77  ? -9.454  13.279  -0.334  1.00 53.93  ? 94   GLN A CD  1 
ATOM   546  O OE1 . GLN A 1 77  ? -10.303 14.069  0.049   1.00 42.00  ? 94   GLN A OE1 1 
ATOM   547  N NE2 . GLN A 1 77  ? -9.177  12.160  0.313   1.00 61.67  ? 94   GLN A NE2 1 
ATOM   548  N N   . PRO A 1 78  ? -6.824  12.839  -4.312  1.00 39.07  ? 95   PRO A N   1 
ATOM   549  C CA  . PRO A 1 78  ? -6.231  11.560  -4.703  1.00 37.42  ? 95   PRO A CA  1 
ATOM   550  C C   . PRO A 1 78  ? -6.828  10.523  -3.769  1.00 38.61  ? 95   PRO A C   1 
ATOM   551  O O   . PRO A 1 78  ? -7.018  10.754  -2.540  1.00 35.48  ? 95   PRO A O   1 
ATOM   552  C CB  . PRO A 1 78  ? -4.735  11.760  -4.399  1.00 39.13  ? 95   PRO A CB  1 
ATOM   553  C CG  . PRO A 1 78  ? -4.547  13.217  -4.330  1.00 44.19  ? 95   PRO A CG  1 
ATOM   554  C CD  . PRO A 1 78  ? -5.805  13.676  -3.657  1.00 40.95  ? 95   PRO A CD  1 
ATOM   555  N N   . THR A 1 79  ? -7.247  9.408   -4.365  1.00 32.60  ? 96   THR A N   1 
ATOM   556  C CA  . THR A 1 79  ? -7.859  8.366   -3.560  1.00 32.45  ? 96   THR A CA  1 
ATOM   557  C C   . THR A 1 79  ? -7.146  7.049   -3.806  1.00 36.42  ? 96   THR A C   1 
ATOM   558  O O   . THR A 1 79  ? -6.644  6.812   -4.904  1.00 36.97  ? 96   THR A O   1 
ATOM   559  C CB  . THR A 1 79  ? -9.370  8.244   -3.853  1.00 41.13  ? 96   THR A CB  1 
ATOM   560  O OG1 . THR A 1 79  ? -9.518  7.708   -5.166  1.00 41.12  ? 96   THR A OG1 1 
ATOM   561  C CG2 . THR A 1 79  ? -10.123 9.584   -3.717  1.00 32.85  ? 96   THR A CG2 1 
ATOM   562  N N   . LEU A 1 80  ? -7.135  6.198   -2.790  1.00 32.98  ? 97   LEU A N   1 
ATOM   563  C CA  . LEU A 1 80  ? -6.550  4.886   -2.877  1.00 32.70  ? 97   LEU A CA  1 
ATOM   564  C C   . LEU A 1 80  ? -7.640  3.955   -3.356  1.00 36.76  ? 97   LEU A C   1 
ATOM   565  O O   . LEU A 1 80  ? -8.748  3.942   -2.793  1.00 35.70  ? 97   LEU A O   1 
ATOM   566  C CB  . LEU A 1 80  ? -6.011  4.443   -1.514  1.00 31.98  ? 97   LEU A CB  1 
ATOM   567  C CG  . LEU A 1 80  ? -5.119  3.210   -1.535  1.00 35.80  ? 97   LEU A CG  1 
ATOM   568  C CD1 . LEU A 1 80  ? -3.782  3.497   -2.295  1.00 34.28  ? 97   LEU A CD1 1 
ATOM   569  C CD2 . LEU A 1 80  ? -4.853  2.736   -0.124  1.00 37.46  ? 97   LEU A CD2 1 
ATOM   570  N N   . GLN A 1 81  ? -7.350  3.190   -4.410  1.00 30.56  ? 98   GLN A N   1 
ATOM   571  C CA  . GLN A 1 81  ? -8.371  2.288   -4.950  1.00 29.94  ? 98   GLN A CA  1 
ATOM   572  C C   . GLN A 1 81  ? -7.801  0.910   -5.169  1.00 35.63  ? 98   GLN A C   1 
ATOM   573  O O   . GLN A 1 81  ? -6.586  0.740   -5.251  1.00 33.52  ? 98   GLN A O   1 
ATOM   574  C CB  . GLN A 1 81  ? -8.894  2.808   -6.315  1.00 30.83  ? 98   GLN A CB  1 
ATOM   575  C CG  . GLN A 1 81  ? -9.424  4.257   -6.352  1.00 41.03  ? 98   GLN A CG  1 
ATOM   576  C CD  . GLN A 1 81  ? -10.784 4.402   -5.695  1.00 51.30  ? 98   GLN A CD  1 
ATOM   577  O OE1 . GLN A 1 81  ? -11.422 3.437   -5.278  1.00 44.36  ? 98   GLN A OE1 1 
ATOM   578  N NE2 . GLN A 1 81  ? -11.266 5.615   -5.585  1.00 46.42  ? 98   GLN A NE2 1 
ATOM   579  N N   . LEU A 1 82  ? -8.690  -0.057  -5.306  1.00 34.09  ? 99   LEU A N   1 
ATOM   580  C CA  . LEU A 1 82  ? -8.350  -1.436  -5.632  1.00 36.52  ? 99   LEU A CA  1 
ATOM   581  C C   . LEU A 1 82  ? -8.898  -1.758  -7.033  1.00 41.85  ? 99   LEU A C   1 
ATOM   582  O O   . LEU A 1 82  ? -10.021 -1.372  -7.371  1.00 41.37  ? 99   LEU A O   1 
ATOM   583  C CB  . LEU A 1 82  ? -8.953  -2.382  -4.578  1.00 36.95  ? 99   LEU A CB  1 
ATOM   584  C CG  . LEU A 1 82  ? -8.185  -2.519  -3.262  1.00 40.45  ? 99   LEU A CG  1 
ATOM   585  C CD1 . LEU A 1 82  ? -9.020  -3.258  -2.244  1.00 40.09  ? 99   LEU A CD1 1 
ATOM   586  C CD2 . LEU A 1 82  ? -6.876  -3.288  -3.475  1.00 41.66  ? 99   LEU A CD2 1 
ATOM   587  N N   . LYS A 1 83  ? -8.083  -2.404  -7.863  1.00 38.44  ? 100  LYS A N   1 
ATOM   588  C CA  . LYS A 1 83  ? -8.479  -2.774  -9.217  1.00 37.73  ? 100  LYS A CA  1 
ATOM   589  C C   . LYS A 1 83  ? -8.255  -4.269  -9.378  1.00 43.56  ? 100  LYS A C   1 
ATOM   590  O O   . LYS A 1 83  ? -7.225  -4.769  -8.910  1.00 41.60  ? 100  LYS A O   1 
ATOM   591  C CB  . LYS A 1 83  ? -7.630  -2.012  -10.233 1.00 39.79  ? 100  LYS A CB  1 
ATOM   592  C CG  . LYS A 1 83  ? -8.254  -1.889  -11.610 1.00 46.89  ? 100  LYS A CG  1 
ATOM   593  C CD  . LYS A 1 83  ? -7.180  -1.568  -12.641 1.00 50.54  ? 100  LYS A CD  1 
ATOM   594  C CE  . LYS A 1 83  ? -7.713  -1.038  -13.948 1.00 49.61  ? 100  LYS A CE  1 
ATOM   595  N NZ  . LYS A 1 83  ? -8.530  -2.043  -14.674 1.00 64.98  ? 100  LYS A NZ  1 
ATOM   596  N N   . GLU A 1 84  ? -9.205  -4.984  -10.041 1.00 40.55  ? 101  GLU A N   1 
ATOM   597  C CA  . GLU A 1 84  ? -9.050  -6.418  -10.335 1.00 41.16  ? 101  GLU A CA  1 
ATOM   598  C C   . GLU A 1 84  ? -7.835  -6.478  -11.227 1.00 46.71  ? 101  GLU A C   1 
ATOM   599  O O   . GLU A 1 84  ? -7.849  -5.970  -12.351 1.00 47.76  ? 101  GLU A O   1 
ATOM   600  C CB  . GLU A 1 84  ? -10.305 -6.979  -11.037 1.00 42.57  ? 101  GLU A CB  1 
ATOM   601  N N   . GLN A 1 85  ? -6.725  -6.937  -10.659 1.00 42.57  ? 102  GLN A N   1 
ATOM   602  C CA  . GLN A 1 85  ? -5.440  -6.913  -11.337 1.00 41.63  ? 102  GLN A CA  1 
ATOM   603  C C   . GLN A 1 85  ? -4.507  -7.856  -10.606 1.00 45.69  ? 102  GLN A C   1 
ATOM   604  O O   . GLN A 1 85  ? -4.509  -7.910  -9.374  1.00 45.40  ? 102  GLN A O   1 
ATOM   605  C CB  . GLN A 1 85  ? -4.887  -5.469  -11.294 1.00 42.35  ? 102  GLN A CB  1 
ATOM   606  C CG  . GLN A 1 85  ? -3.535  -5.240  -11.959 1.00 40.48  ? 102  GLN A CG  1 
ATOM   607  C CD  . GLN A 1 85  ? -3.554  -5.247  -13.458 1.00 57.12  ? 102  GLN A CD  1 
ATOM   608  O OE1 . GLN A 1 85  ? -4.482  -4.750  -14.108 1.00 49.99  ? 102  GLN A OE1 1 
ATOM   609  N NE2 . GLN A 1 85  ? -2.494  -5.785  -14.041 1.00 49.47  ? 102  GLN A NE2 1 
ATOM   610  N N   . LYS A 1 86  ? -3.741  -8.615  -11.366 1.00 42.82  ? 103  LYS A N   1 
ATOM   611  C CA  . LYS A 1 86  ? -2.777  -9.547  -10.815 1.00 42.53  ? 103  LYS A CA  1 
ATOM   612  C C   . LYS A 1 86  ? -1.478  -8.758  -10.748 1.00 44.31  ? 103  LYS A C   1 
ATOM   613  O O   . LYS A 1 86  ? -1.061  -8.181  -11.758 1.00 43.14  ? 103  LYS A O   1 
ATOM   614  C CB  . LYS A 1 86  ? -2.654  -10.800 -11.709 1.00 44.77  ? 103  LYS A CB  1 
ATOM   615  N N   . ILE A 1 87  ? -0.868  -8.666  -9.552  1.00 39.51  ? 104  ILE A N   1 
ATOM   616  C CA  . ILE A 1 87  ? 0.399   -7.913  -9.381  1.00 39.93  ? 104  ILE A CA  1 
ATOM   617  C C   . ILE A 1 87  ? 1.462   -8.367  -10.371 1.00 44.67  ? 104  ILE A C   1 
ATOM   618  O O   . ILE A 1 87  ? 2.241   -7.550  -10.873 1.00 42.67  ? 104  ILE A O   1 
ATOM   619  C CB  . ILE A 1 87  ? 0.909   -7.938  -7.903  1.00 43.07  ? 104  ILE A CB  1 
ATOM   620  C CG1 . ILE A 1 87  ? 1.959   -6.813  -7.670  1.00 42.62  ? 104  ILE A CG1 1 
ATOM   621  C CG2 . ILE A 1 87  ? 1.442   -9.346  -7.487  1.00 44.30  ? 104  ILE A CG2 1 
ATOM   622  C CD1 . ILE A 1 87  ? 2.324   -6.589  -6.248  1.00 47.05  ? 104  ILE A CD1 1 
ATOM   623  N N   . MET A 1 88  ? 1.455   -9.684  -10.684 1.00 43.00  ? 105  MET A N   1 
ATOM   624  C CA  . MET A 1 88  ? 2.399   -10.266 -11.614 1.00 43.64  ? 105  MET A CA  1 
ATOM   625  C C   . MET A 1 88  ? 2.228   -9.709  -13.028 1.00 47.86  ? 105  MET A C   1 
ATOM   626  O O   . MET A 1 88  ? 3.226   -9.451  -13.700 1.00 47.84  ? 105  MET A O   1 
ATOM   627  C CB  . MET A 1 88  ? 2.346   -11.793 -11.553 1.00 46.04  ? 105  MET A CB  1 
ATOM   628  C CG  . MET A 1 88  ? 3.684   -12.392 -11.174 1.00 49.07  ? 105  MET A CG  1 
ATOM   629  S SD  . MET A 1 88  ? 4.452   -11.601 -9.726  1.00 51.72  ? 105  MET A SD  1 
ATOM   630  C CE  . MET A 1 88  ? 5.898   -10.949 -10.457 1.00 46.81  ? 105  MET A CE  1 
ATOM   631  N N   . ASP A 1 89  ? 0.979   -9.408  -13.420 1.00 44.82  ? 106  ASP A N   1 
ATOM   632  C CA  . ASP A 1 89  ? 0.670   -8.782  -14.707 1.00 43.85  ? 106  ASP A CA  1 
ATOM   633  C C   . ASP A 1 89  ? 1.298   -7.393  -14.797 1.00 47.76  ? 106  ASP A C   1 
ATOM   634  O O   . ASP A 1 89  ? 1.936   -7.099  -15.797 1.00 48.89  ? 106  ASP A O   1 
ATOM   635  C CB  . ASP A 1 89  ? -0.849  -8.762  -14.949 1.00 45.67  ? 106  ASP A CB  1 
ATOM   636  C CG  . ASP A 1 89  ? -1.410  -10.135 -15.294 1.00 54.56  ? 106  ASP A CG  1 
ATOM   637  O OD1 . ASP A 1 89  ? -0.606  -11.098 -15.405 1.00 52.96  ? 106  ASP A OD1 1 
ATOM   638  O OD2 . ASP A 1 89  ? -2.648  -10.250 -15.466 1.00 59.11  ? 106  ASP A OD2 1 
ATOM   639  N N   . LEU A 1 90  ? 1.230   -6.586  -13.700 1.00 42.01  ? 107  LEU A N   1 
ATOM   640  C CA  . LEU A 1 90  ? 1.855   -5.248  -13.629 1.00 39.36  ? 107  LEU A CA  1 
ATOM   641  C C   . LEU A 1 90  ? 3.347   -5.323  -13.715 1.00 44.93  ? 107  LEU A C   1 
ATOM   642  O O   . LEU A 1 90  ? 3.942   -4.503  -14.400 1.00 43.80  ? 107  LEU A O   1 
ATOM   643  C CB  . LEU A 1 90  ? 1.514   -4.532  -12.315 1.00 37.85  ? 107  LEU A CB  1 
ATOM   644  C CG  . LEU A 1 90  ? 0.082   -4.138  -12.056 1.00 41.64  ? 107  LEU A CG  1 
ATOM   645  C CD1 . LEU A 1 90  ? -0.016  -3.458  -10.705 1.00 40.28  ? 107  LEU A CD1 1 
ATOM   646  C CD2 . LEU A 1 90  ? -0.426  -3.197  -13.123 1.00 45.36  ? 107  LEU A CD2 1 
ATOM   647  N N   . TYR A 1 91  ? 3.978   -6.236  -12.924 1.00 43.97  ? 108  TYR A N   1 
ATOM   648  C CA  . TYR A 1 91  ? 5.434   -6.403  -12.950 1.00 44.97  ? 108  TYR A CA  1 
ATOM   649  C C   . TYR A 1 91  ? 5.837   -6.887  -14.347 1.00 49.16  ? 108  TYR A C   1 
ATOM   650  O O   . TYR A 1 91  ? 6.842   -6.421  -14.889 1.00 47.53  ? 108  TYR A O   1 
ATOM   651  C CB  . TYR A 1 91  ? 5.890   -7.400  -11.862 1.00 46.82  ? 108  TYR A CB  1 
ATOM   652  C CG  . TYR A 1 91  ? 7.381   -7.698  -11.843 1.00 49.92  ? 108  TYR A CG  1 
ATOM   653  C CD1 . TYR A 1 91  ? 8.298   -6.749  -11.398 1.00 51.92  ? 108  TYR A CD1 1 
ATOM   654  C CD2 . TYR A 1 91  ? 7.866   -8.952  -12.213 1.00 51.14  ? 108  TYR A CD2 1 
ATOM   655  C CE1 . TYR A 1 91  ? 9.663   -7.038  -11.326 1.00 54.79  ? 108  TYR A CE1 1 
ATOM   656  C CE2 . TYR A 1 91  ? 9.224   -9.259  -12.130 1.00 52.41  ? 108  TYR A CE2 1 
ATOM   657  C CZ  . TYR A 1 91  ? 10.122  -8.295  -11.696 1.00 64.26  ? 108  TYR A CZ  1 
ATOM   658  O OH  . TYR A 1 91  ? 11.467  -8.586  -11.636 1.00 67.19  ? 108  TYR A OH  1 
ATOM   659  N N   . GLY A 1 92  ? 4.998   -7.762  -14.917 1.00 47.82  ? 109  GLY A N   1 
ATOM   660  C CA  . GLY A 1 92  ? 5.149   -8.332  -16.253 1.00 49.68  ? 109  GLY A CA  1 
ATOM   661  C C   . GLY A 1 92  ? 4.880   -7.368  -17.395 1.00 56.74  ? 109  GLY A C   1 
ATOM   662  O O   . GLY A 1 92  ? 5.083   -7.728  -18.560 1.00 56.55  ? 109  GLY A O   1 
ATOM   663  N N   . GLN A 1 93  ? 4.382   -6.142  -17.081 1.00 54.18  ? 110  GLN A N   1 
ATOM   664  C CA  . GLN A 1 93  ? 4.140   -5.106  -18.090 1.00 53.78  ? 110  GLN A CA  1 
ATOM   665  C C   . GLN A 1 93  ? 5.510   -4.517  -18.510 1.00 56.44  ? 110  GLN A C   1 
ATOM   666  O O   . GLN A 1 93  ? 6.406   -4.491  -17.675 1.00 54.01  ? 110  GLN A O   1 
ATOM   667  C CB  . GLN A 1 93  ? 3.210   -4.015  -17.520 1.00 55.13  ? 110  GLN A CB  1 
ATOM   668  C CG  . GLN A 1 93  ? 2.004   -3.649  -18.406 1.00 65.88  ? 110  GLN A CG  1 
ATOM   669  C CD  . GLN A 1 93  ? 0.975   -4.717  -18.764 1.00 71.13  ? 110  GLN A CD  1 
ATOM   670  O OE1 . GLN A 1 93  ? 0.153   -4.505  -19.645 1.00 73.23  ? 110  GLN A OE1 1 
ATOM   671  N NE2 . GLN A 1 93  ? 0.952   -5.877  -18.119 1.00 52.71  ? 110  GLN A NE2 1 
ATOM   672  N N   . PRO A 1 94  ? 5.703   -4.045  -19.774 1.00 54.46  ? 111  PRO A N   1 
ATOM   673  C CA  . PRO A 1 94  ? 7.031   -3.535  -20.180 1.00 54.35  ? 111  PRO A CA  1 
ATOM   674  C C   . PRO A 1 94  ? 7.432   -2.136  -19.715 1.00 58.45  ? 111  PRO A C   1 
ATOM   675  O O   . PRO A 1 94  ? 8.552   -1.720  -20.008 1.00 59.61  ? 111  PRO A O   1 
ATOM   676  C CB  . PRO A 1 94  ? 6.950   -3.571  -21.713 1.00 56.18  ? 111  PRO A CB  1 
ATOM   677  C CG  . PRO A 1 94  ? 5.519   -3.296  -22.000 1.00 59.99  ? 111  PRO A CG  1 
ATOM   678  C CD  . PRO A 1 94  ? 4.767   -4.055  -20.923 1.00 55.31  ? 111  PRO A CD  1 
ATOM   679  N N   . GLU A 1 95  ? 6.538   -1.386  -19.076 1.00 55.44  ? 112  GLU A N   1 
ATOM   680  C CA  . GLU A 1 95  ? 6.838   -0.008  -18.655 1.00 56.02  ? 112  GLU A CA  1 
ATOM   681  C C   . GLU A 1 95  ? 6.368   0.288   -17.198 1.00 57.35  ? 112  GLU A C   1 
ATOM   682  O O   . GLU A 1 95  ? 5.498   -0.436  -16.698 1.00 57.23  ? 112  GLU A O   1 
ATOM   683  C CB  . GLU A 1 95  ? 6.204   0.992   -19.658 1.00 58.03  ? 112  GLU A CB  1 
ATOM   684  C CG  . GLU A 1 95  ? 7.162   1.531   -20.714 1.00 70.94  ? 112  GLU A CG  1 
ATOM   685  C CD  . GLU A 1 95  ? 6.804   1.239   -22.165 1.00 88.39  ? 112  GLU A CD  1 
ATOM   686  O OE1 . GLU A 1 95  ? 6.220   2.124   -22.838 1.00 47.08  ? 112  GLU A OE1 1 
ATOM   687  O OE2 . GLU A 1 95  ? 7.129   0.122   -22.630 1.00 89.28  ? 112  GLU A OE2 1 
ATOM   688  N N   . PRO A 1 96  ? 6.911   1.319   -16.493 1.00 51.57  ? 113  PRO A N   1 
ATOM   689  C CA  . PRO A 1 96  ? 6.417   1.600   -15.124 1.00 51.50  ? 113  PRO A CA  1 
ATOM   690  C C   . PRO A 1 96  ? 4.996   2.189   -15.131 1.00 51.80  ? 113  PRO A C   1 
ATOM   691  O O   . PRO A 1 96  ? 4.764   3.249   -15.711 1.00 52.41  ? 113  PRO A O   1 
ATOM   692  C CB  . PRO A 1 96  ? 7.453   2.568   -14.545 1.00 53.10  ? 113  PRO A CB  1 
ATOM   693  C CG  . PRO A 1 96  ? 8.108   3.187   -15.723 1.00 57.39  ? 113  PRO A CG  1 
ATOM   694  C CD  . PRO A 1 96  ? 7.943   2.290   -16.910 1.00 52.52  ? 113  PRO A CD  1 
ATOM   695  N N   . VAL A 1 97  ? 4.051   1.478   -14.504 1.00 44.88  ? 114  VAL A N   1 
ATOM   696  C CA  . VAL A 1 97  ? 2.640   1.860   -14.445 1.00 41.56  ? 114  VAL A CA  1 
ATOM   697  C C   . VAL A 1 97  ? 2.427   2.713   -13.198 1.00 41.75  ? 114  VAL A C   1 
ATOM   698  O O   . VAL A 1 97  ? 2.059   2.201   -12.133 1.00 38.39  ? 114  VAL A O   1 
ATOM   699  C CB  . VAL A 1 97  ? 1.708   0.633   -14.505 1.00 43.95  ? 114  VAL A CB  1 
ATOM   700  C CG1 . VAL A 1 97  ? 0.292   1.062   -14.855 1.00 42.66  ? 114  VAL A CG1 1 
ATOM   701  C CG2 . VAL A 1 97  ? 2.216   -0.414  -15.502 1.00 44.00  ? 114  VAL A CG2 1 
ATOM   702  N N   . LYS A 1 98  ? 2.653   4.033   -13.364 1.00 37.34  ? 115  LYS A N   1 
ATOM   703  C CA  . LYS A 1 98  ? 2.660   5.078   -12.342 1.00 36.10  ? 115  LYS A CA  1 
ATOM   704  C C   . LYS A 1 98  ? 1.475   5.092   -11.366 1.00 37.94  ? 115  LYS A C   1 
ATOM   705  O O   . LYS A 1 98  ? 1.749   5.231   -10.177 1.00 35.37  ? 115  LYS A O   1 
ATOM   706  C CB  . LYS A 1 98  ? 2.833   6.459   -12.967 1.00 38.97  ? 115  LYS A CB  1 
ATOM   707  C CG  . LYS A 1 98  ? 4.295   6.849   -13.154 1.00 48.51  ? 115  LYS A CG  1 
ATOM   708  C CD  . LYS A 1 98  ? 4.455   8.285   -13.649 1.00 61.16  ? 115  LYS A CD  1 
ATOM   709  C CE  . LYS A 1 98  ? 4.291   9.343   -12.572 1.00 70.10  ? 115  LYS A CE  1 
ATOM   710  N NZ  . LYS A 1 98  ? 4.326   10.716  -13.143 1.00 76.74  ? 115  LYS A NZ  1 
ATOM   711  N N   . PRO A 1 99  ? 0.186   4.951   -11.777 1.00 34.59  ? 116  PRO A N   1 
ATOM   712  C CA  . PRO A 1 99  ? -0.893  4.965   -10.766 1.00 33.32  ? 116  PRO A CA  1 
ATOM   713  C C   . PRO A 1 99  ? -0.743  3.877   -9.715  1.00 32.71  ? 116  PRO A C   1 
ATOM   714  O O   . PRO A 1 99  ? -1.177  4.089   -8.596  1.00 30.61  ? 116  PRO A O   1 
ATOM   715  C CB  . PRO A 1 99  ? -2.165  4.737   -11.590 1.00 35.18  ? 116  PRO A CB  1 
ATOM   716  C CG  . PRO A 1 99  ? -1.811  5.131   -12.972 1.00 39.01  ? 116  PRO A CG  1 
ATOM   717  C CD  . PRO A 1 99  ? -0.367  4.801   -13.143 1.00 35.51  ? 116  PRO A CD  1 
ATOM   718  N N   . PHE A 1 100 ? -0.114  2.735   -10.070 1.00 29.61  ? 117  PHE A N   1 
ATOM   719  C CA  . PHE A 1 100 ? 0.090   1.562   -9.208  1.00 28.66  ? 117  PHE A CA  1 
ATOM   720  C C   . PHE A 1 100 ? 1.368   1.577   -8.330  1.00 29.91  ? 117  PHE A C   1 
ATOM   721  O O   . PHE A 1 100 ? 1.561   0.699   -7.487  1.00 29.47  ? 117  PHE A O   1 
ATOM   722  C CB  . PHE A 1 100 ? 0.089   0.286   -10.083 1.00 30.98  ? 117  PHE A CB  1 
ATOM   723  C CG  . PHE A 1 100 ? -1.241  -0.106  -10.666 1.00 32.66  ? 117  PHE A CG  1 
ATOM   724  C CD1 . PHE A 1 100 ? -2.186  -0.774  -9.898  1.00 35.73  ? 117  PHE A CD1 1 
ATOM   725  C CD2 . PHE A 1 100 ? -1.525  0.129   -11.998 1.00 36.35  ? 117  PHE A CD2 1 
ATOM   726  C CE1 . PHE A 1 100 ? -3.422  -1.136  -10.437 1.00 36.82  ? 117  PHE A CE1 1 
ATOM   727  C CE2 . PHE A 1 100 ? -2.741  -0.276  -12.546 1.00 39.12  ? 117  PHE A CE2 1 
ATOM   728  C CZ  . PHE A 1 100 ? -3.690  -0.881  -11.756 1.00 36.79  ? 117  PHE A CZ  1 
ATOM   729  N N   . LEU A 1 101 ? 2.229   2.555   -8.536  1.00 27.28  ? 118  LEU A N   1 
ATOM   730  C CA  . LEU A 1 101 ? 3.528   2.639   -7.902  1.00 26.38  ? 118  LEU A CA  1 
ATOM   731  C C   . LEU A 1 101 ? 3.544   3.479   -6.651  1.00 28.39  ? 118  LEU A C   1 
ATOM   732  O O   . LEU A 1 101 ? 2.841   4.483   -6.563  1.00 27.06  ? 118  LEU A O   1 
ATOM   733  C CB  . LEU A 1 101 ? 4.581   3.159   -8.900  1.00 26.74  ? 118  LEU A CB  1 
ATOM   734  C CG  . LEU A 1 101 ? 5.052   2.186   -10.015 1.00 33.97  ? 118  LEU A CG  1 
ATOM   735  C CD1 . LEU A 1 101 ? 5.986   2.914   -11.006 1.00 35.12  ? 118  LEU A CD1 1 
ATOM   736  C CD2 . LEU A 1 101 ? 5.788   0.968   -9.441  1.00 34.54  ? 118  LEU A CD2 1 
ATOM   737  N N   . PHE A 1 102 ? 4.337   3.029   -5.664  1.00 24.04  ? 119  PHE A N   1 
ATOM   738  C CA  . PHE A 1 102 ? 4.512   3.704   -4.385  1.00 24.05  ? 119  PHE A CA  1 
ATOM   739  C C   . PHE A 1 102 ? 6.005   3.656   -4.037  1.00 30.53  ? 119  PHE A C   1 
ATOM   740  O O   . PHE A 1 102 ? 6.628   2.603   -4.195  1.00 30.75  ? 119  PHE A O   1 
ATOM   741  C CB  . PHE A 1 102 ? 3.709   2.977   -3.275  1.00 25.42  ? 119  PHE A CB  1 
ATOM   742  C CG  . PHE A 1 102 ? 2.217   2.971   -3.512  1.00 26.85  ? 119  PHE A CG  1 
ATOM   743  C CD1 . PHE A 1 102 ? 1.617   1.956   -4.255  1.00 30.40  ? 119  PHE A CD1 1 
ATOM   744  C CD2 . PHE A 1 102 ? 1.423   4.003   -3.046  1.00 28.30  ? 119  PHE A CD2 1 
ATOM   745  C CE1 . PHE A 1 102 ? 0.244   1.971   -4.518  1.00 31.04  ? 119  PHE A CE1 1 
ATOM   746  C CE2 . PHE A 1 102 ? 0.050   4.026   -3.319  1.00 31.37  ? 119  PHE A CE2 1 
ATOM   747  C CZ  . PHE A 1 102 ? -0.537  2.995   -4.027  1.00 29.59  ? 119  PHE A CZ  1 
ATOM   748  N N   . TYR A 1 103 ? 6.570   4.758   -3.557  1.00 27.23  ? 120  TYR A N   1 
ATOM   749  C CA  . TYR A 1 103 ? 7.967   4.749   -3.092  1.00 27.52  ? 120  TYR A CA  1 
ATOM   750  C C   . TYR A 1 103 ? 7.901   4.184   -1.696  1.00 30.60  ? 120  TYR A C   1 
ATOM   751  O O   . TYR A 1 103 ? 7.093   4.655   -0.888  1.00 30.11  ? 120  TYR A O   1 
ATOM   752  C CB  . TYR A 1 103 ? 8.551   6.156   -2.997  1.00 28.31  ? 120  TYR A CB  1 
ATOM   753  C CG  . TYR A 1 103 ? 8.575   6.947   -4.281  1.00 31.86  ? 120  TYR A CG  1 
ATOM   754  C CD1 . TYR A 1 103 ? 9.382   6.560   -5.347  1.00 34.97  ? 120  TYR A CD1 1 
ATOM   755  C CD2 . TYR A 1 103 ? 7.854   8.132   -4.402  1.00 33.03  ? 120  TYR A CD2 1 
ATOM   756  C CE1 . TYR A 1 103 ? 9.438   7.312   -6.520  1.00 38.01  ? 120  TYR A CE1 1 
ATOM   757  C CE2 . TYR A 1 103 ? 7.877   8.873   -5.576  1.00 35.02  ? 120  TYR A CE2 1 
ATOM   758  C CZ  . TYR A 1 103 ? 8.680   8.464   -6.629  1.00 44.71  ? 120  TYR A CZ  1 
ATOM   759  O OH  . TYR A 1 103 ? 8.714   9.209   -7.771  1.00 50.77  ? 120  TYR A OH  1 
ATOM   760  N N   . ARG A 1 104 ? 8.705   3.163   -1.416  1.00 25.15  ? 121  ARG A N   1 
ATOM   761  C CA  . ARG A 1 104 ? 8.701   2.509   -0.113  1.00 24.13  ? 121  ARG A CA  1 
ATOM   762  C C   . ARG A 1 104 ? 9.932   3.025   0.609   1.00 27.19  ? 121  ARG A C   1 
ATOM   763  O O   . ARG A 1 104 ? 11.057  2.757   0.174   1.00 27.47  ? 121  ARG A O   1 
ATOM   764  C CB  . ARG A 1 104 ? 8.757   0.986   -0.333  1.00 24.96  ? 121  ARG A CB  1 
ATOM   765  C CG  . ARG A 1 104 ? 8.506   0.133   0.899   1.00 32.73  ? 121  ARG A CG  1 
ATOM   766  C CD  . ARG A 1 104 ? 9.735   -0.026  1.759   1.00 34.08  ? 121  ARG A CD  1 
ATOM   767  N NE  . ARG A 1 104 ? 10.811  -0.766  1.103   1.00 33.40  ? 121  ARG A NE  1 
ATOM   768  C CZ  . ARG A 1 104 ? 11.609  -1.621  1.731   1.00 39.01  ? 121  ARG A CZ  1 
ATOM   769  N NH1 . ARG A 1 104 ? 11.434  -1.876  3.017   1.00 25.40  ? 121  ARG A NH1 1 
ATOM   770  N NH2 . ARG A 1 104 ? 12.565  -2.257  1.066   1.00 30.42  ? 121  ARG A NH2 1 
ATOM   771  N N   . ALA A 1 105 ? 9.721   3.817   1.668   1.00 22.01  ? 122  ALA A N   1 
ATOM   772  C CA  . ALA A 1 105 ? 10.822  4.456   2.376   1.00 22.61  ? 122  ALA A CA  1 
ATOM   773  C C   . ALA A 1 105 ? 10.995  3.799   3.704   1.00 27.39  ? 122  ALA A C   1 
ATOM   774  O O   . ALA A 1 105 ? 10.215  4.020   4.644   1.00 26.11  ? 122  ALA A O   1 
ATOM   775  C CB  . ALA A 1 105 ? 10.554  5.957   2.538   1.00 23.50  ? 122  ALA A CB  1 
ATOM   776  N N   . LYS A 1 106 ? 12.043  2.982   3.780   1.00 24.63  ? 123  LYS A N   1 
ATOM   777  C CA  . LYS A 1 106 ? 12.374  2.195   4.955   1.00 25.51  ? 123  LYS A CA  1 
ATOM   778  C C   . LYS A 1 106 ? 13.059  2.994   6.056   1.00 30.01  ? 123  LYS A C   1 
ATOM   779  O O   . LYS A 1 106 ? 14.008  3.733   5.782   1.00 28.73  ? 123  LYS A O   1 
ATOM   780  C CB  . LYS A 1 106 ? 13.313  1.056   4.509   1.00 28.86  ? 123  LYS A CB  1 
ATOM   781  C CG  . LYS A 1 106 ? 13.636  0.035   5.594   1.00 28.56  ? 123  LYS A CG  1 
ATOM   782  C CD  . LYS A 1 106 ? 14.457  -1.103  4.971   1.00 27.83  ? 123  LYS A CD  1 
ATOM   783  C CE  . LYS A 1 106 ? 14.875  -2.139  5.995   1.00 31.34  ? 123  LYS A CE  1 
ATOM   784  N NZ  . LYS A 1 106 ? 13.710  -2.894  6.518   1.00 43.39  ? 123  LYS A NZ  1 
ATOM   785  N N   . THR A 1 107 ? 12.602  2.799   7.300   1.00 26.99  ? 124  THR A N   1 
ATOM   786  C CA  . THR A 1 107 ? 13.227  3.272   8.541   1.00 28.43  ? 124  THR A CA  1 
ATOM   787  C C   . THR A 1 107 ? 13.123  2.072   9.504   1.00 33.84  ? 124  THR A C   1 
ATOM   788  O O   . THR A 1 107 ? 12.099  1.882   10.157  1.00 32.01  ? 124  THR A O   1 
ATOM   789  C CB  . THR A 1 107 ? 12.570  4.527   9.150   1.00 30.81  ? 124  THR A CB  1 
ATOM   790  O OG1 . THR A 1 107 ? 12.626  5.574   8.202   1.00 31.50  ? 124  THR A OG1 1 
ATOM   791  C CG2 . THR A 1 107 ? 13.278  4.972   10.458  1.00 29.84  ? 124  THR A CG2 1 
ATOM   792  N N   . GLY A 1 108 ? 14.148  1.239   9.507   1.00 30.80  ? 125  GLY A N   1 
ATOM   793  C CA  . GLY A 1 108 ? 14.187  0.060   10.366  1.00 30.88  ? 125  GLY A CA  1 
ATOM   794  C C   . GLY A 1 108 ? 13.167  -0.978  9.955   1.00 34.50  ? 125  GLY A C   1 
ATOM   795  O O   . GLY A 1 108 ? 12.983  -1.250  8.756   1.00 31.96  ? 125  GLY A O   1 
ATOM   796  N N   . ARG A 1 109 ? 12.413  -1.473  10.953  1.00 32.15  ? 126  ARG A N   1 
ATOM   797  C CA  . ARG A 1 109 ? 11.396  -2.493  10.730  1.00 33.54  ? 126  ARG A CA  1 
ATOM   798  C C   . ARG A 1 109 ? 10.176  -1.962  9.979   1.00 37.24  ? 126  ARG A C   1 
ATOM   799  O O   . ARG A 1 109 ? 9.394   -2.767  9.486   1.00 37.95  ? 126  ARG A O   1 
ATOM   800  C CB  . ARG A 1 109 ? 10.912  -3.110  12.063  1.00 39.07  ? 126  ARG A CB  1 
ATOM   801  C CG  . ARG A 1 109 ? 11.987  -3.388  13.118  1.00 60.53  ? 126  ARG A CG  1 
ATOM   802  C CD  . ARG A 1 109 ? 11.368  -3.647  14.489  1.00 78.24  ? 126  ARG A CD  1 
ATOM   803  N NE  . ARG A 1 109 ? 10.280  -2.709  14.792  1.00 90.80  ? 126  ARG A NE  1 
ATOM   804  C CZ  . ARG A 1 109 ? 10.434  -1.552  15.427  1.00 103.68 ? 126  ARG A CZ  1 
ATOM   805  N NH1 . ARG A 1 109 ? 11.628  -1.184  15.873  1.00 89.76  ? 126  ARG A NH1 1 
ATOM   806  N NH2 . ARG A 1 109 ? 9.388   -0.762  15.639  1.00 88.08  ? 126  ARG A NH2 1 
ATOM   807  N N   . THR A 1 110 ? 9.941   -0.637  9.979   1.00 31.49  ? 127  THR A N   1 
ATOM   808  C CA  . THR A 1 110 ? 8.774   -0.081  9.283   1.00 29.78  ? 127  THR A CA  1 
ATOM   809  C C   . THR A 1 110 ? 9.166   0.720   8.021   1.00 30.43  ? 127  THR A C   1 
ATOM   810  O O   . THR A 1 110 ? 10.346  1.073   7.819   1.00 27.94  ? 127  THR A O   1 
ATOM   811  C CB  . THR A 1 110 ? 7.919   0.754   10.235  1.00 38.63  ? 127  THR A CB  1 
ATOM   812  O OG1 . THR A 1 110 ? 8.728   1.786   10.804  1.00 32.72  ? 127  THR A OG1 1 
ATOM   813  C CG2 . THR A 1 110 ? 7.301   -0.076  11.363  1.00 41.20  ? 127  THR A CG2 1 
ATOM   814  N N   . SER A 1 111 ? 8.163   0.964   7.158   1.00 25.17  ? 128  SER A N   1 
ATOM   815  C CA  . SER A 1 111 ? 8.308   1.771   5.954   1.00 24.69  ? 128  SER A CA  1 
ATOM   816  C C   . SER A 1 111 ? 7.062   2.609   5.725   1.00 27.51  ? 128  SER A C   1 
ATOM   817  O O   . SER A 1 111 ? 5.979   2.201   6.118   1.00 28.02  ? 128  SER A O   1 
ATOM   818  C CB  . SER A 1 111 ? 8.512   0.872   4.748   1.00 26.55  ? 128  SER A CB  1 
ATOM   819  O OG  . SER A 1 111 ? 9.558   -0.063  4.964   1.00 31.26  ? 128  SER A OG  1 
ATOM   820  N N   . THR A 1 112 ? 7.211   3.736   5.042   1.00 24.55  ? 129  THR A N   1 
ATOM   821  C CA  . THR A 1 112 ? 6.095   4.576   4.599   1.00 24.56  ? 129  THR A CA  1 
ATOM   822  C C   . THR A 1 112 ? 5.886   4.261   3.112   1.00 27.43  ? 129  THR A C   1 
ATOM   823  O O   . THR A 1 112 ? 6.789   3.775   2.444   1.00 27.00  ? 129  THR A O   1 
ATOM   824  C CB  . THR A 1 112 ? 6.390   6.057   4.837   1.00 28.17  ? 129  THR A CB  1 
ATOM   825  O OG1 . THR A 1 112 ? 7.532   6.433   4.059   1.00 28.09  ? 129  THR A OG1 1 
ATOM   826  C CG2 . THR A 1 112 ? 6.599   6.394   6.318   1.00 28.67  ? 129  THR A CG2 1 
ATOM   827  N N   . LEU A 1 113 ? 4.703   4.525   2.596   1.00 23.07  ? 130  LEU A N   1 
ATOM   828  C CA  . LEU A 1 113 ? 4.354   4.235   1.214   1.00 22.35  ? 130  LEU A CA  1 
ATOM   829  C C   . LEU A 1 113 ? 3.818   5.507   0.598   1.00 28.20  ? 130  LEU A C   1 
ATOM   830  O O   . LEU A 1 113 ? 2.722   5.939   0.937   1.00 28.94  ? 130  LEU A O   1 
ATOM   831  C CB  . LEU A 1 113 ? 3.302   3.114   1.201   1.00 22.15  ? 130  LEU A CB  1 
ATOM   832  C CG  . LEU A 1 113 ? 3.814   1.744   1.685   1.00 26.88  ? 130  LEU A CG  1 
ATOM   833  C CD1 . LEU A 1 113 ? 2.667   0.810   1.984   1.00 26.29  ? 130  LEU A CD1 1 
ATOM   834  C CD2 . LEU A 1 113 ? 4.789   1.122   0.654   1.00 26.76  ? 130  LEU A CD2 1 
ATOM   835  N N   . GLU A 1 114 ? 4.607   6.133   -0.268  1.00 25.70  ? 131  GLU A N   1 
ATOM   836  C CA  . GLU A 1 114 ? 4.245   7.426   -0.877  1.00 25.46  ? 131  GLU A CA  1 
ATOM   837  C C   . GLU A 1 114 ? 3.765   7.197   -2.283  1.00 30.88  ? 131  GLU A C   1 
ATOM   838  O O   . GLU A 1 114 ? 4.472   6.544   -3.048  1.00 30.27  ? 131  GLU A O   1 
ATOM   839  C CB  . GLU A 1 114 ? 5.499   8.319   -0.960  1.00 25.70  ? 131  GLU A CB  1 
ATOM   840  C CG  . GLU A 1 114 ? 5.238   9.732   -1.483  1.00 29.18  ? 131  GLU A CG  1 
ATOM   841  C CD  . GLU A 1 114 ? 6.509   10.546  -1.608  1.00 47.89  ? 131  GLU A CD  1 
ATOM   842  O OE1 . GLU A 1 114 ? 7.611   9.952   -1.556  1.00 38.04  ? 131  GLU A OE1 1 
ATOM   843  O OE2 . GLU A 1 114 ? 6.405   11.783  -1.758  1.00 37.93  ? 131  GLU A OE2 1 
ATOM   844  N N   . SER A 1 115 ? 2.619   7.787   -2.657  1.00 27.16  ? 132  SER A N   1 
ATOM   845  C CA  . SER A 1 115 ? 2.122   7.672   -4.022  1.00 27.15  ? 132  SER A CA  1 
ATOM   846  C C   . SER A 1 115 ? 3.140   8.286   -4.972  1.00 33.40  ? 132  SER A C   1 
ATOM   847  O O   . SER A 1 115 ? 3.594   9.407   -4.740  1.00 35.08  ? 132  SER A O   1 
ATOM   848  C CB  . SER A 1 115 ? 0.793   8.417   -4.187  1.00 27.18  ? 132  SER A CB  1 
ATOM   849  O OG  . SER A 1 115 ? 0.390   8.371   -5.548  1.00 33.11  ? 132  SER A OG  1 
ATOM   850  N N   . VAL A 1 116 ? 3.520   7.552   -6.011  1.00 29.58  ? 133  VAL A N   1 
ATOM   851  C CA  . VAL A 1 116 ? 4.394   8.066   -7.066  1.00 30.52  ? 133  VAL A CA  1 
ATOM   852  C C   . VAL A 1 116 ? 3.613   9.127   -7.932  1.00 35.36  ? 133  VAL A C   1 
ATOM   853  O O   . VAL A 1 116 ? 4.180   10.139  -8.341  1.00 35.77  ? 133  VAL A O   1 
ATOM   854  C CB  . VAL A 1 116 ? 4.955   6.879   -7.902  1.00 33.42  ? 133  VAL A CB  1 
ATOM   855  C CG1 . VAL A 1 116 ? 5.554   7.338   -9.222  1.00 34.59  ? 133  VAL A CG1 1 
ATOM   856  C CG2 . VAL A 1 116 ? 5.971   6.070   -7.093  1.00 32.24  ? 133  VAL A CG2 1 
ATOM   857  N N   . ALA A 1 117 ? 2.330   8.889   -8.183  1.00 33.24  ? 134  ALA A N   1 
ATOM   858  C CA  . ALA A 1 117 ? 1.457   9.791   -8.946  1.00 34.29  ? 134  ALA A CA  1 
ATOM   859  C C   . ALA A 1 117 ? 1.119   11.071  -8.122  1.00 36.84  ? 134  ALA A C   1 
ATOM   860  O O   . ALA A 1 117 ? 0.964   12.167  -8.682  1.00 35.75  ? 134  ALA A O   1 
ATOM   861  C CB  . ALA A 1 117 ? 0.161   9.057   -9.317  1.00 34.62  ? 134  ALA A CB  1 
ATOM   862  N N   . PHE A 1 118 ? 1.001   10.913  -6.789  1.00 31.00  ? 135  PHE A N   1 
ATOM   863  C CA  . PHE A 1 118 ? 0.637   11.992  -5.869  1.00 29.40  ? 135  PHE A CA  1 
ATOM   864  C C   . PHE A 1 118 ? 1.657   12.061  -4.683  1.00 33.51  ? 135  PHE A C   1 
ATOM   865  O O   . PHE A 1 118 ? 1.338   11.666  -3.554  1.00 31.37  ? 135  PHE A O   1 
ATOM   866  C CB  . PHE A 1 118 ? -0.811  11.741  -5.402  1.00 29.96  ? 135  PHE A CB  1 
ATOM   867  C CG  . PHE A 1 118 ? -1.808  11.742  -6.557  1.00 31.04  ? 135  PHE A CG  1 
ATOM   868  C CD1 . PHE A 1 118 ? -2.299  12.938  -7.073  1.00 33.63  ? 135  PHE A CD1 1 
ATOM   869  C CD2 . PHE A 1 118 ? -2.296  10.548  -7.078  1.00 31.10  ? 135  PHE A CD2 1 
ATOM   870  C CE1 . PHE A 1 118 ? -3.234  12.936  -8.121  1.00 35.33  ? 135  PHE A CE1 1 
ATOM   871  C CE2 . PHE A 1 118 ? -3.206  10.542  -8.148  1.00 34.82  ? 135  PHE A CE2 1 
ATOM   872  C CZ  . PHE A 1 118 ? -3.679  11.732  -8.654  1.00 33.97  ? 135  PHE A CZ  1 
ATOM   873  N N   . PRO A 1 119 ? 2.899   12.524  -4.946  1.00 32.95  ? 136  PRO A N   1 
ATOM   874  C CA  . PRO A 1 119 ? 3.945   12.506  -3.897  1.00 33.65  ? 136  PRO A CA  1 
ATOM   875  C C   . PRO A 1 119 ? 3.622   13.213  -2.561  1.00 37.52  ? 136  PRO A C   1 
ATOM   876  O O   . PRO A 1 119 ? 4.246   12.889  -1.561  1.00 36.29  ? 136  PRO A O   1 
ATOM   877  C CB  . PRO A 1 119 ? 5.166   13.125  -4.603  1.00 35.83  ? 136  PRO A CB  1 
ATOM   878  C CG  . PRO A 1 119 ? 4.944   12.792  -6.053  1.00 40.46  ? 136  PRO A CG  1 
ATOM   879  C CD  . PRO A 1 119 ? 3.456   12.975  -6.238  1.00 35.36  ? 136  PRO A CD  1 
ATOM   880  N N   . ASP A 1 120 ? 2.632   14.112  -2.499  1.00 34.44  ? 137  ASP A N   1 
ATOM   881  C CA  . ASP A 1 120 ? 2.306   14.679  -1.184  1.00 33.84  ? 137  ASP A CA  1 
ATOM   882  C C   . ASP A 1 120 ? 1.445   13.711  -0.359  1.00 34.81  ? 137  ASP A C   1 
ATOM   883  O O   . ASP A 1 120 ? 1.198   13.983  0.807   1.00 34.81  ? 137  ASP A O   1 
ATOM   884  C CB  . ASP A 1 120 ? 1.606   16.050  -1.298  1.00 35.59  ? 137  ASP A CB  1 
ATOM   885  C CG  . ASP A 1 120 ? 1.701   16.840  0.004   1.00 54.41  ? 137  ASP A CG  1 
ATOM   886  O OD1 . ASP A 1 120 ? 2.792   17.386  0.291   1.00 56.40  ? 137  ASP A OD1 1 
ATOM   887  O OD2 . ASP A 1 120 ? 0.691   16.880  0.753   1.00 56.80  ? 137  ASP A OD2 1 
ATOM   888  N N   . TRP A 1 121 ? 0.949   12.610  -0.965  1.00 29.88  ? 138  TRP A N   1 
ATOM   889  C CA  . TRP A 1 121 ? 0.082   11.666  -0.238  1.00 28.43  ? 138  TRP A CA  1 
ATOM   890  C C   . TRP A 1 121 ? 0.748   10.340  0.057   1.00 28.86  ? 138  TRP A C   1 
ATOM   891  O O   . TRP A 1 121 ? 1.501   9.810   -0.747  1.00 25.87  ? 138  TRP A O   1 
ATOM   892  C CB  . TRP A 1 121 ? -1.259  11.417  -0.934  1.00 27.11  ? 138  TRP A CB  1 
ATOM   893  C CG  . TRP A 1 121 ? -2.259  12.545  -0.860  1.00 27.49  ? 138  TRP A CG  1 
ATOM   894  C CD1 . TRP A 1 121 ? -3.407  12.579  -0.119  1.00 29.79  ? 138  TRP A CD1 1 
ATOM   895  C CD2 . TRP A 1 121 ? -2.260  13.728  -1.658  1.00 26.86  ? 138  TRP A CD2 1 
ATOM   896  N NE1 . TRP A 1 121 ? -4.130  13.711  -0.423  1.00 29.38  ? 138  TRP A NE1 1 
ATOM   897  C CE2 . TRP A 1 121 ? -3.413  14.471  -1.308  1.00 29.70  ? 138  TRP A CE2 1 
ATOM   898  C CE3 . TRP A 1 121 ? -1.354  14.278  -2.582  1.00 27.74  ? 138  TRP A CE3 1 
ATOM   899  C CZ2 . TRP A 1 121 ? -3.719  15.694  -1.897  1.00 27.58  ? 138  TRP A CZ2 1 
ATOM   900  C CZ3 . TRP A 1 121 ? -1.650  15.507  -3.148  1.00 28.25  ? 138  TRP A CZ3 1 
ATOM   901  C CH2 . TRP A 1 121 ? -2.837  16.183  -2.839  1.00 28.42  ? 138  TRP A CH2 1 
ATOM   902  N N   . PHE A 1 122 ? 0.396   9.789   1.213   1.00 27.37  ? 139  PHE A N   1 
ATOM   903  C CA  . PHE A 1 122 ? 0.960   8.563   1.728   1.00 26.92  ? 139  PHE A CA  1 
ATOM   904  C C   . PHE A 1 122 ? -0.146  7.646   2.097   1.00 29.74  ? 139  PHE A C   1 
ATOM   905  O O   . PHE A 1 122 ? -1.203  8.107   2.543   1.00 29.42  ? 139  PHE A O   1 
ATOM   906  C CB  . PHE A 1 122 ? 1.805   8.874   2.986   1.00 28.07  ? 139  PHE A CB  1 
ATOM   907  C CG  . PHE A 1 122 ? 3.108   9.578   2.672   1.00 29.28  ? 139  PHE A CG  1 
ATOM   908  C CD1 . PHE A 1 122 ? 3.138   10.945  2.424   1.00 31.76  ? 139  PHE A CD1 1 
ATOM   909  C CD2 . PHE A 1 122 ? 4.299   8.874   2.627   1.00 29.81  ? 139  PHE A CD2 1 
ATOM   910  C CE1 . PHE A 1 122 ? 4.339   11.593  2.142   1.00 32.59  ? 139  PHE A CE1 1 
ATOM   911  C CE2 . PHE A 1 122 ? 5.498   9.517   2.339   1.00 33.00  ? 139  PHE A CE2 1 
ATOM   912  C CZ  . PHE A 1 122 ? 5.511   10.868  2.086   1.00 31.85  ? 139  PHE A CZ  1 
ATOM   913  N N   . ILE A 1 123 ? 0.102   6.338   1.977   1.00 25.60  ? 140  ILE A N   1 
ATOM   914  C CA  . ILE A 1 123 ? -0.904  5.366   2.435   1.00 24.01  ? 140  ILE A CA  1 
ATOM   915  C C   . ILE A 1 123 ? -0.945  5.507   3.968   1.00 28.23  ? 140  ILE A C   1 
ATOM   916  O O   . ILE A 1 123 ? 0.110   5.581   4.621   1.00 24.75  ? 140  ILE A O   1 
ATOM   917  C CB  . ILE A 1 123 ? -0.571  3.927   1.992   1.00 26.17  ? 140  ILE A CB  1 
ATOM   918  C CG1 . ILE A 1 123 ? -0.550  3.838   0.438   1.00 25.09  ? 140  ILE A CG1 1 
ATOM   919  C CG2 . ILE A 1 123 ? -1.576  2.917   2.626   1.00 27.14  ? 140  ILE A CG2 1 
ATOM   920  C CD1 . ILE A 1 123 ? -0.306  2.480   -0.139  1.00 29.77  ? 140  ILE A CD1 1 
ATOM   921  N N   . ALA A 1 124 ? -2.166  5.555   4.525   1.00 26.31  ? 141  ALA A N   1 
ATOM   922  C CA  . ALA A 1 124 ? -2.383  5.659   5.952   1.00 27.65  ? 141  ALA A CA  1 
ATOM   923  C C   . ALA A 1 124 ? -3.579  4.871   6.447   1.00 33.28  ? 141  ALA A C   1 
ATOM   924  O O   . ALA A 1 124 ? -4.558  4.713   5.728   1.00 32.47  ? 141  ALA A O   1 
ATOM   925  C CB  . ALA A 1 124 ? -2.579  7.114   6.334   1.00 29.00  ? 141  ALA A CB  1 
ATOM   926  N N   . SER A 1 125 ? -3.512  4.455   7.715   1.00 30.67  ? 142  SER A N   1 
ATOM   927  C CA  . SER A 1 125 ? -4.610  3.855   8.451   1.00 30.59  ? 142  SER A CA  1 
ATOM   928  C C   . SER A 1 125 ? -4.918  4.903   9.531   1.00 36.34  ? 142  SER A C   1 
ATOM   929  O O   . SER A 1 125 ? -4.176  5.885   9.673   1.00 37.04  ? 142  SER A O   1 
ATOM   930  C CB  . SER A 1 125 ? -4.174  2.532   9.097   1.00 31.60  ? 142  SER A CB  1 
ATOM   931  O OG  . SER A 1 125 ? -3.191  2.713   10.108  1.00 38.83  ? 142  SER A OG  1 
ATOM   932  N N   . SER A 1 126 ? -5.987  4.707   10.294  1.00 34.27  ? 143  SER A N   1 
ATOM   933  C CA  . SER A 1 126 ? -6.287  5.581   11.426  1.00 35.66  ? 143  SER A CA  1 
ATOM   934  C C   . SER A 1 126 ? -6.815  4.741   12.601  1.00 41.88  ? 143  SER A C   1 
ATOM   935  O O   . SER A 1 126 ? -6.141  3.786   13.002  1.00 41.43  ? 143  SER A O   1 
ATOM   936  C CB  . SER A 1 126 ? -7.205  6.740   11.025  1.00 39.11  ? 143  SER A CB  1 
ATOM   937  O OG  . SER A 1 126 ? -8.489  6.277   10.660  1.00 41.34  ? 143  SER A OG  1 
ATOM   938  N N   . LYS A 1 127 ? -8.015  5.059   13.116  1.00 42.30  ? 144  LYS A N   1 
ATOM   939  C CA  . LYS A 1 127 ? -8.681  4.359   14.226  1.00 43.28  ? 144  LYS A CA  1 
ATOM   940  C C   . LYS A 1 127 ? -9.106  2.948   13.831  1.00 46.89  ? 144  LYS A C   1 
ATOM   941  O O   . LYS A 1 127 ? -9.123  2.614   12.640  1.00 46.05  ? 144  LYS A O   1 
ATOM   942  C CB  . LYS A 1 127 ? -9.887  5.170   14.728  1.00 46.86  ? 144  LYS A CB  1 
ATOM   943  N N   . ARG A 1 128 ? -9.408  2.104   14.840  1.00 43.29  ? 145  ARG A N   1 
ATOM   944  C CA  . ARG A 1 128 ? -9.815  0.705   14.659  1.00 42.85  ? 145  ARG A CA  1 
ATOM   945  C C   . ARG A 1 128 ? -10.927 0.571   13.611  1.00 44.38  ? 145  ARG A C   1 
ATOM   946  O O   . ARG A 1 128 ? -11.870 1.364   13.610  1.00 44.04  ? 145  ARG A O   1 
ATOM   947  C CB  . ARG A 1 128 ? -10.236 0.113   16.024  1.00 45.12  ? 145  ARG A CB  1 
ATOM   948  C CG  . ARG A 1 128 ? -10.509 -1.372  16.002  1.00 57.04  ? 145  ARG A CG  1 
ATOM   949  C CD  . ARG A 1 128 ? -10.688 -1.906  17.410  1.00 67.39  ? 145  ARG A CD  1 
ATOM   950  N NE  . ARG A 1 128 ? -11.247 -3.261  17.401  1.00 64.81  ? 145  ARG A NE  1 
ATOM   951  C CZ  . ARG A 1 128 ? -11.301 -4.061  18.462  1.00 72.04  ? 145  ARG A CZ  1 
ATOM   952  N NH1 . ARG A 1 128 ? -10.840 -3.651  19.637  1.00 55.35  ? 145  ARG A NH1 1 
ATOM   953  N NH2 . ARG A 1 128 ? -11.821 -5.276  18.359  1.00 59.23  ? 145  ARG A NH2 1 
ATOM   954  N N   . ASP A 1 129 ? -10.759 -0.378  12.679  1.00 40.20  ? 146  ASP A N   1 
ATOM   955  C CA  . ASP A 1 129 ? -11.680 -0.701  11.580  1.00 40.87  ? 146  ASP A CA  1 
ATOM   956  C C   . ASP A 1 129 ? -11.900 0.470   10.578  1.00 44.78  ? 146  ASP A C   1 
ATOM   957  O O   . ASP A 1 129 ? -12.796 0.391   9.744   1.00 44.66  ? 146  ASP A O   1 
ATOM   958  C CB  . ASP A 1 129 ? -13.038 -1.269  12.101  1.00 43.22  ? 146  ASP A CB  1 
ATOM   959  C CG  . ASP A 1 129 ? -13.784 -2.043  11.022  1.00 50.25  ? 146  ASP A CG  1 
ATOM   960  O OD1 . ASP A 1 129 ? -13.297 -3.113  10.614  1.00 47.67  ? 146  ASP A OD1 1 
ATOM   961  O OD2 . ASP A 1 129 ? -14.809 -1.538  10.534  1.00 57.12  ? 146  ASP A OD2 1 
ATOM   962  N N   . GLN A 1 130 ? -11.058 1.516   10.608  1.00 39.98  ? 147  GLN A N   1 
ATOM   963  C CA  . GLN A 1 130 ? -11.217 2.592   9.633   1.00 38.47  ? 147  GLN A CA  1 
ATOM   964  C C   . GLN A 1 130 ? -10.509 2.245   8.304   1.00 40.98  ? 147  GLN A C   1 
ATOM   965  O O   . GLN A 1 130 ? -9.574  1.444   8.308   1.00 38.82  ? 147  GLN A O   1 
ATOM   966  C CB  . GLN A 1 130 ? -10.820 3.962   10.206  1.00 39.27  ? 147  GLN A CB  1 
ATOM   967  C CG  . GLN A 1 130 ? -11.715 4.432   11.368  1.00 53.53  ? 147  GLN A CG  1 
ATOM   968  C CD  . GLN A 1 130 ? -13.188 4.100   11.184  1.00 72.92  ? 147  GLN A CD  1 
ATOM   969  O OE1 . GLN A 1 130 ? -13.767 3.279   11.914  1.00 66.52  ? 147  GLN A OE1 1 
ATOM   970  N NE2 . GLN A 1 130 ? -13.819 4.705   10.185  1.00 60.23  ? 147  GLN A NE2 1 
ATOM   971  N N   . PRO A 1 131 ? -10.986 2.755   7.145   1.00 37.81  ? 148  PRO A N   1 
ATOM   972  C CA  . PRO A 1 131 ? -10.350 2.368   5.882   1.00 37.38  ? 148  PRO A CA  1 
ATOM   973  C C   . PRO A 1 131 ? -8.902  2.806   5.734   1.00 38.64  ? 148  PRO A C   1 
ATOM   974  O O   . PRO A 1 131 ? -8.468  3.763   6.360   1.00 39.15  ? 148  PRO A O   1 
ATOM   975  C CB  . PRO A 1 131 ? -11.262 2.994   4.811   1.00 39.50  ? 148  PRO A CB  1 
ATOM   976  C CG  . PRO A 1 131 ? -11.917 4.150   5.493   1.00 44.66  ? 148  PRO A CG  1 
ATOM   977  C CD  . PRO A 1 131 ? -12.119 3.685   6.922   1.00 40.02  ? 148  PRO A CD  1 
ATOM   978  N N   . ILE A 1 132 ? -8.165  2.103   4.880   1.00 34.32  ? 149  ILE A N   1 
ATOM   979  C CA  . ILE A 1 132 ? -6.796  2.454   4.507   1.00 33.73  ? 149  ILE A CA  1 
ATOM   980  C C   . ILE A 1 132 ? -7.014  3.488   3.405   1.00 35.80  ? 149  ILE A C   1 
ATOM   981  O O   . ILE A 1 132 ? -7.790  3.236   2.478   1.00 35.22  ? 149  ILE A O   1 
ATOM   982  C CB  . ILE A 1 132 ? -6.025  1.192   4.035   1.00 36.05  ? 149  ILE A CB  1 
ATOM   983  C CG1 . ILE A 1 132 ? -5.933  0.114   5.144   1.00 36.33  ? 149  ILE A CG1 1 
ATOM   984  C CG2 . ILE A 1 132 ? -4.655  1.531   3.448   1.00 38.50  ? 149  ILE A CG2 1 
ATOM   985  C CD1 . ILE A 1 132 ? -5.338  0.525   6.463   1.00 39.08  ? 149  ILE A CD1 1 
ATOM   986  N N   . ILE A 1 133 ? -6.422  4.681   3.551   1.00 30.17  ? 150  ILE A N   1 
ATOM   987  C CA  . ILE A 1 133 ? -6.646  5.788   2.622   1.00 29.43  ? 150  ILE A CA  1 
ATOM   988  C C   . ILE A 1 133 ? -5.326  6.387   2.180   1.00 32.52  ? 150  ILE A C   1 
ATOM   989  O O   . ILE A 1 133 ? -4.268  5.914   2.598   1.00 31.95  ? 150  ILE A O   1 
ATOM   990  C CB  . ILE A 1 133 ? -7.517  6.894   3.326   1.00 32.89  ? 150  ILE A CB  1 
ATOM   991  C CG1 . ILE A 1 133 ? -6.797  7.505   4.578   1.00 34.38  ? 150  ILE A CG1 1 
ATOM   992  C CG2 . ILE A 1 133 ? -8.947  6.372   3.687   1.00 32.83  ? 150  ILE A CG2 1 
ATOM   993  C CD1 . ILE A 1 133 ? -7.159  9.024   4.868   1.00 40.30  ? 150  ILE A CD1 1 
ATOM   994  N N   . LEU A 1 134 ? -5.401  7.434   1.356   1.00 27.84  ? 151  LEU A N   1 
ATOM   995  C CA  . LEU A 1 134 ? -4.252  8.261   0.994   1.00 28.61  ? 151  LEU A CA  1 
ATOM   996  C C   . LEU A 1 134 ? -4.393  9.508   1.868   1.00 32.60  ? 151  LEU A C   1 
ATOM   997  O O   . LEU A 1 134 ? -5.494  10.024  1.973   1.00 30.38  ? 151  LEU A O   1 
ATOM   998  C CB  . LEU A 1 134 ? -4.300  8.699   -0.458  1.00 28.21  ? 151  LEU A CB  1 
ATOM   999  C CG  . LEU A 1 134 ? -3.696  7.752   -1.483  1.00 33.05  ? 151  LEU A CG  1 
ATOM   1000 C CD1 . LEU A 1 134 ? -3.730  8.381   -2.838  1.00 33.05  ? 151  LEU A CD1 1 
ATOM   1001 C CD2 . LEU A 1 134 ? -2.248  7.362   -1.142  1.00 34.45  ? 151  LEU A CD2 1 
ATOM   1002 N N   . THR A 1 135 ? -3.323  9.939   2.553   1.00 29.16  ? 152  THR A N   1 
ATOM   1003 C CA  . THR A 1 135 ? -3.377  11.138  3.420   1.00 28.60  ? 152  THR A CA  1 
ATOM   1004 C C   . THR A 1 135 ? -2.247  12.092  3.087   1.00 31.96  ? 152  THR A C   1 
ATOM   1005 O O   . THR A 1 135 ? -1.156  11.660  2.720   1.00 31.38  ? 152  THR A O   1 
ATOM   1006 C CB  . THR A 1 135 ? -3.324  10.748  4.921   1.00 35.84  ? 152  THR A CB  1 
ATOM   1007 O OG1 . THR A 1 135 ? -3.552  11.917  5.719   1.00 35.96  ? 152  THR A OG1 1 
ATOM   1008 C CG2 . THR A 1 135 ? -1.976  10.140  5.331   1.00 33.85  ? 152  THR A CG2 1 
ATOM   1009 N N   . SER A 1 136 ? -2.508  13.383  3.248   1.00 30.53  ? 153  SER A N   1 
ATOM   1010 C CA  . SER A 1 136 ? -1.526  14.446  3.065   1.00 30.49  ? 153  SER A CA  1 
ATOM   1011 C C   . SER A 1 136 ? -1.192  14.939  4.470   1.00 35.23  ? 153  SER A C   1 
ATOM   1012 O O   . SER A 1 136 ? -0.321  15.792  4.632   1.00 35.28  ? 153  SER A O   1 
ATOM   1013 C CB  . SER A 1 136 ? -2.129  15.591  2.250   1.00 35.19  ? 153  SER A CB  1 
ATOM   1014 O OG  . SER A 1 136 ? -3.310  16.134  2.840   1.00 37.14  ? 153  SER A OG  1 
ATOM   1015 N N   . GLU A 1 137 ? -1.875  14.375  5.494   1.00 32.53  ? 154  GLU A N   1 
ATOM   1016 C CA  . GLU A 1 137 ? -1.720  14.761  6.901   1.00 32.73  ? 154  GLU A CA  1 
ATOM   1017 C C   . GLU A 1 137 ? -0.961  13.729  7.721   1.00 38.65  ? 154  GLU A C   1 
ATOM   1018 O O   . GLU A 1 137 ? -1.456  12.625  7.979   1.00 37.35  ? 154  GLU A O   1 
ATOM   1019 C CB  . GLU A 1 137 ? -3.087  15.053  7.492   1.00 34.43  ? 154  GLU A CB  1 
ATOM   1020 C CG  . GLU A 1 137 ? -3.765  16.168  6.732   1.00 41.72  ? 154  GLU A CG  1 
ATOM   1021 C CD  . GLU A 1 137 ? -5.243  16.341  6.946   1.00 49.53  ? 154  GLU A CD  1 
ATOM   1022 O OE1 . GLU A 1 137 ? -5.781  17.273  6.315   1.00 35.70  ? 154  GLU A OE1 1 
ATOM   1023 O OE2 . GLU A 1 137 ? -5.861  15.581  7.730   1.00 43.91  ? 154  GLU A OE2 1 
ATOM   1024 N N   . LEU A 1 138 ? 0.251   14.094  8.119   1.00 38.35  ? 155  LEU A N   1 
ATOM   1025 C CA  . LEU A 1 138 ? 1.201   13.215  8.811   1.00 39.81  ? 155  LEU A CA  1 
ATOM   1026 C C   . LEU A 1 138 ? 1.442   13.489  10.273  1.00 46.36  ? 155  LEU A C   1 
ATOM   1027 O O   . LEU A 1 138 ? 1.440   14.644  10.706  1.00 45.94  ? 155  LEU A O   1 
ATOM   1028 C CB  . LEU A 1 138 ? 2.563   13.294  8.087   1.00 39.62  ? 155  LEU A CB  1 
ATOM   1029 C CG  . LEU A 1 138 ? 2.484   13.338  6.563   1.00 44.26  ? 155  LEU A CG  1 
ATOM   1030 C CD1 . LEU A 1 138 ? 3.799   13.823  5.946   1.00 45.36  ? 155  LEU A CD1 1 
ATOM   1031 C CD2 . LEU A 1 138 ? 2.000   11.993  5.987   1.00 44.21  ? 155  LEU A CD2 1 
ATOM   1032 N N   . GLY A 1 139 ? 1.753   12.407  10.990  1.00 44.33  ? 156  GLY A N   1 
ATOM   1033 C CA  . GLY A 1 139 ? 2.177   12.424  12.381  1.00 44.20  ? 156  GLY A CA  1 
ATOM   1034 C C   . GLY A 1 139 ? 1.145   12.570  13.472  1.00 47.73  ? 156  GLY A C   1 
ATOM   1035 O O   . GLY A 1 139 ? 1.537   12.734  14.631  1.00 48.81  ? 156  GLY A O   1 
ATOM   1036 N N   . LYS A 1 140 ? -0.162  12.498  13.161  1.00 42.32  ? 157  LYS A N   1 
ATOM   1037 C CA  . LYS A 1 140 ? -1.145  12.642  14.242  1.00 41.72  ? 157  LYS A CA  1 
ATOM   1038 C C   . LYS A 1 140 ? -2.123  11.450  14.305  1.00 45.27  ? 157  LYS A C   1 
ATOM   1039 O O   . LYS A 1 140 ? -1.697  10.344  14.663  1.00 44.92  ? 157  LYS A O   1 
ATOM   1040 C CB  . LYS A 1 140 ? -1.860  14.008  14.164  1.00 43.96  ? 157  LYS A CB  1 
ATOM   1041 C CG  . LYS A 1 140 ? -0.980  15.166  14.618  1.00 48.90  ? 157  LYS A CG  1 
ATOM   1042 C CD  . LYS A 1 140 ? -1.773  16.435  14.806  1.00 51.55  ? 157  LYS A CD  1 
ATOM   1043 C CE  . LYS A 1 140 ? -0.962  17.487  15.531  1.00 63.96  ? 157  LYS A CE  1 
ATOM   1044 N NZ  . LYS A 1 140 ? 0.006   18.166  14.631  1.00 74.53  ? 157  LYS A NZ  1 
ATOM   1045 N N   . SER A 1 141 ? -3.405  11.668  13.945  1.00 40.68  ? 158  SER A N   1 
ATOM   1046 C CA  . SER A 1 141 ? -4.447  10.627  13.891  1.00 40.64  ? 158  SER A CA  1 
ATOM   1047 C C   . SER A 1 141 ? -4.107  9.534   12.824  1.00 39.05  ? 158  SER A C   1 
ATOM   1048 O O   . SER A 1 141 ? -4.478  8.376   13.000  1.00 38.91  ? 158  SER A O   1 
ATOM   1049 C CB  . SER A 1 141 ? -5.794  11.273  13.581  1.00 45.64  ? 158  SER A CB  1 
ATOM   1050 O OG  . SER A 1 141 ? -6.837  10.325  13.410  1.00 65.67  ? 158  SER A OG  1 
ATOM   1051 N N   . TYR A 1 142 ? -3.415  9.910   11.734  1.00 31.59  ? 159  TYR A N   1 
ATOM   1052 C CA  . TYR A 1 142 ? -3.022  8.979   10.661  1.00 31.58  ? 159  TYR A CA  1 
ATOM   1053 C C   . TYR A 1 142 ? -1.715  8.265   10.944  1.00 34.77  ? 159  TYR A C   1 
ATOM   1054 O O   . TYR A 1 142 ? -0.744  8.892   11.352  1.00 35.92  ? 159  TYR A O   1 
ATOM   1055 C CB  . TYR A 1 142 ? -2.993  9.664   9.276   1.00 34.06  ? 159  TYR A CB  1 
ATOM   1056 C CG  . TYR A 1 142 ? -4.356  10.174  8.864   1.00 37.01  ? 159  TYR A CG  1 
ATOM   1057 C CD1 . TYR A 1 142 ? -5.399  9.293   8.606   1.00 38.48  ? 159  TYR A CD1 1 
ATOM   1058 C CD2 . TYR A 1 142 ? -4.629  11.543  8.819   1.00 38.05  ? 159  TYR A CD2 1 
ATOM   1059 C CE1 . TYR A 1 142 ? -6.686  9.755   8.330   1.00 40.66  ? 159  TYR A CE1 1 
ATOM   1060 C CE2 . TYR A 1 142 ? -5.902  12.019  8.485   1.00 38.02  ? 159  TYR A CE2 1 
ATOM   1061 C CZ  . TYR A 1 142 ? -6.931  11.117  8.252   1.00 47.13  ? 159  TYR A CZ  1 
ATOM   1062 O OH  . TYR A 1 142 ? -8.197  11.541  7.909   1.00 45.23  ? 159  TYR A OH  1 
ATOM   1063 N N   . ASN A 1 143 ? -1.707  6.948   10.732  1.00 30.76  ? 160  ASN A N   1 
ATOM   1064 C CA  . ASN A 1 143 ? -0.573  6.040   10.913  1.00 31.05  ? 160  ASN A CA  1 
ATOM   1065 C C   . ASN A 1 143 ? -0.040  5.719   9.528   1.00 34.53  ? 160  ASN A C   1 
ATOM   1066 O O   . ASN A 1 143 ? -0.769  5.163   8.705   1.00 31.80  ? 160  ASN A O   1 
ATOM   1067 C CB  . ASN A 1 143 ? -1.047  4.746   11.584  1.00 33.10  ? 160  ASN A CB  1 
ATOM   1068 C CG  . ASN A 1 143 ? -1.784  4.958   12.882  1.00 50.38  ? 160  ASN A CG  1 
ATOM   1069 O OD1 . ASN A 1 143 ? -1.301  5.640   13.791  1.00 40.95  ? 160  ASN A OD1 1 
ATOM   1070 N ND2 . ASN A 1 143 ? -2.975  4.373   12.988  1.00 40.92  ? 160  ASN A ND2 1 
ATOM   1071 N N   . THR A 1 144 ? 1.210   6.123   9.261   1.00 30.52  ? 161  THR A N   1 
ATOM   1072 C CA  . THR A 1 144 ? 1.856   5.982   7.953   1.00 29.87  ? 161  THR A CA  1 
ATOM   1073 C C   . THR A 1 144 ? 3.038   5.018   7.943   1.00 30.27  ? 161  THR A C   1 
ATOM   1074 O O   . THR A 1 144 ? 3.531   4.713   6.861   1.00 29.43  ? 161  THR A O   1 
ATOM   1075 C CB  . THR A 1 144 ? 2.273   7.360   7.386   1.00 33.03  ? 161  THR A CB  1 
ATOM   1076 O OG1 . THR A 1 144 ? 2.956   8.089   8.400   1.00 33.96  ? 161  THR A OG1 1 
ATOM   1077 C CG2 . THR A 1 144 ? 1.097   8.162   6.848   1.00 28.38  ? 161  THR A CG2 1 
ATOM   1078 N N   . ALA A 1 145 ? 3.457   4.521   9.126   1.00 25.04  ? 162  ALA A N   1 
ATOM   1079 C CA  . ALA A 1 145 ? 4.564   3.571   9.292   1.00 25.41  ? 162  ALA A CA  1 
ATOM   1080 C C   . ALA A 1 145 ? 3.985   2.164   9.349   1.00 30.86  ? 162  ALA A C   1 
ATOM   1081 O O   . ALA A 1 145 ? 3.213   1.850   10.251  1.00 33.59  ? 162  ALA A O   1 
ATOM   1082 C CB  . ALA A 1 145 ? 5.355   3.877   10.574  1.00 25.40  ? 162  ALA A CB  1 
ATOM   1083 N N   . PHE A 1 146 ? 4.326   1.334   8.371   1.00 26.00  ? 163  PHE A N   1 
ATOM   1084 C CA  . PHE A 1 146 ? 3.819   -0.027  8.296   1.00 27.05  ? 163  PHE A CA  1 
ATOM   1085 C C   . PHE A 1 146 ? 4.907   -1.089  8.329   1.00 29.43  ? 163  PHE A C   1 
ATOM   1086 O O   . PHE A 1 146 ? 6.003   -0.892  7.801   1.00 26.05  ? 163  PHE A O   1 
ATOM   1087 C CB  . PHE A 1 146 ? 2.933   -0.194  7.045   1.00 28.89  ? 163  PHE A CB  1 
ATOM   1088 C CG  . PHE A 1 146 ? 1.760   0.762   6.957   1.00 30.67  ? 163  PHE A CG  1 
ATOM   1089 C CD1 . PHE A 1 146 ? 0.626   0.574   7.743   1.00 33.73  ? 163  PHE A CD1 1 
ATOM   1090 C CD2 . PHE A 1 146 ? 1.788   1.841   6.084   1.00 30.91  ? 163  PHE A CD2 1 
ATOM   1091 C CE1 . PHE A 1 146 ? -0.479  1.433   7.632   1.00 33.32  ? 163  PHE A CE1 1 
ATOM   1092 C CE2 . PHE A 1 146 ? 0.699   2.717   5.998   1.00 33.03  ? 163  PHE A CE2 1 
ATOM   1093 C CZ  . PHE A 1 146 ? -0.430  2.505   6.774   1.00 31.24  ? 163  PHE A CZ  1 
ATOM   1094 N N   . GLU A 1 147 ? 4.563   -2.256  8.869   1.00 28.65  ? 164  GLU A N   1 
ATOM   1095 C CA  . GLU A 1 147 ? 5.467   -3.394  8.944   1.00 29.37  ? 164  GLU A CA  1 
ATOM   1096 C C   . GLU A 1 147 ? 4.958   -4.466  8.032   1.00 31.69  ? 164  GLU A C   1 
ATOM   1097 O O   . GLU A 1 147 ? 3.779   -4.781  8.102   1.00 31.81  ? 164  GLU A O   1 
ATOM   1098 C CB  . GLU A 1 147 ? 5.460   -3.951  10.367  1.00 32.16  ? 164  GLU A CB  1 
ATOM   1099 C CG  . GLU A 1 147 ? 6.713   -3.710  11.174  1.00 49.37  ? 164  GLU A CG  1 
ATOM   1100 C CD  . GLU A 1 147 ? 6.555   -4.199  12.599  1.00 75.93  ? 164  GLU A CD  1 
ATOM   1101 O OE1 . GLU A 1 147 ? 6.487   -5.434  12.799  1.00 65.41  ? 164  GLU A OE1 1 
ATOM   1102 O OE2 . GLU A 1 147 ? 6.472   -3.348  13.512  1.00 75.42  ? 164  GLU A OE2 1 
ATOM   1103 N N   . LEU A 1 148 ? 5.816   -5.019  7.167   1.00 29.93  ? 165  LEU A N   1 
ATOM   1104 C CA  . LEU A 1 148 ? 5.481   -6.148  6.289   1.00 30.37  ? 165  LEU A CA  1 
ATOM   1105 C C   . LEU A 1 148 ? 5.946   -7.387  7.041   1.00 35.81  ? 165  LEU A C   1 
ATOM   1106 O O   . LEU A 1 148 ? 7.144   -7.491  7.367   1.00 35.69  ? 165  LEU A O   1 
ATOM   1107 C CB  . LEU A 1 148 ? 6.191   -6.070  4.927   1.00 30.46  ? 165  LEU A CB  1 
ATOM   1108 C CG  . LEU A 1 148 ? 5.979   -7.256  3.964   1.00 34.85  ? 165  LEU A CG  1 
ATOM   1109 C CD1 . LEU A 1 148 ? 4.516   -7.448  3.606   1.00 34.53  ? 165  LEU A CD1 1 
ATOM   1110 C CD2 . LEU A 1 148 ? 6.835   -7.124  2.721   1.00 38.12  ? 165  LEU A CD2 1 
ATOM   1111 N N   . ASN A 1 149 ? 5.008   -8.320  7.311   1.00 31.13  ? 166  ASN A N   1 
ATOM   1112 C CA  . ASN A 1 149 ? 5.264   -9.556  8.065   1.00 31.39  ? 166  ASN A CA  1 
ATOM   1113 C C   . ASN A 1 149 ? 5.262   -10.736 7.129   1.00 34.01  ? 166  ASN A C   1 
ATOM   1114 O O   . ASN A 1 149 ? 4.212   -11.295 6.870   1.00 33.70  ? 166  ASN A O   1 
ATOM   1115 C CB  . ASN A 1 149 ? 4.203   -9.738  9.150   1.00 32.31  ? 166  ASN A CB  1 
ATOM   1116 C CG  . ASN A 1 149 ? 3.997   -8.557  10.037  1.00 43.14  ? 166  ASN A CG  1 
ATOM   1117 O OD1 . ASN A 1 149 ? 4.897   -8.117  10.747  1.00 39.24  ? 166  ASN A OD1 1 
ATOM   1118 N ND2 . ASN A 1 149 ? 2.793   -8.029  10.030  1.00 43.02  ? 166  ASN A ND2 1 
ATOM   1119 N N   . ILE A 1 150 ? 6.426   -11.102 6.587   1.00 31.55  ? 167  ILE A N   1 
ATOM   1120 C CA  . ILE A 1 150 ? 6.528   -12.176 5.593   1.00 32.59  ? 167  ILE A CA  1 
ATOM   1121 C C   . ILE A 1 150 ? 6.178   -13.601 6.156   1.00 38.11  ? 167  ILE A C   1 
ATOM   1122 O O   . ILE A 1 150 ? 5.733   -14.477 5.403   1.00 39.02  ? 167  ILE A O   1 
ATOM   1123 C CB  . ILE A 1 150 ? 7.911   -12.147 4.882   1.00 35.96  ? 167  ILE A CB  1 
ATOM   1124 C CG1 . ILE A 1 150 ? 9.083   -12.607 5.822   1.00 35.01  ? 167  ILE A CG1 1 
ATOM   1125 C CG2 . ILE A 1 150 ? 8.197   -10.748 4.235   1.00 35.28  ? 167  ILE A CG2 1 
ATOM   1126 C CD1 . ILE A 1 150 ? 10.218  -13.246 5.051   1.00 38.66  ? 167  ILE A CD1 1 
ATOM   1127 N N   . ASN A 1 151 ? 6.318   -13.772 7.473   1.00 35.88  ? 168  ASN A N   1 
ATOM   1128 C CA  . ASN A 1 151 ? 6.215   -15.008 8.251   1.00 67.13  ? 168  ASN A CA  1 
ATOM   1129 C C   . ASN A 1 151 ? 7.321   -15.987 7.877   1.00 79.90  ? 168  ASN A C   1 
ATOM   1130 O O   . ASN A 1 151 ? 8.490   -15.714 8.145   1.00 44.44  ? 168  ASN A O   1 
ATOM   1131 C CB  . ASN A 1 151 ? 4.840   -15.646 8.176   1.00 68.21  ? 168  ASN A CB  1 
ATOM   1132 C CG  . ASN A 1 151 ? 4.014   -15.291 9.363   1.00 79.18  ? 168  ASN A CG  1 
ATOM   1133 O OD1 . ASN A 1 151 ? 4.085   -15.955 10.394  1.00 73.34  ? 168  ASN A OD1 1 
ATOM   1134 N ND2 . ASN A 1 151 ? 3.237   -14.226 9.249   1.00 69.70  ? 168  ASN A ND2 1 
HETATM 1135 C C4  . O6D B 2 .   ? 7.294   -2.710  4.326   1.00 29.04  ? 4000 O6D A C4  1 
HETATM 1136 C C5  . O6D B 2 .   ? 8.304   -3.335  3.595   1.00 28.91  ? 4000 O6D A C5  1 
HETATM 1137 C C6  . O6D B 2 .   ? 8.163   -3.602  2.231   1.00 28.20  ? 4000 O6D A C6  1 
HETATM 1138 C C7  . O6D B 2 .   ? 9.230   -4.356  1.529   1.00 29.72  ? 4000 O6D A C7  1 
HETATM 1139 C C8  . O6D B 2 .   ? 9.433   -4.294  0.156   1.00 32.48  ? 4000 O6D A C8  1 
HETATM 1140 C C9  . O6D B 2 .   ? 10.563  -4.913  -0.358  1.00 36.44  ? 4000 O6D A C9  1 
HETATM 1141 C C11 . O6D B 2 .   ? 11.130  -5.575  1.742   1.00 35.46  ? 4000 O6D A C11 1 
HETATM 1142 C C14 . O6D B 2 .   ? 11.772  -6.361  3.912   1.00 35.89  ? 4000 O6D A C14 1 
HETATM 1143 C C15 . O6D B 2 .   ? 12.733  -7.557  4.494   1.00 39.48  ? 4000 O6D A C15 1 
HETATM 1144 C C24 . O6D B 2 .   ? 12.384  -11.462 2.625   1.00 42.06  ? 4000 O6D A C24 1 
HETATM 1145 C C29 . O6D B 2 .   ? 16.832  -6.138  4.429   1.00 35.41  ? 4000 O6D A C29 1 
HETATM 1146 C C23 . O6D B 2 .   ? 13.211  -11.282 3.716   1.00 40.18  ? 4000 O6D A C23 1 
HETATM 1147 C C25 . O6D B 2 .   ? 11.656  -10.396 2.132   1.00 43.08  ? 4000 O6D A C25 1 
HETATM 1148 C C28 . O6D B 2 .   ? 16.319  -6.824  3.345   1.00 34.19  ? 4000 O6D A C28 1 
HETATM 1149 C C30 . O6D B 2 .   ? 16.036  -5.914  5.535   1.00 33.92  ? 4000 O6D A C30 1 
HETATM 1150 C C1  . O6D B 2 .   ? 6.977   -3.226  1.604   1.00 27.53  ? 4000 O6D A C1  1 
HETATM 1151 C C22 . O6D B 2 .   ? 13.313  -10.037 4.319   1.00 39.74  ? 4000 O6D A C22 1 
HETATM 1152 C C26 . O6D B 2 .   ? 11.758  -9.146  2.729   1.00 42.84  ? 4000 O6D A C26 1 
HETATM 1153 C C27 . O6D B 2 .   ? 15.006  -7.267  3.356   1.00 35.07  ? 4000 O6D A C27 1 
HETATM 1154 C C31 . O6D B 2 .   ? 14.731  -6.385  5.563   1.00 32.96  ? 4000 O6D A C31 1 
HETATM 1155 C C2  . O6D B 2 .   ? 5.961   -2.612  2.319   1.00 27.99  ? 4000 O6D A C2  1 
HETATM 1156 C C21 . O6D B 2 .   ? 12.593  -8.945  3.830   1.00 41.49  ? 4000 O6D A C21 1 
HETATM 1157 C C20 . O6D B 2 .   ? 14.194  -7.064  4.469   1.00 33.60  ? 4000 O6D A C20 1 
HETATM 1158 C C3  . O6D B 2 .   ? 6.093   -2.345  3.681   1.00 27.82  ? 4000 O6D A C3  1 
HETATM 1159 C C16 . O6D B 2 .   ? 11.987  -5.045  4.646   1.00 37.68  ? 4000 O6D A C16 1 
HETATM 1160 C C34 . O6D B 2 .   ? 5.013   -1.615  4.432   1.00 26.16  ? 4000 O6D A C34 1 
HETATM 1161 C C33 . O6D B 2 .   ? 10.910  -4.851  -1.811  1.00 36.40  ? 4000 O6D A C33 1 
HETATM 1162 C C32 . O6D B 2 .   ? 11.070  -8.259  6.195   1.00 45.37  ? 4000 O6D A C32 1 
HETATM 1163 N N12 . O6D B 2 .   ? 10.071  -5.022  2.330   1.00 33.34  ? 4000 O6D A N12 1 
HETATM 1164 N N10 . O6D B 2 .   ? 11.432  -5.560  0.445   1.00 35.29  ? 4000 O6D A N10 1 
HETATM 1165 N N35 . O6D B 2 .   ? 7.497   -2.426  5.667   1.00 29.05  ? 4000 O6D A N35 1 
HETATM 1166 O O17 . O6D B 2 .   ? 12.770  -4.203  4.237   1.00 35.61  ? 4000 O6D A O17 1 
HETATM 1167 O O18 . O6D B 2 .   ? 11.242  -4.902  5.729   1.00 37.93  ? 4000 O6D A O18 1 
HETATM 1168 O O13 . O6D B 2 .   ? 12.011  -6.232  2.511   1.00 35.90  ? 4000 O6D A O13 1 
HETATM 1169 O O19 . O6D B 2 .   ? 12.354  -7.685  5.888   1.00 44.93  ? 4000 O6D A O19 1 
HETATM 1170 O O   . HOH C 3 .   ? 5.950   -2.894  -14.762 1.00 45.08  ? 4101 HOH A O   1 
HETATM 1171 O O   . HOH C 3 .   ? 2.710   5.294   4.371   1.00 25.01  ? 4102 HOH A O   1 
HETATM 1172 O O   . HOH C 3 .   ? 0.076   -1.419  -6.971  1.00 34.52  ? 4103 HOH A O   1 
HETATM 1173 O O   . HOH C 3 .   ? 1.866   3.114   12.147  1.00 34.77  ? 4104 HOH A O   1 
HETATM 1174 O O   . HOH C 3 .   ? 14.769  -3.838  2.514   1.00 38.44  ? 4105 HOH A O   1 
HETATM 1175 O O   . HOH C 3 .   ? 0.505   17.905  3.227   1.00 38.30  ? 4106 HOH A O   1 
HETATM 1176 O O   . HOH C 3 .   ? 6.756   10.923  -8.367  1.00 38.05  ? 4107 HOH A O   1 
HETATM 1177 O O   . HOH C 3 .   ? -5.894  18.048  -3.148  1.00 33.44  ? 4108 HOH A O   1 
HETATM 1178 O O   . HOH C 3 .   ? 7.394   6.412   1.372   1.00 33.62  ? 4109 HOH A O   1 
HETATM 1179 O O   . HOH C 3 .   ? -8.598  6.126   7.964   1.00 44.26  ? 4110 HOH A O   1 
HETATM 1180 O O   . HOH C 3 .   ? 10.674  -2.012  6.476   1.00 36.13  ? 4111 HOH A O   1 
HETATM 1181 O O   . HOH C 3 .   ? 8.985   8.219   0.118   1.00 39.00  ? 4112 HOH A O   1 
HETATM 1182 O O   . HOH C 3 .   ? 11.301  2.964   12.530  1.00 49.32  ? 4113 HOH A O   1 
HETATM 1183 O O   . HOH C 3 .   ? -2.523  -4.600  -19.109 1.00 32.43  ? 4114 HOH A O   1 
HETATM 1184 O O   . HOH C 3 .   ? 8.095   -6.942  11.173  1.00 66.07  ? 4115 HOH A O   1 
HETATM 1185 O O   . HOH C 3 .   ? -10.018 -1.278  20.836  1.00 55.85  ? 4116 HOH A O   1 
HETATM 1186 O O   . HOH C 3 .   ? -7.551  2.397   10.142  1.00 41.43  ? 4117 HOH A O   1 
HETATM 1187 O O   . HOH C 3 .   ? -9.296  -9.855  4.181   1.00 47.50  ? 4118 HOH A O   1 
HETATM 1188 O O   . HOH C 3 .   ? -2.486  -7.705  6.304   1.00 37.87  ? 4119 HOH A O   1 
HETATM 1189 O O   . HOH C 3 .   ? 0.845   6.259   -7.533  1.00 29.93  ? 4120 HOH A O   1 
HETATM 1190 O O   . HOH C 3 .   ? -9.798  4.587   0.954   1.00 49.24  ? 4121 HOH A O   1 
HETATM 1191 O O   . HOH C 3 .   ? -1.989  12.467  10.946  1.00 43.42  ? 4122 HOH A O   1 
HETATM 1192 O O   . HOH C 3 .   ? 16.799  6.667   -5.191  1.00 47.29  ? 4123 HOH A O   1 
HETATM 1193 O O   . HOH C 3 .   ? 8.694   -9.860  7.948   1.00 49.41  ? 4124 HOH A O   1 
HETATM 1194 O O   . HOH C 3 .   ? -11.379 -3.429  -11.160 1.00 43.40  ? 4125 HOH A O   1 
HETATM 1195 O O   . HOH C 3 .   ? 7.425   -13.820 0.737   1.00 55.47  ? 4126 HOH A O   1 
HETATM 1196 O O   . HOH C 3 .   ? -8.251  7.460   -0.265  1.00 26.22  ? 4127 HOH A O   1 
HETATM 1197 O O   . HOH C 3 .   ? -5.081  -8.860  -14.291 1.00 52.08  ? 4128 HOH A O   1 
HETATM 1198 O O   . HOH C 3 .   ? 10.042  15.216  2.217   1.00 59.24  ? 4129 HOH A O   1 
HETATM 1199 O O   . HOH C 3 .   ? -9.879  4.107   -12.692 1.00 44.59  ? 4130 HOH A O   1 
HETATM 1200 O O   . HOH C 3 .   ? -10.502 -2.462  -17.066 1.00 50.75  ? 4131 HOH A O   1 
HETATM 1201 O O   . HOH C 3 .   ? -8.868  -11.179 1.834   1.00 61.78  ? 4132 HOH A O   1 
HETATM 1202 O O   . HOH C 3 .   ? 0.934   17.208  7.898   1.00 50.76  ? 4133 HOH A O   1 
HETATM 1203 O O   . HOH C 3 .   ? 14.238  13.485  -8.045  1.00 52.99  ? 4134 HOH A O   1 
HETATM 1204 O O   . HOH C 3 .   ? 7.354   -11.810 9.798   1.00 47.17  ? 4135 HOH A O   1 
HETATM 1205 O O   . HOH C 3 .   ? -3.433  -15.286 0.325   1.00 50.23  ? 4136 HOH A O   1 
HETATM 1206 O O   . HOH C 3 .   ? -8.783  2.918   17.906  1.00 43.64  ? 4137 HOH A O   1 
HETATM 1207 O O   . HOH C 3 .   ? 11.086  -7.304  -5.055  1.00 32.15  ? 4138 HOH A O   1 
HETATM 1208 O O   . HOH C 3 .   ? 2.873   6.231   12.046  1.00 20.97  ? 4139 HOH A O   1 
HETATM 1209 O O   . HOH C 3 .   ? 16.264  6.075   -2.335  1.00 38.42  ? 4140 HOH A O   1 
HETATM 1210 O O   . HOH C 3 .   ? 0.030   -7.401  14.522  1.00 59.99  ? 4141 HOH A O   1 
HETATM 1211 O O   . HOH C 3 .   ? -4.878  14.095  12.184  1.00 57.98  ? 4142 HOH A O   1 
HETATM 1212 O O   . HOH C 3 .   ? 1.989   5.556   -16.296 1.00 42.71  ? 4143 HOH A O   1 
HETATM 1213 O O   . HOH C 3 .   ? -9.262  0.662   -1.086  1.00 53.22  ? 4144 HOH A O   1 
HETATM 1214 O O   . HOH C 3 .   ? -0.443  -12.375 -9.500  1.00 49.67  ? 4145 HOH A O   1 
HETATM 1215 O O   . HOH C 3 .   ? 3.132   -0.736  -19.556 1.00 46.11  ? 4146 HOH A O   1 
HETATM 1216 O O   . HOH C 3 .   ? 4.077   12.999  -10.391 1.00 57.12  ? 4147 HOH A O   1 
HETATM 1217 O O   . HOH C 3 .   ? 10.033  -3.196  -23.207 1.00 54.66  ? 4148 HOH A O   1 
HETATM 1218 O O   . HOH C 3 .   ? 7.898   10.854  -11.163 1.00 49.49  ? 4149 HOH A O   1 
HETATM 1219 O O   . HOH C 3 .   ? -0.468  8.641   -13.013 1.00 30.71  ? 4150 HOH A O   1 
HETATM 1220 O O   . HOH C 3 .   ? -2.821  15.230  10.979  1.00 50.44  ? 4151 HOH A O   1 
HETATM 1221 O O   . HOH C 3 .   ? -10.717 7.582   7.102   1.00 51.63  ? 4152 HOH A O   1 
HETATM 1222 O O   . HOH C 3 .   ? -0.106  7.569   -15.818 1.00 45.66  ? 4153 HOH A O   1 
# 
loop_
_pdbx_poly_seq_scheme.asym_id 
_pdbx_poly_seq_scheme.entity_id 
_pdbx_poly_seq_scheme.seq_id 
_pdbx_poly_seq_scheme.mon_id 
_pdbx_poly_seq_scheme.ndb_seq_num 
_pdbx_poly_seq_scheme.pdb_seq_num 
_pdbx_poly_seq_scheme.auth_seq_num 
_pdbx_poly_seq_scheme.pdb_mon_id 
_pdbx_poly_seq_scheme.auth_mon_id 
_pdbx_poly_seq_scheme.pdb_strand_id 
_pdbx_poly_seq_scheme.pdb_ins_code 
_pdbx_poly_seq_scheme.hetero 
A 1 1   SER 1   18  ?   ?   ?   A . n 
A 1 2   MET 2   19  ?   ?   ?   A . n 
A 1 3   CYS 3   20  ?   ?   ?   A . n 
A 1 4   LYS 4   21  21  LYS LYS A . n 
A 1 5   PRO 5   22  22  PRO PRO A . n 
A 1 6   ILE 6   23  23  ILE ILE A . n 
A 1 7   THR 7   24  24  THR THR A . n 
A 1 8   GLY 8   25  25  GLY GLY A . n 
A 1 9   THR 9   26  26  THR THR A . n 
A 1 10  ILE 10  27  27  ILE ILE A . n 
A 1 11  ASN 11  28  28  ASN ASN A . n 
A 1 12  ASP 12  29  29  ASP ASP A . n 
A 1 13  LEU 13  30  30  LEU LEU A . n 
A 1 14  ASN 14  31  31  ASN ASN A . n 
A 1 15  GLN 15  32  32  GLN GLN A . n 
A 1 16  GLN 16  33  33  GLN GLN A . n 
A 1 17  VAL 17  34  34  VAL VAL A . n 
A 1 18  TRP 18  35  35  TRP TRP A . n 
A 1 19  THR 19  36  36  THR THR A . n 
A 1 20  LEU 20  37  37  LEU LEU A . n 
A 1 21  GLN 21  38  38  GLN GLN A . n 
A 1 22  GLY 22  39  39  GLY GLY A . n 
A 1 23  GLN 23  40  40  GLN GLN A . n 
A 1 24  ASN 24  41  41  ASN ASN A . n 
A 1 25  LEU 25  42  42  LEU LEU A . n 
A 1 26  VAL 26  43  43  VAL VAL A . n 
A 1 27  ALA 27  44  44  ALA ALA A . n 
A 1 28  VAL 28  45  45  VAL VAL A . n 
A 1 29  PRO 29  46  46  PRO PRO A . n 
A 1 30  ARG 30  47  47  ARG ARG A . n 
A 1 31  SER 31  48  48  SER SER A . n 
A 1 32  ASP 32  49  49  ASP ASP A . n 
A 1 33  SER 33  50  50  SER SER A . n 
A 1 34  VAL 34  51  51  VAL VAL A . n 
A 1 35  THR 35  52  52  THR THR A . n 
A 1 36  PRO 36  53  53  PRO PRO A . n 
A 1 37  VAL 37  54  54  VAL VAL A . n 
A 1 38  THR 38  55  55  THR THR A . n 
A 1 39  VAL 39  56  56  VAL VAL A . n 
A 1 40  ALA 40  57  57  ALA ALA A . n 
A 1 41  VAL 41  58  58  VAL VAL A . n 
A 1 42  ILE 42  59  59  ILE ILE A . n 
A 1 43  THR 43  60  60  THR THR A . n 
A 1 44  CYS 44  61  61  CYS CYS A . n 
A 1 45  LYS 45  62  62  LYS LYS A . n 
A 1 46  TYR 46  63  63  TYR TYR A . n 
A 1 47  PRO 47  64  64  PRO PRO A . n 
A 1 48  GLU 48  65  65  GLU GLU A . n 
A 1 49  ALA 49  66  66  ALA ALA A . n 
A 1 50  LEU 50  67  67  LEU LEU A . n 
A 1 51  GLU 51  68  68  GLU GLU A . n 
A 1 52  GLN 52  69  69  GLN GLN A . n 
A 1 53  GLY 53  70  70  GLY GLY A . n 
A 1 54  ARG 54  71  71  ARG ARG A . n 
A 1 55  GLY 55  72  72  GLY GLY A . n 
A 1 56  ASP 56  73  73  ASP ASP A . n 
A 1 57  PRO 57  74  74  PRO PRO A . n 
A 1 58  ILE 58  75  75  ILE ILE A . n 
A 1 59  TYR 59  76  76  TYR TYR A . n 
A 1 60  LEU 60  77  77  LEU LEU A . n 
A 1 61  GLY 61  78  78  GLY GLY A . n 
A 1 62  ILE 62  79  79  ILE ILE A . n 
A 1 63  GLN 63  80  80  GLN GLN A . n 
A 1 64  ASN 64  81  81  ASN ASN A . n 
A 1 65  PRO 65  82  82  PRO PRO A . n 
A 1 66  GLU 66  83  83  GLU GLU A . n 
A 1 67  MET 67  84  84  MET MET A . n 
A 1 68  CYS 68  85  85  CYS CYS A . n 
A 1 69  LEU 69  86  86  LEU LEU A . n 
A 1 70  TYR 70  87  87  TYR TYR A . n 
A 1 71  CYS 71  88  88  CYS CYS A . n 
A 1 72  GLU 72  89  89  GLU GLU A . n 
A 1 73  LYS 73  90  90  LYS LYS A . n 
A 1 74  VAL 74  91  91  VAL VAL A . n 
A 1 75  GLY 75  92  92  GLY GLY A . n 
A 1 76  GLU 76  93  93  GLU GLU A . n 
A 1 77  GLN 77  94  94  GLN GLN A . n 
A 1 78  PRO 78  95  95  PRO PRO A . n 
A 1 79  THR 79  96  96  THR THR A . n 
A 1 80  LEU 80  97  97  LEU LEU A . n 
A 1 81  GLN 81  98  98  GLN GLN A . n 
A 1 82  LEU 82  99  99  LEU LEU A . n 
A 1 83  LYS 83  100 100 LYS LYS A . n 
A 1 84  GLU 84  101 101 GLU GLU A . n 
A 1 85  GLN 85  102 102 GLN GLN A . n 
A 1 86  LYS 86  103 103 LYS LYS A . n 
A 1 87  ILE 87  104 104 ILE ILE A . n 
A 1 88  MET 88  105 105 MET MET A . n 
A 1 89  ASP 89  106 106 ASP ASP A . n 
A 1 90  LEU 90  107 107 LEU LEU A . n 
A 1 91  TYR 91  108 108 TYR TYR A . n 
A 1 92  GLY 92  109 109 GLY GLY A . n 
A 1 93  GLN 93  110 110 GLN GLN A . n 
A 1 94  PRO 94  111 111 PRO PRO A . n 
A 1 95  GLU 95  112 112 GLU GLU A . n 
A 1 96  PRO 96  113 113 PRO PRO A . n 
A 1 97  VAL 97  114 114 VAL VAL A . n 
A 1 98  LYS 98  115 115 LYS LYS A . n 
A 1 99  PRO 99  116 116 PRO PRO A . n 
A 1 100 PHE 100 117 117 PHE PHE A . n 
A 1 101 LEU 101 118 118 LEU LEU A . n 
A 1 102 PHE 102 119 119 PHE PHE A . n 
A 1 103 TYR 103 120 120 TYR TYR A . n 
A 1 104 ARG 104 121 121 ARG ARG A . n 
A 1 105 ALA 105 122 122 ALA ALA A . n 
A 1 106 LYS 106 123 123 LYS LYS A . n 
A 1 107 THR 107 124 124 THR THR A . n 
A 1 108 GLY 108 125 125 GLY GLY A . n 
A 1 109 ARG 109 126 126 ARG ARG A . n 
A 1 110 THR 110 127 127 THR THR A . n 
A 1 111 SER 111 128 128 SER SER A . n 
A 1 112 THR 112 129 129 THR THR A . n 
A 1 113 LEU 113 130 130 LEU LEU A . n 
A 1 114 GLU 114 131 131 GLU GLU A . n 
A 1 115 SER 115 132 132 SER SER A . n 
A 1 116 VAL 116 133 133 VAL VAL A . n 
A 1 117 ALA 117 134 134 ALA ALA A . n 
A 1 118 PHE 118 135 135 PHE PHE A . n 
A 1 119 PRO 119 136 136 PRO PRO A . n 
A 1 120 ASP 120 137 137 ASP ASP A . n 
A 1 121 TRP 121 138 138 TRP TRP A . n 
A 1 122 PHE 122 139 139 PHE PHE A . n 
A 1 123 ILE 123 140 140 ILE ILE A . n 
A 1 124 ALA 124 141 141 ALA ALA A . n 
A 1 125 SER 125 142 142 SER SER A . n 
A 1 126 SER 126 143 143 SER SER A . n 
A 1 127 LYS 127 144 144 LYS LYS A . n 
A 1 128 ARG 128 145 145 ARG ARG A . n 
A 1 129 ASP 129 146 146 ASP ASP A . n 
A 1 130 GLN 130 147 147 GLN GLN A . n 
A 1 131 PRO 131 148 148 PRO PRO A . n 
A 1 132 ILE 132 149 149 ILE ILE A . n 
A 1 133 ILE 133 150 150 ILE ILE A . n 
A 1 134 LEU 134 151 151 LEU LEU A . n 
A 1 135 THR 135 152 152 THR THR A . n 
A 1 136 SER 136 153 153 SER SER A . n 
A 1 137 GLU 137 154 154 GLU GLU A . n 
A 1 138 LEU 138 155 155 LEU LEU A . n 
A 1 139 GLY 139 156 156 GLY GLY A . n 
A 1 140 LYS 140 157 157 LYS LYS A . n 
A 1 141 SER 141 158 158 SER SER A . n 
A 1 142 TYR 142 159 159 TYR TYR A . n 
A 1 143 ASN 143 160 160 ASN ASN A . n 
A 1 144 THR 144 161 161 THR THR A . n 
A 1 145 ALA 145 162 162 ALA ALA A . n 
A 1 146 PHE 146 163 163 PHE PHE A . n 
A 1 147 GLU 147 164 164 GLU GLU A . n 
A 1 148 LEU 148 165 165 LEU LEU A . n 
A 1 149 ASN 149 166 166 ASN ASN A . n 
A 1 150 ILE 150 167 167 ILE ILE A . n 
A 1 151 ASN 151 168 168 ASN ASN A . n 
A 1 152 ASP 152 169 ?   ?   ?   A . n 
# 
loop_
_pdbx_nonpoly_scheme.asym_id 
_pdbx_nonpoly_scheme.entity_id 
_pdbx_nonpoly_scheme.mon_id 
_pdbx_nonpoly_scheme.ndb_seq_num 
_pdbx_nonpoly_scheme.pdb_seq_num 
_pdbx_nonpoly_scheme.auth_seq_num 
_pdbx_nonpoly_scheme.pdb_mon_id 
_pdbx_nonpoly_scheme.auth_mon_id 
_pdbx_nonpoly_scheme.pdb_strand_id 
_pdbx_nonpoly_scheme.pdb_ins_code 
B 2 O6D 1  4000 4000 O6D XXX A . 
C 3 HOH 1  4101 30   HOH HOH A . 
C 3 HOH 2  4102 2    HOH HOH A . 
C 3 HOH 3  4103 38   HOH HOH A . 
C 3 HOH 4  4104 14   HOH HOH A . 
C 3 HOH 5  4105 23   HOH HOH A . 
C 3 HOH 6  4106 41   HOH HOH A . 
C 3 HOH 7  4107 18   HOH HOH A . 
C 3 HOH 8  4108 40   HOH HOH A . 
C 3 HOH 9  4109 7    HOH HOH A . 
C 3 HOH 10 4110 21   HOH HOH A . 
C 3 HOH 11 4111 8    HOH HOH A . 
C 3 HOH 12 4112 15   HOH HOH A . 
C 3 HOH 13 4113 50   HOH HOH A . 
C 3 HOH 14 4114 33   HOH HOH A . 
C 3 HOH 15 4115 51   HOH HOH A . 
C 3 HOH 16 4116 32   HOH HOH A . 
C 3 HOH 17 4117 16   HOH HOH A . 
C 3 HOH 18 4118 10   HOH HOH A . 
C 3 HOH 19 4119 5    HOH HOH A . 
C 3 HOH 20 4120 4    HOH HOH A . 
C 3 HOH 21 4121 55   HOH HOH A . 
C 3 HOH 22 4122 17   HOH HOH A . 
C 3 HOH 23 4123 29   HOH HOH A . 
C 3 HOH 24 4124 25   HOH HOH A . 
C 3 HOH 25 4125 31   HOH HOH A . 
C 3 HOH 26 4126 42   HOH HOH A . 
C 3 HOH 27 4127 3    HOH HOH A . 
C 3 HOH 28 4128 34   HOH HOH A . 
C 3 HOH 29 4129 46   HOH HOH A . 
C 3 HOH 30 4130 13   HOH HOH A . 
C 3 HOH 31 4131 53   HOH HOH A . 
C 3 HOH 32 4132 56   HOH HOH A . 
C 3 HOH 33 4133 49   HOH HOH A . 
C 3 HOH 34 4134 47   HOH HOH A . 
C 3 HOH 35 4135 22   HOH HOH A . 
C 3 HOH 36 4136 28   HOH HOH A . 
C 3 HOH 37 4137 43   HOH HOH A . 
C 3 HOH 38 4138 6    HOH HOH A . 
C 3 HOH 39 4139 1    HOH HOH A . 
C 3 HOH 40 4140 12   HOH HOH A . 
C 3 HOH 41 4141 36   HOH HOH A . 
C 3 HOH 42 4142 39   HOH HOH A . 
C 3 HOH 43 4143 11   HOH HOH A . 
C 3 HOH 44 4144 37   HOH HOH A . 
C 3 HOH 45 4145 48   HOH HOH A . 
C 3 HOH 46 4146 24   HOH HOH A . 
C 3 HOH 47 4147 19   HOH HOH A . 
C 3 HOH 48 4148 45   HOH HOH A . 
C 3 HOH 49 4149 35   HOH HOH A . 
C 3 HOH 50 4150 9    HOH HOH A . 
C 3 HOH 51 4151 27   HOH HOH A . 
C 3 HOH 52 4152 52   HOH HOH A . 
C 3 HOH 53 4153 57   HOH HOH A . 
# 
_pdbx_struct_assembly.id                   1 
_pdbx_struct_assembly.details              author_and_software_defined_assembly 
_pdbx_struct_assembly.method_details       PISA 
_pdbx_struct_assembly.oligomeric_details   monomeric 
_pdbx_struct_assembly.oligomeric_count     1 
# 
_pdbx_struct_assembly_gen.assembly_id       1 
_pdbx_struct_assembly_gen.oper_expression   1 
_pdbx_struct_assembly_gen.asym_id_list      A,B,C 
# 
_pdbx_struct_oper_list.id                   1 
_pdbx_struct_oper_list.type                 'identity operation' 
_pdbx_struct_oper_list.name                 1_555 
_pdbx_struct_oper_list.symmetry_operation   x,y,z 
_pdbx_struct_oper_list.matrix[1][1]         1.0000000000 
_pdbx_struct_oper_list.matrix[1][2]         0.0000000000 
_pdbx_struct_oper_list.matrix[1][3]         0.0000000000 
_pdbx_struct_oper_list.vector[1]            0.0000000000 
_pdbx_struct_oper_list.matrix[2][1]         0.0000000000 
_pdbx_struct_oper_list.matrix[2][2]         1.0000000000 
_pdbx_struct_oper_list.matrix[2][3]         0.0000000000 
_pdbx_struct_oper_list.vector[2]            0.0000000000 
_pdbx_struct_oper_list.matrix[3][1]         0.0000000000 
_pdbx_struct_oper_list.matrix[3][2]         0.0000000000 
_pdbx_struct_oper_list.matrix[3][3]         1.0000000000 
_pdbx_struct_oper_list.vector[3]            0.0000000000 
# 
loop_
_pdbx_audit_revision_history.ordinal 
_pdbx_audit_revision_history.data_content_type 
_pdbx_audit_revision_history.major_revision 
_pdbx_audit_revision_history.minor_revision 
_pdbx_audit_revision_history.revision_date 
1 'Structure model' 1 0 2019-06-26 
2 'Structure model' 1 1 2019-07-10 
3 'Structure model' 1 2 2023-10-11 
# 
_pdbx_audit_revision_details.ordinal             1 
_pdbx_audit_revision_details.revision_ordinal    1 
_pdbx_audit_revision_details.data_content_type   'Structure model' 
_pdbx_audit_revision_details.provider            repository 
_pdbx_audit_revision_details.type                'Initial release' 
_pdbx_audit_revision_details.description         ? 
_pdbx_audit_revision_details.details             ? 
# 
loop_
_pdbx_audit_revision_group.ordinal 
_pdbx_audit_revision_group.revision_ordinal 
_pdbx_audit_revision_group.data_content_type 
_pdbx_audit_revision_group.group 
1 2 'Structure model' 'Data collection'        
2 2 'Structure model' 'Database references'    
3 3 'Structure model' 'Data collection'        
4 3 'Structure model' 'Database references'    
5 3 'Structure model' 'Refinement description' 
# 
loop_
_pdbx_audit_revision_category.ordinal 
_pdbx_audit_revision_category.revision_ordinal 
_pdbx_audit_revision_category.data_content_type 
_pdbx_audit_revision_category.category 
1 2 'Structure model' citation                      
2 2 'Structure model' citation_author               
3 3 'Structure model' chem_comp_atom                
4 3 'Structure model' chem_comp_bond                
5 3 'Structure model' database_2                    
6 3 'Structure model' pdbx_initial_refinement_model 
7 3 'Structure model' software                      
# 
loop_
_pdbx_audit_revision_item.ordinal 
_pdbx_audit_revision_item.revision_ordinal 
_pdbx_audit_revision_item.data_content_type 
_pdbx_audit_revision_item.item 
1  2 'Structure model' '_citation.country'                   
2  2 'Structure model' '_citation.journal_abbrev'            
3  2 'Structure model' '_citation.journal_id_CSD'            
4  2 'Structure model' '_citation.journal_id_ISSN'           
5  2 'Structure model' '_citation.journal_volume'            
6  2 'Structure model' '_citation.page_first'                
7  2 'Structure model' '_citation.page_last'                 
8  2 'Structure model' '_citation.pdbx_database_id_DOI'      
9  2 'Structure model' '_citation.pdbx_database_id_PubMed'   
10 2 'Structure model' '_citation.title'                     
11 2 'Structure model' '_citation.year'                      
12 2 'Structure model' '_citation_author.identifier_ORCID'   
13 2 'Structure model' '_citation_author.name'               
14 3 'Structure model' '_database_2.pdbx_DOI'                
15 3 'Structure model' '_database_2.pdbx_database_accession' 
16 3 'Structure model' '_software.name'                      
# 
loop_
_software.citation_id 
_software.classification 
_software.compiler_name 
_software.compiler_version 
_software.contact_author 
_software.contact_author_email 
_software.date 
_software.description 
_software.dependencies 
_software.hardware 
_software.language 
_software.location 
_software.mods 
_software.name 
_software.os 
_software.os_version 
_software.type 
_software.version 
_software.pdbx_ordinal 
? refinement       ? ? ? ? ? ? ? ? ? ? ? BUSTER   ? ? ? 2.11.7 1 
? 'data reduction' ? ? ? ? ? ? ? ? ? ? ? XDS      ? ? ? .      2 
? 'data scaling'   ? ? ? ? ? ? ? ? ? ? ? autoPROC ? ? ? .      3 
? phasing          ? ? ? ? ? ? ? ? ? ? ? PHASER   ? ? ? .      4 
# 
_pdbx_entry_details.entry_id                 6P9E 
_pdbx_entry_details.has_ligand_of_interest   Y 
_pdbx_entry_details.compound_details         ? 
_pdbx_entry_details.source_details           ? 
_pdbx_entry_details.nonpolymer_details       ? 
_pdbx_entry_details.sequence_details         ? 
# 
loop_
_pdbx_validate_torsion.id 
_pdbx_validate_torsion.PDB_model_num 
_pdbx_validate_torsion.auth_comp_id 
_pdbx_validate_torsion.auth_asym_id 
_pdbx_validate_torsion.auth_seq_id 
_pdbx_validate_torsion.PDB_ins_code 
_pdbx_validate_torsion.label_alt_id 
_pdbx_validate_torsion.phi 
_pdbx_validate_torsion.psi 
1 1 ASN A 81  ? ? 48.33   81.39   
2 1 GLU A 83  ? ? -69.32  92.28   
3 1 SER A 143 ? ? -140.52 -123.90 
4 1 LYS A 157 ? ? -125.00 -109.99 
# 
loop_
_pdbx_unobs_or_zero_occ_atoms.id 
_pdbx_unobs_or_zero_occ_atoms.PDB_model_num 
_pdbx_unobs_or_zero_occ_atoms.polymer_flag 
_pdbx_unobs_or_zero_occ_atoms.occupancy_flag 
_pdbx_unobs_or_zero_occ_atoms.auth_asym_id 
_pdbx_unobs_or_zero_occ_atoms.auth_comp_id 
_pdbx_unobs_or_zero_occ_atoms.auth_seq_id 
_pdbx_unobs_or_zero_occ_atoms.PDB_ins_code 
_pdbx_unobs_or_zero_occ_atoms.auth_atom_id 
_pdbx_unobs_or_zero_occ_atoms.label_alt_id 
_pdbx_unobs_or_zero_occ_atoms.label_asym_id 
_pdbx_unobs_or_zero_occ_atoms.label_comp_id 
_pdbx_unobs_or_zero_occ_atoms.label_seq_id 
_pdbx_unobs_or_zero_occ_atoms.label_atom_id 
1  1 Y 1 A LYS 21  ? CG  ? A LYS 4   CG  
2  1 Y 1 A LYS 21  ? CD  ? A LYS 4   CD  
3  1 Y 1 A LYS 21  ? CE  ? A LYS 4   CE  
4  1 Y 1 A LYS 21  ? NZ  ? A LYS 4   NZ  
5  1 Y 1 A GLN 40  ? CG  ? A GLN 23  CG  
6  1 Y 1 A GLN 40  ? CD  ? A GLN 23  CD  
7  1 Y 1 A GLN 40  ? OE1 ? A GLN 23  OE1 
8  1 Y 1 A GLN 40  ? NE2 ? A GLN 23  NE2 
9  1 Y 1 A ARG 47  ? CG  ? A ARG 30  CG  
10 1 Y 1 A ARG 47  ? CD  ? A ARG 30  CD  
11 1 Y 1 A ARG 47  ? NE  ? A ARG 30  NE  
12 1 Y 1 A ARG 47  ? CZ  ? A ARG 30  CZ  
13 1 Y 1 A ARG 47  ? NH1 ? A ARG 30  NH1 
14 1 Y 1 A ARG 47  ? NH2 ? A ARG 30  NH2 
15 1 Y 1 A ASN 81  ? CG  ? A ASN 64  CG  
16 1 Y 1 A ASN 81  ? OD1 ? A ASN 64  OD1 
17 1 Y 1 A ASN 81  ? ND2 ? A ASN 64  ND2 
18 1 Y 1 A GLU 83  ? CG  ? A GLU 66  CG  
19 1 Y 1 A GLU 83  ? CD  ? A GLU 66  CD  
20 1 Y 1 A GLU 83  ? OE1 ? A GLU 66  OE1 
21 1 Y 1 A GLU 83  ? OE2 ? A GLU 66  OE2 
22 1 Y 1 A GLU 101 ? CG  ? A GLU 84  CG  
23 1 Y 1 A GLU 101 ? CD  ? A GLU 84  CD  
24 1 Y 1 A GLU 101 ? OE1 ? A GLU 84  OE1 
25 1 Y 1 A GLU 101 ? OE2 ? A GLU 84  OE2 
26 1 Y 1 A LYS 103 ? CG  ? A LYS 86  CG  
27 1 Y 1 A LYS 103 ? CD  ? A LYS 86  CD  
28 1 Y 1 A LYS 103 ? CE  ? A LYS 86  CE  
29 1 Y 1 A LYS 103 ? NZ  ? A LYS 86  NZ  
30 1 Y 1 A LYS 144 ? CG  ? A LYS 127 CG  
31 1 Y 1 A LYS 144 ? CD  ? A LYS 127 CD  
32 1 Y 1 A LYS 144 ? CE  ? A LYS 127 CE  
33 1 Y 1 A LYS 144 ? NZ  ? A LYS 127 NZ  
# 
loop_
_pdbx_unobs_or_zero_occ_residues.id 
_pdbx_unobs_or_zero_occ_residues.PDB_model_num 
_pdbx_unobs_or_zero_occ_residues.polymer_flag 
_pdbx_unobs_or_zero_occ_residues.occupancy_flag 
_pdbx_unobs_or_zero_occ_residues.auth_asym_id 
_pdbx_unobs_or_zero_occ_residues.auth_comp_id 
_pdbx_unobs_or_zero_occ_residues.auth_seq_id 
_pdbx_unobs_or_zero_occ_residues.PDB_ins_code 
_pdbx_unobs_or_zero_occ_residues.label_asym_id 
_pdbx_unobs_or_zero_occ_residues.label_comp_id 
_pdbx_unobs_or_zero_occ_residues.label_seq_id 
1 1 Y 1 A SER 18  ? A SER 1   
2 1 Y 1 A MET 19  ? A MET 2   
3 1 Y 1 A CYS 20  ? A CYS 3   
4 1 Y 1 A ASP 169 ? A ASP 152 
# 
loop_
_chem_comp_atom.comp_id 
_chem_comp_atom.atom_id 
_chem_comp_atom.type_symbol 
_chem_comp_atom.pdbx_aromatic_flag 
_chem_comp_atom.pdbx_stereo_config 
_chem_comp_atom.pdbx_ordinal 
ALA N    N N N 1   
ALA CA   C N S 2   
ALA C    C N N 3   
ALA O    O N N 4   
ALA CB   C N N 5   
ALA OXT  O N N 6   
ALA H    H N N 7   
ALA H2   H N N 8   
ALA HA   H N N 9   
ALA HB1  H N N 10  
ALA HB2  H N N 11  
ALA HB3  H N N 12  
ALA HXT  H N N 13  
ARG N    N N N 14  
ARG CA   C N S 15  
ARG C    C N N 16  
ARG O    O N N 17  
ARG CB   C N N 18  
ARG CG   C N N 19  
ARG CD   C N N 20  
ARG NE   N N N 21  
ARG CZ   C N N 22  
ARG NH1  N N N 23  
ARG NH2  N N N 24  
ARG OXT  O N N 25  
ARG H    H N N 26  
ARG H2   H N N 27  
ARG HA   H N N 28  
ARG HB2  H N N 29  
ARG HB3  H N N 30  
ARG HG2  H N N 31  
ARG HG3  H N N 32  
ARG HD2  H N N 33  
ARG HD3  H N N 34  
ARG HE   H N N 35  
ARG HH11 H N N 36  
ARG HH12 H N N 37  
ARG HH21 H N N 38  
ARG HH22 H N N 39  
ARG HXT  H N N 40  
ASN N    N N N 41  
ASN CA   C N S 42  
ASN C    C N N 43  
ASN O    O N N 44  
ASN CB   C N N 45  
ASN CG   C N N 46  
ASN OD1  O N N 47  
ASN ND2  N N N 48  
ASN OXT  O N N 49  
ASN H    H N N 50  
ASN H2   H N N 51  
ASN HA   H N N 52  
ASN HB2  H N N 53  
ASN HB3  H N N 54  
ASN HD21 H N N 55  
ASN HD22 H N N 56  
ASN HXT  H N N 57  
ASP N    N N N 58  
ASP CA   C N S 59  
ASP C    C N N 60  
ASP O    O N N 61  
ASP CB   C N N 62  
ASP CG   C N N 63  
ASP OD1  O N N 64  
ASP OD2  O N N 65  
ASP OXT  O N N 66  
ASP H    H N N 67  
ASP H2   H N N 68  
ASP HA   H N N 69  
ASP HB2  H N N 70  
ASP HB3  H N N 71  
ASP HD2  H N N 72  
ASP HXT  H N N 73  
CYS N    N N N 74  
CYS CA   C N R 75  
CYS C    C N N 76  
CYS O    O N N 77  
CYS CB   C N N 78  
CYS SG   S N N 79  
CYS OXT  O N N 80  
CYS H    H N N 81  
CYS H2   H N N 82  
CYS HA   H N N 83  
CYS HB2  H N N 84  
CYS HB3  H N N 85  
CYS HG   H N N 86  
CYS HXT  H N N 87  
GLN N    N N N 88  
GLN CA   C N S 89  
GLN C    C N N 90  
GLN O    O N N 91  
GLN CB   C N N 92  
GLN CG   C N N 93  
GLN CD   C N N 94  
GLN OE1  O N N 95  
GLN NE2  N N N 96  
GLN OXT  O N N 97  
GLN H    H N N 98  
GLN H2   H N N 99  
GLN HA   H N N 100 
GLN HB2  H N N 101 
GLN HB3  H N N 102 
GLN HG2  H N N 103 
GLN HG3  H N N 104 
GLN HE21 H N N 105 
GLN HE22 H N N 106 
GLN HXT  H N N 107 
GLU N    N N N 108 
GLU CA   C N S 109 
GLU C    C N N 110 
GLU O    O N N 111 
GLU CB   C N N 112 
GLU CG   C N N 113 
GLU CD   C N N 114 
GLU OE1  O N N 115 
GLU OE2  O N N 116 
GLU OXT  O N N 117 
GLU H    H N N 118 
GLU H2   H N N 119 
GLU HA   H N N 120 
GLU HB2  H N N 121 
GLU HB3  H N N 122 
GLU HG2  H N N 123 
GLU HG3  H N N 124 
GLU HE2  H N N 125 
GLU HXT  H N N 126 
GLY N    N N N 127 
GLY CA   C N N 128 
GLY C    C N N 129 
GLY O    O N N 130 
GLY OXT  O N N 131 
GLY H    H N N 132 
GLY H2   H N N 133 
GLY HA2  H N N 134 
GLY HA3  H N N 135 
GLY HXT  H N N 136 
HOH O    O N N 137 
HOH H1   H N N 138 
HOH H2   H N N 139 
ILE N    N N N 140 
ILE CA   C N S 141 
ILE C    C N N 142 
ILE O    O N N 143 
ILE CB   C N S 144 
ILE CG1  C N N 145 
ILE CG2  C N N 146 
ILE CD1  C N N 147 
ILE OXT  O N N 148 
ILE H    H N N 149 
ILE H2   H N N 150 
ILE HA   H N N 151 
ILE HB   H N N 152 
ILE HG12 H N N 153 
ILE HG13 H N N 154 
ILE HG21 H N N 155 
ILE HG22 H N N 156 
ILE HG23 H N N 157 
ILE HD11 H N N 158 
ILE HD12 H N N 159 
ILE HD13 H N N 160 
ILE HXT  H N N 161 
LEU N    N N N 162 
LEU CA   C N S 163 
LEU C    C N N 164 
LEU O    O N N 165 
LEU CB   C N N 166 
LEU CG   C N N 167 
LEU CD1  C N N 168 
LEU CD2  C N N 169 
LEU OXT  O N N 170 
LEU H    H N N 171 
LEU H2   H N N 172 
LEU HA   H N N 173 
LEU HB2  H N N 174 
LEU HB3  H N N 175 
LEU HG   H N N 176 
LEU HD11 H N N 177 
LEU HD12 H N N 178 
LEU HD13 H N N 179 
LEU HD21 H N N 180 
LEU HD22 H N N 181 
LEU HD23 H N N 182 
LEU HXT  H N N 183 
LYS N    N N N 184 
LYS CA   C N S 185 
LYS C    C N N 186 
LYS O    O N N 187 
LYS CB   C N N 188 
LYS CG   C N N 189 
LYS CD   C N N 190 
LYS CE   C N N 191 
LYS NZ   N N N 192 
LYS OXT  O N N 193 
LYS H    H N N 194 
LYS H2   H N N 195 
LYS HA   H N N 196 
LYS HB2  H N N 197 
LYS HB3  H N N 198 
LYS HG2  H N N 199 
LYS HG3  H N N 200 
LYS HD2  H N N 201 
LYS HD3  H N N 202 
LYS HE2  H N N 203 
LYS HE3  H N N 204 
LYS HZ1  H N N 205 
LYS HZ2  H N N 206 
LYS HZ3  H N N 207 
LYS HXT  H N N 208 
MET N    N N N 209 
MET CA   C N S 210 
MET C    C N N 211 
MET O    O N N 212 
MET CB   C N N 213 
MET CG   C N N 214 
MET SD   S N N 215 
MET CE   C N N 216 
MET OXT  O N N 217 
MET H    H N N 218 
MET H2   H N N 219 
MET HA   H N N 220 
MET HB2  H N N 221 
MET HB3  H N N 222 
MET HG2  H N N 223 
MET HG3  H N N 224 
MET HE1  H N N 225 
MET HE2  H N N 226 
MET HE3  H N N 227 
MET HXT  H N N 228 
O6D C4   C Y N 229 
O6D C5   C Y N 230 
O6D C6   C Y N 231 
O6D C7   C Y N 232 
O6D C8   C Y N 233 
O6D C9   C Y N 234 
O6D C11  C Y N 235 
O6D C14  C N S 236 
O6D C15  C N N 237 
O6D C24  C Y N 238 
O6D C29  C Y N 239 
O6D C23  C Y N 240 
O6D C25  C Y N 241 
O6D C28  C Y N 242 
O6D C30  C Y N 243 
O6D C1   C Y N 244 
O6D C22  C Y N 245 
O6D C26  C Y N 246 
O6D C27  C Y N 247 
O6D C31  C Y N 248 
O6D C2   C Y N 249 
O6D C21  C Y N 250 
O6D C20  C Y N 251 
O6D C3   C Y N 252 
O6D C16  C N N 253 
O6D C34  C N N 254 
O6D C33  C N N 255 
O6D C32  C N N 256 
O6D N12  N Y N 257 
O6D N10  N Y N 258 
O6D N35  N N N 259 
O6D O17  O N N 260 
O6D O18  O N N 261 
O6D O13  O N N 262 
O6D O19  O N N 263 
O6D H1   H N N 264 
O6D H2   H N N 265 
O6D H3   H N N 266 
O6D H4   H N N 267 
O6D H5   H N N 268 
O6D H6   H N N 269 
O6D H7   H N N 270 
O6D H8   H N N 271 
O6D H9   H N N 272 
O6D H10  H N N 273 
O6D H11  H N N 274 
O6D H12  H N N 275 
O6D H13  H N N 276 
O6D H14  H N N 277 
O6D H15  H N N 278 
O6D H16  H N N 279 
O6D H17  H N N 280 
O6D H18  H N N 281 
O6D H19  H N N 282 
O6D H20  H N N 283 
O6D H21  H N N 284 
O6D H22  H N N 285 
O6D H23  H N N 286 
O6D H24  H N N 287 
O6D H25  H N N 288 
O6D H26  H N N 289 
O6D H27  H N N 290 
PHE N    N N N 291 
PHE CA   C N S 292 
PHE C    C N N 293 
PHE O    O N N 294 
PHE CB   C N N 295 
PHE CG   C Y N 296 
PHE CD1  C Y N 297 
PHE CD2  C Y N 298 
PHE CE1  C Y N 299 
PHE CE2  C Y N 300 
PHE CZ   C Y N 301 
PHE OXT  O N N 302 
PHE H    H N N 303 
PHE H2   H N N 304 
PHE HA   H N N 305 
PHE HB2  H N N 306 
PHE HB3  H N N 307 
PHE HD1  H N N 308 
PHE HD2  H N N 309 
PHE HE1  H N N 310 
PHE HE2  H N N 311 
PHE HZ   H N N 312 
PHE HXT  H N N 313 
PRO N    N N N 314 
PRO CA   C N S 315 
PRO C    C N N 316 
PRO O    O N N 317 
PRO CB   C N N 318 
PRO CG   C N N 319 
PRO CD   C N N 320 
PRO OXT  O N N 321 
PRO H    H N N 322 
PRO HA   H N N 323 
PRO HB2  H N N 324 
PRO HB3  H N N 325 
PRO HG2  H N N 326 
PRO HG3  H N N 327 
PRO HD2  H N N 328 
PRO HD3  H N N 329 
PRO HXT  H N N 330 
SER N    N N N 331 
SER CA   C N S 332 
SER C    C N N 333 
SER O    O N N 334 
SER CB   C N N 335 
SER OG   O N N 336 
SER OXT  O N N 337 
SER H    H N N 338 
SER H2   H N N 339 
SER HA   H N N 340 
SER HB2  H N N 341 
SER HB3  H N N 342 
SER HG   H N N 343 
SER HXT  H N N 344 
THR N    N N N 345 
THR CA   C N S 346 
THR C    C N N 347 
THR O    O N N 348 
THR CB   C N R 349 
THR OG1  O N N 350 
THR CG2  C N N 351 
THR OXT  O N N 352 
THR H    H N N 353 
THR H2   H N N 354 
THR HA   H N N 355 
THR HB   H N N 356 
THR HG1  H N N 357 
THR HG21 H N N 358 
THR HG22 H N N 359 
THR HG23 H N N 360 
THR HXT  H N N 361 
TRP N    N N N 362 
TRP CA   C N S 363 
TRP C    C N N 364 
TRP O    O N N 365 
TRP CB   C N N 366 
TRP CG   C Y N 367 
TRP CD1  C Y N 368 
TRP CD2  C Y N 369 
TRP NE1  N Y N 370 
TRP CE2  C Y N 371 
TRP CE3  C Y N 372 
TRP CZ2  C Y N 373 
TRP CZ3  C Y N 374 
TRP CH2  C Y N 375 
TRP OXT  O N N 376 
TRP H    H N N 377 
TRP H2   H N N 378 
TRP HA   H N N 379 
TRP HB2  H N N 380 
TRP HB3  H N N 381 
TRP HD1  H N N 382 
TRP HE1  H N N 383 
TRP HE3  H N N 384 
TRP HZ2  H N N 385 
TRP HZ3  H N N 386 
TRP HH2  H N N 387 
TRP HXT  H N N 388 
TYR N    N N N 389 
TYR CA   C N S 390 
TYR C    C N N 391 
TYR O    O N N 392 
TYR CB   C N N 393 
TYR CG   C Y N 394 
TYR CD1  C Y N 395 
TYR CD2  C Y N 396 
TYR CE1  C Y N 397 
TYR CE2  C Y N 398 
TYR CZ   C Y N 399 
TYR OH   O N N 400 
TYR OXT  O N N 401 
TYR H    H N N 402 
TYR H2   H N N 403 
TYR HA   H N N 404 
TYR HB2  H N N 405 
TYR HB3  H N N 406 
TYR HD1  H N N 407 
TYR HD2  H N N 408 
TYR HE1  H N N 409 
TYR HE2  H N N 410 
TYR HH   H N N 411 
TYR HXT  H N N 412 
VAL N    N N N 413 
VAL CA   C N S 414 
VAL C    C N N 415 
VAL O    O N N 416 
VAL CB   C N N 417 
VAL CG1  C N N 418 
VAL CG2  C N N 419 
VAL OXT  O N N 420 
VAL H    H N N 421 
VAL H2   H N N 422 
VAL HA   H N N 423 
VAL HB   H N N 424 
VAL HG11 H N N 425 
VAL HG12 H N N 426 
VAL HG13 H N N 427 
VAL HG21 H N N 428 
VAL HG22 H N N 429 
VAL HG23 H N N 430 
VAL HXT  H N N 431 
# 
loop_
_chem_comp_bond.comp_id 
_chem_comp_bond.atom_id_1 
_chem_comp_bond.atom_id_2 
_chem_comp_bond.value_order 
_chem_comp_bond.pdbx_aromatic_flag 
_chem_comp_bond.pdbx_stereo_config 
_chem_comp_bond.pdbx_ordinal 
ALA N   CA   sing N N 1   
ALA N   H    sing N N 2   
ALA N   H2   sing N N 3   
ALA CA  C    sing N N 4   
ALA CA  CB   sing N N 5   
ALA CA  HA   sing N N 6   
ALA C   O    doub N N 7   
ALA C   OXT  sing N N 8   
ALA CB  HB1  sing N N 9   
ALA CB  HB2  sing N N 10  
ALA CB  HB3  sing N N 11  
ALA OXT HXT  sing N N 12  
ARG N   CA   sing N N 13  
ARG N   H    sing N N 14  
ARG N   H2   sing N N 15  
ARG CA  C    sing N N 16  
ARG CA  CB   sing N N 17  
ARG CA  HA   sing N N 18  
ARG C   O    doub N N 19  
ARG C   OXT  sing N N 20  
ARG CB  CG   sing N N 21  
ARG CB  HB2  sing N N 22  
ARG CB  HB3  sing N N 23  
ARG CG  CD   sing N N 24  
ARG CG  HG2  sing N N 25  
ARG CG  HG3  sing N N 26  
ARG CD  NE   sing N N 27  
ARG CD  HD2  sing N N 28  
ARG CD  HD3  sing N N 29  
ARG NE  CZ   sing N N 30  
ARG NE  HE   sing N N 31  
ARG CZ  NH1  sing N N 32  
ARG CZ  NH2  doub N N 33  
ARG NH1 HH11 sing N N 34  
ARG NH1 HH12 sing N N 35  
ARG NH2 HH21 sing N N 36  
ARG NH2 HH22 sing N N 37  
ARG OXT HXT  sing N N 38  
ASN N   CA   sing N N 39  
ASN N   H    sing N N 40  
ASN N   H2   sing N N 41  
ASN CA  C    sing N N 42  
ASN CA  CB   sing N N 43  
ASN CA  HA   sing N N 44  
ASN C   O    doub N N 45  
ASN C   OXT  sing N N 46  
ASN CB  CG   sing N N 47  
ASN CB  HB2  sing N N 48  
ASN CB  HB3  sing N N 49  
ASN CG  OD1  doub N N 50  
ASN CG  ND2  sing N N 51  
ASN ND2 HD21 sing N N 52  
ASN ND2 HD22 sing N N 53  
ASN OXT HXT  sing N N 54  
ASP N   CA   sing N N 55  
ASP N   H    sing N N 56  
ASP N   H2   sing N N 57  
ASP CA  C    sing N N 58  
ASP CA  CB   sing N N 59  
ASP CA  HA   sing N N 60  
ASP C   O    doub N N 61  
ASP C   OXT  sing N N 62  
ASP CB  CG   sing N N 63  
ASP CB  HB2  sing N N 64  
ASP CB  HB3  sing N N 65  
ASP CG  OD1  doub N N 66  
ASP CG  OD2  sing N N 67  
ASP OD2 HD2  sing N N 68  
ASP OXT HXT  sing N N 69  
CYS N   CA   sing N N 70  
CYS N   H    sing N N 71  
CYS N   H2   sing N N 72  
CYS CA  C    sing N N 73  
CYS CA  CB   sing N N 74  
CYS CA  HA   sing N N 75  
CYS C   O    doub N N 76  
CYS C   OXT  sing N N 77  
CYS CB  SG   sing N N 78  
CYS CB  HB2  sing N N 79  
CYS CB  HB3  sing N N 80  
CYS SG  HG   sing N N 81  
CYS OXT HXT  sing N N 82  
GLN N   CA   sing N N 83  
GLN N   H    sing N N 84  
GLN N   H2   sing N N 85  
GLN CA  C    sing N N 86  
GLN CA  CB   sing N N 87  
GLN CA  HA   sing N N 88  
GLN C   O    doub N N 89  
GLN C   OXT  sing N N 90  
GLN CB  CG   sing N N 91  
GLN CB  HB2  sing N N 92  
GLN CB  HB3  sing N N 93  
GLN CG  CD   sing N N 94  
GLN CG  HG2  sing N N 95  
GLN CG  HG3  sing N N 96  
GLN CD  OE1  doub N N 97  
GLN CD  NE2  sing N N 98  
GLN NE2 HE21 sing N N 99  
GLN NE2 HE22 sing N N 100 
GLN OXT HXT  sing N N 101 
GLU N   CA   sing N N 102 
GLU N   H    sing N N 103 
GLU N   H2   sing N N 104 
GLU CA  C    sing N N 105 
GLU CA  CB   sing N N 106 
GLU CA  HA   sing N N 107 
GLU C   O    doub N N 108 
GLU C   OXT  sing N N 109 
GLU CB  CG   sing N N 110 
GLU CB  HB2  sing N N 111 
GLU CB  HB3  sing N N 112 
GLU CG  CD   sing N N 113 
GLU CG  HG2  sing N N 114 
GLU CG  HG3  sing N N 115 
GLU CD  OE1  doub N N 116 
GLU CD  OE2  sing N N 117 
GLU OE2 HE2  sing N N 118 
GLU OXT HXT  sing N N 119 
GLY N   CA   sing N N 120 
GLY N   H    sing N N 121 
GLY N   H2   sing N N 122 
GLY CA  C    sing N N 123 
GLY CA  HA2  sing N N 124 
GLY CA  HA3  sing N N 125 
GLY C   O    doub N N 126 
GLY C   OXT  sing N N 127 
GLY OXT HXT  sing N N 128 
HOH O   H1   sing N N 129 
HOH O   H2   sing N N 130 
ILE N   CA   sing N N 131 
ILE N   H    sing N N 132 
ILE N   H2   sing N N 133 
ILE CA  C    sing N N 134 
ILE CA  CB   sing N N 135 
ILE CA  HA   sing N N 136 
ILE C   O    doub N N 137 
ILE C   OXT  sing N N 138 
ILE CB  CG1  sing N N 139 
ILE CB  CG2  sing N N 140 
ILE CB  HB   sing N N 141 
ILE CG1 CD1  sing N N 142 
ILE CG1 HG12 sing N N 143 
ILE CG1 HG13 sing N N 144 
ILE CG2 HG21 sing N N 145 
ILE CG2 HG22 sing N N 146 
ILE CG2 HG23 sing N N 147 
ILE CD1 HD11 sing N N 148 
ILE CD1 HD12 sing N N 149 
ILE CD1 HD13 sing N N 150 
ILE OXT HXT  sing N N 151 
LEU N   CA   sing N N 152 
LEU N   H    sing N N 153 
LEU N   H2   sing N N 154 
LEU CA  C    sing N N 155 
LEU CA  CB   sing N N 156 
LEU CA  HA   sing N N 157 
LEU C   O    doub N N 158 
LEU C   OXT  sing N N 159 
LEU CB  CG   sing N N 160 
LEU CB  HB2  sing N N 161 
LEU CB  HB3  sing N N 162 
LEU CG  CD1  sing N N 163 
LEU CG  CD2  sing N N 164 
LEU CG  HG   sing N N 165 
LEU CD1 HD11 sing N N 166 
LEU CD1 HD12 sing N N 167 
LEU CD1 HD13 sing N N 168 
LEU CD2 HD21 sing N N 169 
LEU CD2 HD22 sing N N 170 
LEU CD2 HD23 sing N N 171 
LEU OXT HXT  sing N N 172 
LYS N   CA   sing N N 173 
LYS N   H    sing N N 174 
LYS N   H2   sing N N 175 
LYS CA  C    sing N N 176 
LYS CA  CB   sing N N 177 
LYS CA  HA   sing N N 178 
LYS C   O    doub N N 179 
LYS C   OXT  sing N N 180 
LYS CB  CG   sing N N 181 
LYS CB  HB2  sing N N 182 
LYS CB  HB3  sing N N 183 
LYS CG  CD   sing N N 184 
LYS CG  HG2  sing N N 185 
LYS CG  HG3  sing N N 186 
LYS CD  CE   sing N N 187 
LYS CD  HD2  sing N N 188 
LYS CD  HD3  sing N N 189 
LYS CE  NZ   sing N N 190 
LYS CE  HE2  sing N N 191 
LYS CE  HE3  sing N N 192 
LYS NZ  HZ1  sing N N 193 
LYS NZ  HZ2  sing N N 194 
LYS NZ  HZ3  sing N N 195 
LYS OXT HXT  sing N N 196 
MET N   CA   sing N N 197 
MET N   H    sing N N 198 
MET N   H2   sing N N 199 
MET CA  C    sing N N 200 
MET CA  CB   sing N N 201 
MET CA  HA   sing N N 202 
MET C   O    doub N N 203 
MET C   OXT  sing N N 204 
MET CB  CG   sing N N 205 
MET CB  HB2  sing N N 206 
MET CB  HB3  sing N N 207 
MET CG  SD   sing N N 208 
MET CG  HG2  sing N N 209 
MET CG  HG3  sing N N 210 
MET SD  CE   sing N N 211 
MET CE  HE1  sing N N 212 
MET CE  HE2  sing N N 213 
MET CE  HE3  sing N N 214 
MET OXT HXT  sing N N 215 
O6D C29 C28  doub Y N 216 
O6D C29 C30  sing Y N 217 
O6D C28 C27  sing Y N 218 
O6D C30 C31  doub Y N 219 
O6D C27 C20  doub Y N 220 
O6D C31 C20  sing Y N 221 
O6D C20 C15  sing N N 222 
O6D C23 C22  doub Y N 223 
O6D C23 C24  sing Y N 224 
O6D C22 C21  sing Y N 225 
O6D C24 C25  doub Y N 226 
O6D C21 C15  sing N N 227 
O6D C21 C26  doub Y N 228 
O6D C15 O19  sing N N 229 
O6D C15 C14  sing N N 230 
O6D C25 C26  sing Y N 231 
O6D C33 C9   sing N N 232 
O6D O17 C16  doub N N 233 
O6D O13 C14  sing N N 234 
O6D O13 C11  sing N N 235 
O6D N10 C9   doub Y N 236 
O6D N10 C11  sing Y N 237 
O6D O19 C32  sing N N 238 
O6D C14 C16  sing N N 239 
O6D C9  C8   sing Y N 240 
O6D C11 N12  doub Y N 241 
O6D C16 O18  sing N N 242 
O6D N12 C7   sing Y N 243 
O6D C8  C7   doub Y N 244 
O6D C7  C6   sing N N 245 
O6D C6  C5   doub Y N 246 
O6D C6  C1   sing Y N 247 
O6D C5  C4   sing Y N 248 
O6D C1  C2   doub Y N 249 
O6D C4  N35  sing N N 250 
O6D C4  C3   doub Y N 251 
O6D C2  C3   sing Y N 252 
O6D C3  C34  sing N N 253 
O6D C5  H1   sing N N 254 
O6D C8  H2   sing N N 255 
O6D C14 H3   sing N N 256 
O6D C24 H4   sing N N 257 
O6D C29 H5   sing N N 258 
O6D C23 H6   sing N N 259 
O6D C25 H7   sing N N 260 
O6D C28 H8   sing N N 261 
O6D C30 H9   sing N N 262 
O6D C1  H10  sing N N 263 
O6D C22 H11  sing N N 264 
O6D C26 H12  sing N N 265 
O6D C27 H13  sing N N 266 
O6D C31 H14  sing N N 267 
O6D C2  H15  sing N N 268 
O6D C34 H16  sing N N 269 
O6D C34 H17  sing N N 270 
O6D C34 H18  sing N N 271 
O6D C33 H19  sing N N 272 
O6D C33 H20  sing N N 273 
O6D C33 H21  sing N N 274 
O6D C32 H22  sing N N 275 
O6D C32 H23  sing N N 276 
O6D C32 H24  sing N N 277 
O6D N35 H25  sing N N 278 
O6D N35 H26  sing N N 279 
O6D O18 H27  sing N N 280 
PHE N   CA   sing N N 281 
PHE N   H    sing N N 282 
PHE N   H2   sing N N 283 
PHE CA  C    sing N N 284 
PHE CA  CB   sing N N 285 
PHE CA  HA   sing N N 286 
PHE C   O    doub N N 287 
PHE C   OXT  sing N N 288 
PHE CB  CG   sing N N 289 
PHE CB  HB2  sing N N 290 
PHE CB  HB3  sing N N 291 
PHE CG  CD1  doub Y N 292 
PHE CG  CD2  sing Y N 293 
PHE CD1 CE1  sing Y N 294 
PHE CD1 HD1  sing N N 295 
PHE CD2 CE2  doub Y N 296 
PHE CD2 HD2  sing N N 297 
PHE CE1 CZ   doub Y N 298 
PHE CE1 HE1  sing N N 299 
PHE CE2 CZ   sing Y N 300 
PHE CE2 HE2  sing N N 301 
PHE CZ  HZ   sing N N 302 
PHE OXT HXT  sing N N 303 
PRO N   CA   sing N N 304 
PRO N   CD   sing N N 305 
PRO N   H    sing N N 306 
PRO CA  C    sing N N 307 
PRO CA  CB   sing N N 308 
PRO CA  HA   sing N N 309 
PRO C   O    doub N N 310 
PRO C   OXT  sing N N 311 
PRO CB  CG   sing N N 312 
PRO CB  HB2  sing N N 313 
PRO CB  HB3  sing N N 314 
PRO CG  CD   sing N N 315 
PRO CG  HG2  sing N N 316 
PRO CG  HG3  sing N N 317 
PRO CD  HD2  sing N N 318 
PRO CD  HD3  sing N N 319 
PRO OXT HXT  sing N N 320 
SER N   CA   sing N N 321 
SER N   H    sing N N 322 
SER N   H2   sing N N 323 
SER CA  C    sing N N 324 
SER CA  CB   sing N N 325 
SER CA  HA   sing N N 326 
SER C   O    doub N N 327 
SER C   OXT  sing N N 328 
SER CB  OG   sing N N 329 
SER CB  HB2  sing N N 330 
SER CB  HB3  sing N N 331 
SER OG  HG   sing N N 332 
SER OXT HXT  sing N N 333 
THR N   CA   sing N N 334 
THR N   H    sing N N 335 
THR N   H2   sing N N 336 
THR CA  C    sing N N 337 
THR CA  CB   sing N N 338 
THR CA  HA   sing N N 339 
THR C   O    doub N N 340 
THR C   OXT  sing N N 341 
THR CB  OG1  sing N N 342 
THR CB  CG2  sing N N 343 
THR CB  HB   sing N N 344 
THR OG1 HG1  sing N N 345 
THR CG2 HG21 sing N N 346 
THR CG2 HG22 sing N N 347 
THR CG2 HG23 sing N N 348 
THR OXT HXT  sing N N 349 
TRP N   CA   sing N N 350 
TRP N   H    sing N N 351 
TRP N   H2   sing N N 352 
TRP CA  C    sing N N 353 
TRP CA  CB   sing N N 354 
TRP CA  HA   sing N N 355 
TRP C   O    doub N N 356 
TRP C   OXT  sing N N 357 
TRP CB  CG   sing N N 358 
TRP CB  HB2  sing N N 359 
TRP CB  HB3  sing N N 360 
TRP CG  CD1  doub Y N 361 
TRP CG  CD2  sing Y N 362 
TRP CD1 NE1  sing Y N 363 
TRP CD1 HD1  sing N N 364 
TRP CD2 CE2  doub Y N 365 
TRP CD2 CE3  sing Y N 366 
TRP NE1 CE2  sing Y N 367 
TRP NE1 HE1  sing N N 368 
TRP CE2 CZ2  sing Y N 369 
TRP CE3 CZ3  doub Y N 370 
TRP CE3 HE3  sing N N 371 
TRP CZ2 CH2  doub Y N 372 
TRP CZ2 HZ2  sing N N 373 
TRP CZ3 CH2  sing Y N 374 
TRP CZ3 HZ3  sing N N 375 
TRP CH2 HH2  sing N N 376 
TRP OXT HXT  sing N N 377 
TYR N   CA   sing N N 378 
TYR N   H    sing N N 379 
TYR N   H2   sing N N 380 
TYR CA  C    sing N N 381 
TYR CA  CB   sing N N 382 
TYR CA  HA   sing N N 383 
TYR C   O    doub N N 384 
TYR C   OXT  sing N N 385 
TYR CB  CG   sing N N 386 
TYR CB  HB2  sing N N 387 
TYR CB  HB3  sing N N 388 
TYR CG  CD1  doub Y N 389 
TYR CG  CD2  sing Y N 390 
TYR CD1 CE1  sing Y N 391 
TYR CD1 HD1  sing N N 392 
TYR CD2 CE2  doub Y N 393 
TYR CD2 HD2  sing N N 394 
TYR CE1 CZ   doub Y N 395 
TYR CE1 HE1  sing N N 396 
TYR CE2 CZ   sing Y N 397 
TYR CE2 HE2  sing N N 398 
TYR CZ  OH   sing N N 399 
TYR OH  HH   sing N N 400 
TYR OXT HXT  sing N N 401 
VAL N   CA   sing N N 402 
VAL N   H    sing N N 403 
VAL N   H2   sing N N 404 
VAL CA  C    sing N N 405 
VAL CA  CB   sing N N 406 
VAL CA  HA   sing N N 407 
VAL C   O    doub N N 408 
VAL C   OXT  sing N N 409 
VAL CB  CG1  sing N N 410 
VAL CB  CG2  sing N N 411 
VAL CB  HB   sing N N 412 
VAL CG1 HG11 sing N N 413 
VAL CG1 HG12 sing N N 414 
VAL CG1 HG13 sing N N 415 
VAL CG2 HG21 sing N N 416 
VAL CG2 HG22 sing N N 417 
VAL CG2 HG23 sing N N 418 
VAL OXT HXT  sing N N 419 
# 
_pdbx_entity_instance_feature.ordinal        1 
_pdbx_entity_instance_feature.comp_id        O6D 
_pdbx_entity_instance_feature.asym_id        ? 
_pdbx_entity_instance_feature.seq_num        ? 
_pdbx_entity_instance_feature.auth_comp_id   O6D 
_pdbx_entity_instance_feature.auth_asym_id   ? 
_pdbx_entity_instance_feature.auth_seq_num   ? 
_pdbx_entity_instance_feature.feature_type   'SUBJECT OF INVESTIGATION' 
_pdbx_entity_instance_feature.details        ? 
# 
loop_
_pdbx_entity_nonpoly.entity_id 
_pdbx_entity_nonpoly.name 
_pdbx_entity_nonpoly.comp_id 
2 '(2S)-2-{[4-(3-amino-4-methylphenyl)-6-methylpyrimidin-2-yl]oxy}-3-methoxy-3,3-diphenylpropanoic acid' O6D 
3 water                                                                                                  HOH 
# 
_pdbx_initial_refinement_model.id               1 
_pdbx_initial_refinement_model.entity_id_list   ? 
_pdbx_initial_refinement_model.type             'experimental model' 
_pdbx_initial_refinement_model.source_name      PDB 
_pdbx_initial_refinement_model.accession_code   4IZE 
_pdbx_initial_refinement_model.details          ? 
# 
_pdbx_struct_assembly_auth_evidence.id                     1 
_pdbx_struct_assembly_auth_evidence.assembly_id            1 
_pdbx_struct_assembly_auth_evidence.experimental_support   'gel filtration' 
_pdbx_struct_assembly_auth_evidence.details                ? 
# 
